data_5UQE
#
_entry.id   5UQE
#
_cell.length_a   144.420
_cell.length_b   144.420
_cell.length_c   615.220
_cell.angle_alpha   90.00
_cell.angle_beta   90.00
_cell.angle_gamma   90.00
#
_symmetry.space_group_name_H-M   'P 42 21 2'
#
loop_
_entity.id
_entity.type
_entity.pdbx_description
1 polymer 'Glutaminase kidney isoform, mitochondrial'
2 non-polymer "N,N'-[sulfanediylbis(ethane-2,1-diyl-1,3,4-thiadiazole-5,2-diyl)]bis(2-phenylacetamide)"
#
_entity_poly.entity_id   1
_entity_poly.type   'polypeptide(L)'
_entity_poly.pdbx_seq_one_letter_code
;PSLEDLLFYTIAEGQEKIPVHKFITALKSTGLRTSDPRLKECMDMLRLTLQTTSDGVMLDKDLFKKCVQSNIVLLTQAFR
RKLVIPDFMSFTSHIDELYESAKKQSGGKVADYIPQLAKFSPDLWGVSVCTVDGQRHSTGDTKVPFCLQSCVKPLKYAIA
VNDLGTEYVHRYVGKEPSGLRFNKLFLNEDDKPHNPMVNAGAIVVTSLIKQGVNNAEKFDYVMQFLNKMAGNEYVGFSNA
TFQSERESGDRNFAIGYYLKEKKCFPEGTDMVGILDFYFQLCSIEVTCESASVMAATLANGGFCPITGERVLSPEAVRNT
LSLMHSCGMYDFSGQFAFHVGLPAKSGVAGGILLVVPNVMGMMCWSPPLDKMGNSVKGIHFCHDLVSLCNFHNYDNLRHF
AKKLDPRREGGDQRVKSVINLLFAAYTGDVSALRRFALSAMDMEQRDYDSRTALHVAAAEGHVEVVKFLLEACKVNPFPK
DRWNNTPMDEALHFGHHDVFKILQEYQVQYTPQGDSDNGK
;
_entity_poly.pdbx_strand_id   A,B,C,D,F
#
loop_
_chem_comp.id
_chem_comp.type
_chem_comp.name
_chem_comp.formula
04A non-polymer N,N'-[sulfanediylbis(ethane-2,1-diyl-1,3,4-thiadiazole-5,2-diyl)]bis(2-phenylacetamide) 'C24 H24 N6 O2 S3'
#
# COMPACT_ATOMS: atom_id res chain seq x y z
N LEU A 3 41.90 -20.27 -37.58
CA LEU A 3 42.81 -21.39 -37.81
C LEU A 3 43.14 -22.11 -36.51
N GLU A 4 42.94 -23.43 -36.49
CA GLU A 4 43.31 -24.23 -35.33
C GLU A 4 44.81 -24.16 -35.05
N ASP A 5 45.61 -23.76 -36.04
CA ASP A 5 47.03 -23.52 -35.80
C ASP A 5 47.21 -22.61 -34.59
N LEU A 6 46.44 -21.52 -34.53
CA LEU A 6 46.49 -20.61 -33.40
C LEU A 6 46.30 -21.35 -32.08
N LEU A 7 45.24 -22.16 -32.00
CA LEU A 7 44.98 -22.96 -30.81
C LEU A 7 46.20 -23.80 -30.46
N PHE A 8 46.66 -24.62 -31.41
CA PHE A 8 47.75 -25.55 -31.14
C PHE A 8 48.97 -24.82 -30.61
N TYR A 9 49.44 -23.79 -31.32
CA TYR A 9 50.61 -23.07 -30.85
C TYR A 9 50.34 -22.30 -29.56
N THR A 10 49.07 -22.07 -29.21
CA THR A 10 48.75 -21.49 -27.92
C THR A 10 48.88 -22.50 -26.79
N ILE A 11 48.64 -23.78 -27.08
CA ILE A 11 48.75 -24.83 -26.06
C ILE A 11 50.17 -25.35 -25.95
N ALA A 12 50.75 -25.80 -27.07
CA ALA A 12 52.11 -26.33 -27.05
C ALA A 12 53.11 -25.27 -26.62
N GLU A 13 52.89 -24.02 -27.02
CA GLU A 13 53.73 -22.90 -26.61
C GLU A 13 55.14 -23.01 -27.15
N GLY A 14 55.90 -24.03 -26.71
CA GLY A 14 57.31 -24.10 -27.06
C GLY A 14 57.76 -25.43 -27.63
N GLN A 15 56.84 -26.23 -28.14
CA GLN A 15 57.19 -27.51 -28.75
C GLN A 15 56.17 -27.84 -29.85
N GLU A 16 56.42 -28.95 -30.55
CA GLU A 16 55.57 -29.38 -31.64
C GLU A 16 54.63 -30.53 -31.25
N LYS A 17 54.94 -31.24 -30.16
CA LYS A 17 54.09 -32.31 -29.65
C LYS A 17 53.66 -31.97 -28.23
N ILE A 18 52.38 -32.17 -27.95
CA ILE A 18 51.79 -31.83 -26.64
C ILE A 18 51.58 -33.12 -25.87
N PRO A 19 52.10 -33.22 -24.63
CA PRO A 19 51.81 -34.41 -23.82
C PRO A 19 50.44 -34.31 -23.16
N VAL A 20 49.80 -35.47 -23.02
CA VAL A 20 48.46 -35.52 -22.44
C VAL A 20 48.45 -34.97 -21.01
N HIS A 21 49.60 -34.94 -20.34
CA HIS A 21 49.68 -34.42 -18.99
C HIS A 21 49.38 -32.93 -18.91
N LYS A 22 49.28 -32.24 -20.04
CA LYS A 22 49.07 -30.80 -20.06
C LYS A 22 47.71 -30.40 -20.61
N PHE A 23 47.23 -31.07 -21.66
CA PHE A 23 45.93 -30.72 -22.24
C PHE A 23 44.81 -30.92 -21.23
N ILE A 24 44.83 -32.04 -20.50
CA ILE A 24 43.78 -32.32 -19.53
C ILE A 24 43.95 -31.48 -18.27
N THR A 25 45.18 -31.44 -17.74
CA THR A 25 45.43 -30.70 -16.52
C THR A 25 45.18 -29.20 -16.69
N ALA A 26 45.29 -28.69 -17.92
CA ALA A 26 45.04 -27.28 -18.18
C ALA A 26 43.63 -27.01 -18.71
N LEU A 27 42.98 -28.01 -19.30
CA LEU A 27 41.62 -27.83 -19.82
C LEU A 27 40.65 -27.45 -18.71
N LYS A 28 40.86 -27.94 -17.49
CA LYS A 28 39.93 -27.74 -16.40
C LYS A 28 40.16 -26.45 -15.63
N SER A 29 41.30 -25.79 -15.82
CA SER A 29 41.58 -24.57 -15.07
C SER A 29 40.54 -23.49 -15.34
N THR A 30 40.03 -23.42 -16.56
CA THR A 30 39.00 -22.45 -16.90
C THR A 30 37.59 -22.94 -16.54
N GLY A 31 37.47 -24.09 -15.89
CA GLY A 31 36.21 -24.52 -15.33
C GLY A 31 35.64 -25.80 -15.89
N LEU A 32 35.44 -25.85 -17.21
CA LEU A 32 34.65 -26.92 -17.81
C LEU A 32 35.18 -28.30 -17.40
N ARG A 33 34.27 -29.27 -17.38
CA ARG A 33 34.59 -30.65 -17.06
C ARG A 33 34.81 -31.44 -18.34
N THR A 34 35.69 -32.44 -18.26
CA THR A 34 36.08 -33.18 -19.45
C THR A 34 34.87 -33.80 -20.15
N SER A 35 33.95 -34.37 -19.39
CA SER A 35 32.81 -35.09 -19.95
C SER A 35 31.67 -34.13 -20.32
N ASP A 36 32.00 -33.14 -21.15
CA ASP A 36 31.02 -32.17 -21.60
C ASP A 36 30.36 -32.68 -22.87
N PRO A 37 29.04 -32.87 -22.91
CA PRO A 37 28.40 -33.34 -24.15
C PRO A 37 28.67 -32.45 -25.35
N ARG A 38 29.10 -31.20 -25.15
CA ARG A 38 29.57 -30.38 -26.26
C ARG A 38 30.97 -30.76 -26.71
N LEU A 39 31.73 -31.46 -25.86
CA LEU A 39 33.06 -31.96 -26.18
C LEU A 39 33.06 -33.45 -26.47
N LYS A 40 31.92 -34.02 -26.87
CA LYS A 40 31.84 -35.47 -27.00
C LYS A 40 32.61 -35.95 -28.24
N GLU A 41 32.50 -35.24 -29.36
CA GLU A 41 33.28 -35.61 -30.54
C GLU A 41 34.77 -35.46 -30.29
N CYS A 42 35.17 -34.39 -29.58
CA CYS A 42 36.58 -34.16 -29.33
C CYS A 42 37.14 -35.18 -28.34
N MET A 43 36.36 -35.55 -27.33
CA MET A 43 36.82 -36.53 -26.36
C MET A 43 36.86 -37.94 -26.95
N ASP A 44 35.84 -38.28 -27.76
CA ASP A 44 35.85 -39.57 -28.42
C ASP A 44 37.00 -39.66 -29.43
N MET A 45 37.28 -38.58 -30.15
CA MET A 45 38.38 -38.56 -31.10
C MET A 45 39.74 -38.51 -30.41
N LEU A 46 39.79 -38.01 -29.17
CA LEU A 46 41.05 -38.00 -28.42
C LEU A 46 41.32 -39.33 -27.73
N ARG A 47 40.26 -40.05 -27.35
CA ARG A 47 40.43 -41.44 -26.95
C ARG A 47 40.82 -42.30 -28.14
N LEU A 48 40.22 -42.01 -29.31
CA LEU A 48 40.37 -42.87 -30.47
C LEU A 48 41.82 -43.00 -30.89
N THR A 49 42.59 -41.92 -30.81
CA THR A 49 43.98 -41.93 -31.23
C THR A 49 44.95 -42.22 -30.10
N LEU A 50 44.46 -42.35 -28.86
CA LEU A 50 45.34 -42.71 -27.75
C LEU A 50 45.87 -44.13 -27.89
N GLN A 51 45.19 -44.98 -28.65
CA GLN A 51 45.65 -46.36 -28.88
C GLN A 51 45.92 -46.66 -30.35
N THR A 52 45.88 -45.65 -31.23
CA THR A 52 46.42 -45.79 -32.58
C THR A 52 47.90 -45.41 -32.64
N THR A 53 48.63 -45.69 -31.56
CA THR A 53 50.04 -45.33 -31.45
C THR A 53 50.70 -46.39 -30.58
N SER A 54 52.04 -46.33 -30.52
CA SER A 54 52.77 -47.24 -29.65
C SER A 54 52.25 -47.13 -28.22
N ASP A 55 52.17 -45.91 -27.69
CA ASP A 55 51.53 -45.65 -26.42
C ASP A 55 51.08 -44.20 -26.41
N GLY A 56 49.99 -43.95 -25.69
CA GLY A 56 49.39 -42.62 -25.68
C GLY A 56 49.96 -41.70 -24.63
N VAL A 57 50.97 -40.91 -24.99
CA VAL A 57 51.56 -39.94 -24.08
C VAL A 57 52.07 -38.75 -24.86
N MET A 58 51.74 -38.69 -26.15
CA MET A 58 52.17 -37.60 -27.01
C MET A 58 51.10 -37.31 -28.04
N LEU A 59 51.20 -36.14 -28.66
CA LEU A 59 50.27 -35.73 -29.70
C LEU A 59 50.80 -34.56 -30.52
N ASP A 60 51.11 -34.80 -31.79
CA ASP A 60 51.55 -33.73 -32.68
C ASP A 60 50.34 -33.01 -33.27
N LYS A 61 50.60 -31.87 -33.92
CA LYS A 61 49.52 -31.11 -34.54
C LYS A 61 48.83 -31.92 -35.64
N ASP A 62 49.51 -32.93 -36.18
CA ASP A 62 48.95 -33.73 -37.27
C ASP A 62 47.55 -34.22 -36.94
N LEU A 63 47.43 -35.02 -35.87
CA LEU A 63 46.12 -35.53 -35.47
C LEU A 63 45.33 -34.52 -34.65
N PHE A 64 46.01 -33.65 -33.90
CA PHE A 64 45.33 -32.65 -33.10
C PHE A 64 44.37 -31.82 -33.97
N LYS A 65 44.87 -31.34 -35.11
CA LYS A 65 44.07 -30.52 -36.01
C LYS A 65 42.72 -31.17 -36.31
N LYS A 66 42.70 -32.50 -36.48
CA LYS A 66 41.46 -33.21 -36.73
C LYS A 66 40.71 -33.54 -35.44
N CYS A 67 41.40 -33.58 -34.30
CA CYS A 67 40.75 -33.88 -33.03
C CYS A 67 39.86 -32.73 -32.59
N VAL A 68 40.39 -31.50 -32.63
CA VAL A 68 39.65 -30.36 -32.06
C VAL A 68 38.69 -29.70 -33.05
N GLN A 69 38.82 -29.98 -34.35
CA GLN A 69 38.01 -29.25 -35.33
C GLN A 69 36.54 -29.68 -35.34
N SER A 70 36.17 -30.70 -34.56
CA SER A 70 34.77 -31.14 -34.52
C SER A 70 33.93 -30.33 -33.54
N ASN A 71 34.53 -29.86 -32.44
CA ASN A 71 33.87 -28.98 -31.47
C ASN A 71 34.84 -27.86 -31.13
N ILE A 72 35.12 -27.01 -32.12
CA ILE A 72 36.21 -26.04 -32.01
C ILE A 72 35.74 -24.72 -31.41
N VAL A 73 34.55 -24.25 -31.79
CA VAL A 73 34.10 -22.92 -31.36
C VAL A 73 34.14 -22.82 -29.84
N LEU A 74 33.64 -23.85 -29.15
CA LEU A 74 33.66 -23.84 -27.70
C LEU A 74 35.08 -23.72 -27.17
N LEU A 75 35.99 -24.55 -27.66
CA LEU A 75 37.39 -24.45 -27.22
C LEU A 75 37.92 -23.03 -27.43
N THR A 76 37.55 -22.42 -28.56
CA THR A 76 37.96 -21.05 -28.82
C THR A 76 37.50 -20.11 -27.71
N GLN A 77 36.19 -20.08 -27.45
CA GLN A 77 35.66 -19.15 -26.45
C GLN A 77 36.16 -19.48 -25.05
N ALA A 78 36.45 -20.74 -24.76
CA ALA A 78 36.75 -21.21 -23.41
C ALA A 78 38.21 -21.01 -23.03
N PHE A 79 39.14 -21.49 -23.86
CA PHE A 79 40.54 -21.39 -23.50
C PHE A 79 41.00 -19.95 -23.41
N ARG A 80 40.43 -19.06 -24.23
CA ARG A 80 40.80 -17.65 -24.22
C ARG A 80 40.22 -16.88 -23.04
N ARG A 81 39.51 -17.55 -22.13
CA ARG A 81 38.91 -16.92 -20.97
C ARG A 81 37.82 -15.93 -21.35
N LYS A 82 37.22 -16.10 -22.53
CA LYS A 82 36.07 -15.29 -22.93
C LYS A 82 34.79 -15.68 -22.20
N LEU A 83 34.82 -16.73 -21.38
CA LEU A 83 33.63 -17.18 -20.69
C LEU A 83 33.18 -16.15 -19.65
N VAL A 84 31.90 -16.20 -19.33
CA VAL A 84 31.29 -15.19 -18.46
C VAL A 84 31.96 -15.13 -17.10
N ILE A 85 32.61 -16.22 -16.68
CA ILE A 85 33.46 -16.23 -15.50
C ILE A 85 34.84 -16.72 -15.91
N PRO A 86 35.79 -15.81 -16.16
CA PRO A 86 37.11 -16.26 -16.61
C PRO A 86 37.94 -16.84 -15.48
N ASP A 87 38.18 -16.04 -14.44
CA ASP A 87 38.93 -16.52 -13.28
C ASP A 87 38.06 -17.49 -12.49
N PHE A 88 38.36 -18.78 -12.62
CA PHE A 88 37.59 -19.83 -11.96
C PHE A 88 38.35 -20.52 -10.84
N MET A 89 39.68 -20.46 -10.83
CA MET A 89 40.46 -21.19 -9.84
C MET A 89 40.51 -20.45 -8.51
N SER A 90 40.79 -19.14 -8.54
CA SER A 90 40.71 -18.34 -7.33
C SER A 90 39.26 -18.11 -6.92
N PHE A 91 38.38 -17.98 -7.90
CA PHE A 91 36.93 -17.89 -7.63
C PHE A 91 36.45 -19.11 -6.84
N THR A 92 36.92 -20.30 -7.22
CA THR A 92 36.57 -21.51 -6.47
C THR A 92 37.33 -21.60 -5.16
N SER A 93 38.59 -21.18 -5.14
CA SER A 93 39.33 -21.16 -3.87
C SER A 93 38.70 -20.21 -2.87
N HIS A 94 37.87 -19.28 -3.33
CA HIS A 94 37.05 -18.46 -2.44
C HIS A 94 35.73 -19.16 -2.10
N ILE A 95 35.06 -19.72 -3.11
CA ILE A 95 33.82 -20.46 -2.87
C ILE A 95 34.02 -21.46 -1.74
N ASP A 96 35.10 -22.25 -1.81
CA ASP A 96 35.39 -23.20 -0.74
C ASP A 96 35.63 -22.48 0.58
N GLU A 97 36.27 -21.30 0.52
CA GLU A 97 36.53 -20.55 1.74
C GLU A 97 35.23 -20.18 2.45
N LEU A 98 34.16 -19.91 1.69
CA LEU A 98 32.86 -19.70 2.32
C LEU A 98 32.18 -21.02 2.68
N TYR A 99 32.39 -22.05 1.86
CA TYR A 99 31.85 -23.37 2.17
C TYR A 99 32.35 -23.87 3.52
N GLU A 100 33.52 -23.39 3.96
CA GLU A 100 34.00 -23.70 5.30
C GLU A 100 33.15 -22.98 6.35
N SER A 101 32.76 -21.74 6.09
CA SER A 101 31.95 -20.97 7.02
C SER A 101 30.48 -21.36 6.99
N ALA A 102 30.06 -22.14 5.98
CA ALA A 102 28.65 -22.48 5.85
C ALA A 102 28.27 -23.67 6.73
N LYS A 103 29.18 -24.66 6.86
CA LYS A 103 28.95 -25.76 7.78
C LYS A 103 29.07 -25.35 9.24
N LYS A 104 29.74 -24.23 9.51
CA LYS A 104 30.04 -23.82 10.88
C LYS A 104 28.86 -24.00 11.82
N GLN A 105 27.70 -23.45 11.44
CA GLN A 105 26.52 -23.51 12.30
C GLN A 105 25.96 -24.92 12.30
N SER A 106 26.06 -25.60 13.45
CA SER A 106 25.65 -26.99 13.55
C SER A 106 24.14 -27.13 13.77
N GLY A 107 23.53 -26.17 14.46
CA GLY A 107 22.14 -26.28 14.85
C GLY A 107 21.18 -26.59 13.72
N GLY A 108 19.93 -26.89 14.06
CA GLY A 108 18.91 -27.22 13.09
C GLY A 108 18.21 -28.53 13.38
N LYS A 109 16.90 -28.57 13.16
CA LYS A 109 16.11 -29.77 13.33
C LYS A 109 15.93 -30.45 11.98
N VAL A 110 16.20 -31.74 11.92
CA VAL A 110 16.13 -32.49 10.67
C VAL A 110 14.68 -32.80 10.35
N ALA A 111 14.35 -32.79 9.05
CA ALA A 111 13.00 -33.09 8.61
C ALA A 111 12.60 -34.51 9.00
N ASP A 112 12.03 -34.67 10.20
CA ASP A 112 11.68 -35.99 10.73
C ASP A 112 10.17 -36.20 10.76
N TYR A 113 9.42 -35.53 9.89
CA TYR A 113 7.99 -35.76 9.79
C TYR A 113 7.65 -36.92 8.87
N ILE A 114 8.66 -37.54 8.26
CA ILE A 114 8.53 -38.88 7.69
C ILE A 114 9.85 -39.62 7.92
N PRO A 115 9.82 -40.95 7.84
CA PRO A 115 11.06 -41.71 8.12
C PRO A 115 12.17 -41.42 7.12
N GLN A 116 11.85 -41.37 5.82
CA GLN A 116 12.88 -41.25 4.79
C GLN A 116 13.75 -40.02 5.03
N LEU A 117 13.13 -38.86 5.22
CA LEU A 117 13.90 -37.63 5.44
C LEU A 117 14.59 -37.62 6.79
N ALA A 118 14.13 -38.43 7.75
CA ALA A 118 14.84 -38.60 9.00
C ALA A 118 16.06 -39.51 8.86
N LYS A 119 16.10 -40.34 7.81
CA LYS A 119 17.24 -41.21 7.60
C LYS A 119 18.44 -40.46 7.02
N PHE A 120 18.21 -39.38 6.28
CA PHE A 120 19.30 -38.51 5.86
C PHE A 120 20.04 -38.01 7.10
N SER A 121 21.30 -38.40 7.24
CA SER A 121 22.03 -38.13 8.47
C SER A 121 22.11 -36.63 8.72
N PRO A 122 22.23 -36.21 9.99
CA PRO A 122 22.30 -34.76 10.26
C PRO A 122 23.47 -34.06 9.60
N ASP A 123 24.65 -34.67 9.64
CA ASP A 123 25.88 -34.03 9.14
C ASP A 123 26.07 -34.30 7.65
N LEU A 124 25.12 -33.81 6.86
CA LEU A 124 25.18 -33.89 5.41
C LEU A 124 25.23 -32.46 4.85
N TRP A 125 26.27 -32.15 4.09
CA TRP A 125 26.48 -30.81 3.57
C TRP A 125 27.08 -30.92 2.18
N GLY A 126 26.50 -30.22 1.22
CA GLY A 126 26.99 -30.27 -0.14
C GLY A 126 26.66 -29.03 -0.96
N VAL A 127 27.59 -28.61 -1.82
CA VAL A 127 27.41 -27.43 -2.67
C VAL A 127 27.87 -27.79 -4.08
N SER A 128 27.06 -27.40 -5.08
CA SER A 128 27.41 -27.61 -6.47
C SER A 128 27.13 -26.35 -7.27
N VAL A 129 28.01 -26.04 -8.21
CA VAL A 129 27.95 -24.80 -8.99
C VAL A 129 28.14 -25.16 -10.46
N CYS A 130 27.26 -24.62 -11.32
CA CYS A 130 27.39 -24.77 -12.76
C CYS A 130 27.06 -23.42 -13.40
N THR A 131 27.99 -22.93 -14.23
CA THR A 131 27.79 -21.68 -14.94
C THR A 131 27.17 -21.95 -16.31
N VAL A 132 26.52 -20.91 -16.85
CA VAL A 132 25.93 -21.02 -18.18
C VAL A 132 26.99 -21.40 -19.22
N ASP A 133 28.27 -21.19 -18.89
CA ASP A 133 29.37 -21.61 -19.75
C ASP A 133 29.91 -22.98 -19.36
N GLY A 134 29.13 -23.78 -18.64
CA GLY A 134 29.53 -25.12 -18.27
C GLY A 134 30.53 -25.21 -17.15
N GLN A 135 31.04 -24.08 -16.65
CA GLN A 135 32.01 -24.10 -15.56
C GLN A 135 31.40 -24.75 -14.33
N ARG A 136 31.85 -25.95 -13.99
CA ARG A 136 31.24 -26.75 -12.93
C ARG A 136 32.27 -27.02 -11.83
N HIS A 137 31.92 -26.65 -10.59
CA HIS A 137 32.75 -26.94 -9.43
C HIS A 137 31.84 -27.27 -8.26
N SER A 138 32.22 -28.29 -7.50
CA SER A 138 31.38 -28.78 -6.41
C SER A 138 32.27 -29.26 -5.28
N THR A 139 31.75 -29.17 -4.05
CA THR A 139 32.47 -29.64 -2.89
C THR A 139 31.48 -30.19 -1.87
N GLY A 140 31.91 -31.22 -1.17
CA GLY A 140 31.07 -31.89 -0.18
C GLY A 140 30.49 -33.19 -0.70
N ASP A 141 29.44 -33.63 -0.01
CA ASP A 141 28.67 -34.81 -0.44
C ASP A 141 27.69 -34.36 -1.53
N THR A 142 28.26 -33.99 -2.67
CA THR A 142 27.51 -33.35 -3.75
C THR A 142 26.79 -34.35 -4.65
N LYS A 143 27.44 -35.47 -4.98
CA LYS A 143 26.86 -36.45 -5.90
C LYS A 143 25.81 -37.32 -5.22
N VAL A 144 25.63 -37.22 -3.91
CA VAL A 144 24.65 -38.04 -3.20
C VAL A 144 23.26 -37.57 -3.59
N PRO A 145 22.39 -38.44 -4.11
CA PRO A 145 21.05 -37.99 -4.50
C PRO A 145 20.13 -37.81 -3.32
N PHE A 146 19.19 -36.88 -3.47
CA PHE A 146 18.16 -36.65 -2.47
C PHE A 146 16.88 -36.24 -3.17
N CYS A 147 15.78 -36.31 -2.44
CA CYS A 147 14.47 -36.10 -3.04
C CYS A 147 14.26 -34.63 -3.38
N LEU A 148 13.89 -34.36 -4.63
CA LEU A 148 13.53 -33.01 -5.01
C LEU A 148 12.23 -32.61 -4.33
N GLN A 149 12.33 -32.10 -3.10
CA GLN A 149 11.12 -31.79 -2.33
C GLN A 149 10.45 -30.55 -2.93
N SER A 150 10.02 -29.61 -2.09
CA SER A 150 9.36 -28.40 -2.59
C SER A 150 10.18 -27.71 -3.67
N CYS A 151 11.50 -27.94 -3.71
CA CYS A 151 12.35 -27.30 -4.70
C CYS A 151 11.88 -27.53 -6.13
N VAL A 152 11.07 -28.56 -6.36
CA VAL A 152 10.62 -28.86 -7.72
C VAL A 152 9.56 -27.89 -8.21
N LYS A 153 8.84 -27.24 -7.30
CA LYS A 153 7.65 -26.50 -7.69
C LYS A 153 7.89 -25.45 -8.76
N PRO A 154 8.95 -24.65 -8.72
CA PRO A 154 9.13 -23.62 -9.76
C PRO A 154 9.19 -24.19 -11.16
N LEU A 155 10.09 -25.15 -11.38
CA LEU A 155 10.27 -25.73 -12.71
C LEU A 155 8.92 -26.10 -13.33
N LYS A 156 8.12 -26.87 -12.58
CA LYS A 156 6.78 -27.24 -13.02
C LYS A 156 6.07 -26.05 -13.65
N TYR A 157 5.90 -24.98 -12.87
CA TYR A 157 5.29 -23.76 -13.35
C TYR A 157 5.82 -23.43 -14.73
N ALA A 158 7.12 -23.14 -14.83
CA ALA A 158 7.73 -22.80 -16.11
C ALA A 158 7.26 -23.74 -17.20
N ILE A 159 7.42 -25.05 -16.97
CA ILE A 159 7.04 -26.05 -17.96
C ILE A 159 5.66 -25.74 -18.51
N ALA A 160 4.66 -25.70 -17.62
CA ALA A 160 3.30 -25.41 -18.06
C ALA A 160 3.27 -24.17 -18.94
N VAL A 161 3.82 -23.07 -18.42
CA VAL A 161 3.86 -21.83 -19.20
C VAL A 161 4.43 -22.09 -20.57
N ASN A 162 5.64 -22.67 -20.61
CA ASN A 162 6.33 -22.88 -21.88
C ASN A 162 5.44 -23.52 -22.93
N ASP A 163 4.47 -24.32 -22.49
CA ASP A 163 3.56 -24.99 -23.42
C ASP A 163 2.22 -24.30 -23.55
N LEU A 164 1.72 -23.68 -22.49
CA LEU A 164 0.38 -23.11 -22.49
C LEU A 164 0.36 -21.59 -22.39
N GLY A 165 1.49 -20.96 -22.11
CA GLY A 165 1.57 -19.52 -22.07
C GLY A 165 1.35 -18.95 -20.68
N THR A 166 1.69 -17.66 -20.56
CA THR A 166 1.50 -16.97 -19.28
C THR A 166 0.04 -16.71 -19.00
N GLU A 167 -0.68 -16.14 -19.97
CA GLU A 167 -2.07 -15.73 -19.75
C GLU A 167 -2.94 -16.91 -19.33
N TYR A 168 -3.00 -17.95 -20.16
CA TYR A 168 -3.85 -19.10 -19.87
C TYR A 168 -3.56 -19.66 -18.48
N VAL A 169 -2.28 -19.89 -18.17
CA VAL A 169 -1.91 -20.45 -16.87
C VAL A 169 -2.41 -19.54 -15.75
N HIS A 170 -2.14 -18.24 -15.85
CA HIS A 170 -2.48 -17.32 -14.78
C HIS A 170 -3.93 -16.85 -14.83
N ARG A 171 -4.78 -17.51 -15.61
CA ARG A 171 -6.21 -17.44 -15.36
C ARG A 171 -6.65 -18.42 -14.28
N TYR A 172 -5.71 -19.20 -13.71
CA TYR A 172 -6.02 -20.19 -12.70
C TYR A 172 -5.11 -20.13 -11.48
N VAL A 173 -4.01 -19.38 -11.54
CA VAL A 173 -3.15 -19.17 -10.39
C VAL A 173 -2.83 -17.69 -10.26
N GLY A 174 -2.56 -17.26 -9.04
CA GLY A 174 -2.13 -15.90 -8.79
C GLY A 174 -0.64 -15.75 -8.99
N LYS A 175 -0.19 -14.50 -8.91
CA LYS A 175 1.22 -14.16 -9.08
C LYS A 175 1.79 -13.34 -7.95
N GLU A 176 0.97 -12.67 -7.15
CA GLU A 176 1.45 -11.93 -6.01
C GLU A 176 1.53 -12.84 -4.80
N PRO A 177 2.32 -12.49 -3.79
CA PRO A 177 2.33 -13.29 -2.55
C PRO A 177 1.08 -13.04 -1.73
N SER A 178 0.91 -13.87 -0.72
CA SER A 178 -0.20 -13.71 0.23
C SER A 178 0.05 -12.58 1.22
N GLY A 179 1.27 -12.08 1.32
CA GLY A 179 1.66 -11.21 2.40
C GLY A 179 2.13 -12.02 3.60
N LEU A 180 2.62 -11.30 4.61
CA LEU A 180 3.07 -11.96 5.83
C LEU A 180 1.94 -12.80 6.40
N ARG A 181 0.88 -12.15 6.89
CA ARG A 181 -0.32 -12.85 7.30
C ARG A 181 -1.30 -12.87 6.12
N PHE A 182 -2.54 -13.26 6.37
CA PHE A 182 -3.44 -13.66 5.28
C PHE A 182 -2.82 -14.81 4.51
N ASN A 183 -2.11 -15.67 5.24
CA ASN A 183 -1.16 -16.62 4.66
C ASN A 183 -1.74 -18.01 4.51
N LYS A 184 -2.12 -18.65 5.62
CA LYS A 184 -2.66 -20.00 5.54
C LYS A 184 -3.90 -20.05 4.67
N LEU A 185 -4.68 -18.97 4.65
CA LEU A 185 -5.84 -18.86 3.76
C LEU A 185 -5.41 -19.21 2.34
N PHE A 186 -5.36 -20.50 2.02
CA PHE A 186 -4.85 -20.96 0.73
C PHE A 186 -5.86 -20.69 -0.40
N LEU A 187 -6.12 -19.41 -0.61
CA LEU A 187 -6.92 -18.92 -1.73
C LEU A 187 -6.84 -17.40 -1.72
N ASN A 188 -7.36 -16.79 -2.78
CA ASN A 188 -7.35 -15.35 -2.93
C ASN A 188 -8.78 -14.82 -2.93
N GLU A 189 -8.90 -13.50 -2.80
CA GLU A 189 -10.21 -12.86 -2.77
C GLU A 189 -11.10 -13.35 -3.90
N ASP A 190 -10.53 -13.52 -5.09
CA ASP A 190 -11.29 -13.90 -6.28
C ASP A 190 -10.72 -15.22 -6.82
N ASP A 191 -11.45 -16.31 -6.58
CA ASP A 191 -11.20 -17.57 -7.25
C ASP A 191 -9.83 -18.16 -6.91
N LYS A 192 -8.80 -17.69 -7.60
CA LYS A 192 -7.55 -18.44 -7.74
C LYS A 192 -6.78 -18.50 -6.43
N PRO A 193 -5.83 -19.44 -6.32
CA PRO A 193 -4.89 -19.41 -5.19
C PRO A 193 -3.88 -18.29 -5.36
N HIS A 194 -2.79 -18.32 -4.58
CA HIS A 194 -1.91 -17.16 -4.50
C HIS A 194 -0.77 -17.19 -5.52
N ASN A 195 -0.03 -18.28 -5.61
CA ASN A 195 1.08 -18.36 -6.54
C ASN A 195 1.56 -19.81 -6.61
N PRO A 196 2.26 -20.17 -7.69
CA PRO A 196 2.72 -21.57 -7.83
C PRO A 196 3.72 -21.99 -6.77
N MET A 197 4.38 -21.07 -6.08
CA MET A 197 5.39 -21.45 -5.10
C MET A 197 4.80 -22.08 -3.85
N VAL A 198 3.48 -22.03 -3.67
CA VAL A 198 2.84 -22.64 -2.52
C VAL A 198 2.09 -23.89 -2.98
N ASN A 199 1.63 -24.68 -2.01
CA ASN A 199 1.05 -25.98 -2.33
C ASN A 199 -0.19 -25.85 -3.19
N ALA A 200 -1.06 -24.89 -2.89
CA ALA A 200 -2.27 -24.70 -3.69
C ALA A 200 -1.92 -24.37 -5.14
N GLY A 201 -1.13 -23.32 -5.34
CA GLY A 201 -0.73 -22.95 -6.69
C GLY A 201 -0.03 -24.07 -7.42
N ALA A 202 0.86 -24.79 -6.72
CA ALA A 202 1.54 -25.92 -7.35
C ALA A 202 0.55 -26.99 -7.78
N ILE A 203 -0.49 -27.21 -7.00
CA ILE A 203 -1.50 -28.20 -7.35
C ILE A 203 -2.25 -27.75 -8.60
N VAL A 204 -2.70 -26.49 -8.63
CA VAL A 204 -3.39 -26.00 -9.83
C VAL A 204 -2.47 -26.06 -11.03
N VAL A 205 -1.17 -25.85 -10.83
CA VAL A 205 -0.20 -26.00 -11.90
C VAL A 205 -0.23 -27.42 -12.43
N THR A 206 -0.15 -28.40 -11.54
CA THR A 206 -0.14 -29.80 -11.95
C THR A 206 -1.38 -30.17 -12.76
N SER A 207 -2.48 -29.43 -12.62
CA SER A 207 -3.69 -29.71 -13.36
C SER A 207 -3.65 -29.21 -14.80
N LEU A 208 -2.56 -28.54 -15.20
CA LEU A 208 -2.43 -28.01 -16.55
C LEU A 208 -1.53 -28.86 -17.43
N ILE A 209 -0.56 -29.55 -16.83
CA ILE A 209 0.34 -30.40 -17.60
C ILE A 209 -0.45 -31.49 -18.29
N LYS A 210 -0.41 -31.50 -19.63
CA LYS A 210 -1.06 -32.54 -20.41
C LYS A 210 -2.50 -32.75 -19.98
N GLN A 211 -3.42 -31.97 -20.51
CA GLN A 211 -4.84 -32.08 -20.19
C GLN A 211 -5.46 -33.15 -21.09
N GLY A 212 -5.60 -34.36 -20.56
CA GLY A 212 -6.28 -35.42 -21.27
C GLY A 212 -5.45 -36.68 -21.48
N VAL A 213 -4.60 -37.02 -20.51
CA VAL A 213 -3.76 -38.21 -20.63
C VAL A 213 -3.70 -38.95 -19.28
N ASN A 214 -2.69 -39.79 -19.12
CA ASN A 214 -2.54 -40.64 -17.95
C ASN A 214 -1.38 -40.15 -17.09
N ASN A 215 -1.43 -40.51 -15.80
CA ASN A 215 -0.46 -40.01 -14.83
C ASN A 215 0.97 -40.39 -15.22
N ALA A 216 1.19 -41.64 -15.62
CA ALA A 216 2.51 -42.02 -16.09
C ALA A 216 2.87 -41.27 -17.37
N GLU A 217 1.89 -41.10 -18.26
CA GLU A 217 2.13 -40.38 -19.51
C GLU A 217 2.53 -38.93 -19.26
N LYS A 218 2.02 -38.32 -18.18
CA LYS A 218 2.46 -37.00 -17.79
C LYS A 218 3.85 -37.04 -17.14
N PHE A 219 4.03 -37.98 -16.20
CA PHE A 219 5.31 -38.12 -15.51
C PHE A 219 6.45 -38.23 -16.49
N ASP A 220 6.25 -38.94 -17.60
CA ASP A 220 7.32 -39.08 -18.59
C ASP A 220 7.56 -37.79 -19.36
N TYR A 221 6.51 -36.97 -19.55
CA TYR A 221 6.68 -35.65 -20.15
C TYR A 221 7.53 -34.76 -19.25
N VAL A 222 7.18 -34.69 -17.97
CA VAL A 222 7.96 -33.92 -17.01
C VAL A 222 9.39 -34.41 -16.98
N MET A 223 9.58 -35.73 -16.92
CA MET A 223 10.94 -36.28 -16.91
C MET A 223 11.68 -35.94 -18.20
N GLN A 224 10.95 -35.80 -19.31
CA GLN A 224 11.56 -35.29 -20.54
C GLN A 224 12.14 -33.90 -20.30
N PHE A 225 11.28 -32.94 -19.94
CA PHE A 225 11.74 -31.56 -19.80
C PHE A 225 12.87 -31.46 -18.77
N LEU A 226 12.72 -32.14 -17.64
CA LEU A 226 13.76 -32.06 -16.61
C LEU A 226 15.07 -32.67 -17.08
N ASN A 227 15.00 -33.83 -17.76
CA ASN A 227 16.21 -34.43 -18.31
C ASN A 227 16.89 -33.48 -19.28
N LYS A 228 16.11 -32.76 -20.08
CA LYS A 228 16.70 -31.75 -20.97
C LYS A 228 17.41 -30.67 -20.16
N MET A 229 16.74 -30.15 -19.13
CA MET A 229 17.33 -29.07 -18.34
C MET A 229 18.59 -29.51 -17.62
N ALA A 230 18.65 -30.76 -17.18
CA ALA A 230 19.76 -31.25 -16.37
C ALA A 230 20.86 -31.90 -17.18
N GLY A 231 20.76 -31.90 -18.51
CA GLY A 231 21.76 -32.56 -19.32
C GLY A 231 21.74 -34.06 -19.22
N ASN A 232 20.56 -34.65 -19.03
CA ASN A 232 20.40 -36.11 -18.95
C ASN A 232 21.24 -36.71 -17.83
N GLU A 233 21.50 -35.93 -16.79
CA GLU A 233 22.23 -36.44 -15.62
C GLU A 233 21.28 -37.20 -14.71
N TYR A 234 21.65 -37.39 -13.44
CA TYR A 234 20.83 -38.21 -12.54
C TYR A 234 19.54 -37.52 -12.17
N VAL A 235 18.51 -37.70 -12.99
CA VAL A 235 17.16 -37.22 -12.71
C VAL A 235 16.32 -38.47 -12.42
N GLY A 236 16.04 -38.73 -11.15
CA GLY A 236 15.48 -40.01 -10.75
C GLY A 236 14.07 -39.98 -10.22
N PHE A 237 13.79 -40.83 -9.23
CA PHE A 237 12.45 -40.99 -8.67
C PHE A 237 12.55 -41.84 -7.42
N SER A 238 11.82 -41.46 -6.38
CA SER A 238 11.82 -42.18 -5.10
C SER A 238 10.39 -42.62 -4.81
N ASN A 239 10.15 -43.93 -4.87
CA ASN A 239 8.85 -44.46 -4.49
C ASN A 239 8.72 -44.55 -2.97
N ALA A 240 9.80 -44.95 -2.28
CA ALA A 240 9.79 -45.07 -0.84
C ALA A 240 9.29 -43.79 -0.18
N THR A 241 9.89 -42.66 -0.54
CA THR A 241 9.45 -41.38 -0.01
C THR A 241 8.12 -40.94 -0.64
N PHE A 242 7.79 -41.45 -1.82
CA PHE A 242 6.52 -41.10 -2.44
C PHE A 242 5.35 -41.61 -1.62
N GLN A 243 5.47 -42.82 -1.07
CA GLN A 243 4.39 -43.35 -0.24
C GLN A 243 4.28 -42.58 1.08
N SER A 244 5.40 -42.13 1.63
CA SER A 244 5.40 -41.54 2.96
C SER A 244 4.62 -40.23 2.99
N GLU A 245 4.99 -39.28 2.13
CA GLU A 245 4.37 -37.96 2.16
C GLU A 245 2.95 -37.95 1.60
N ARG A 246 2.42 -39.09 1.16
CA ARG A 246 1.01 -39.17 0.79
C ARG A 246 0.14 -39.58 1.96
N GLU A 247 0.61 -40.50 2.79
CA GLU A 247 -0.10 -40.91 4.00
C GLU A 247 0.26 -40.04 5.21
N SER A 248 0.95 -38.91 4.98
CA SER A 248 1.20 -37.96 6.07
C SER A 248 1.04 -36.52 5.58
N GLY A 249 0.45 -36.30 4.42
CA GLY A 249 0.23 -34.96 3.90
C GLY A 249 -1.25 -34.62 3.86
N ASP A 250 -1.98 -35.11 4.86
CA ASP A 250 -3.40 -34.83 4.98
C ASP A 250 -3.73 -33.37 4.61
N ARG A 251 -2.92 -32.44 5.11
CA ARG A 251 -3.12 -31.03 4.77
C ARG A 251 -3.25 -30.84 3.27
N ASN A 252 -2.31 -31.40 2.51
CA ASN A 252 -2.36 -31.25 1.06
C ASN A 252 -3.62 -31.87 0.47
N PHE A 253 -4.13 -32.94 1.08
CA PHE A 253 -5.42 -33.48 0.65
C PHE A 253 -6.52 -32.43 0.80
N ALA A 254 -6.69 -31.93 2.02
CA ALA A 254 -7.73 -30.92 2.25
C ALA A 254 -7.56 -29.74 1.30
N ILE A 255 -6.37 -29.14 1.30
CA ILE A 255 -6.08 -28.03 0.39
C ILE A 255 -6.54 -28.37 -1.02
N GLY A 256 -6.08 -29.50 -1.54
CA GLY A 256 -6.46 -29.89 -2.89
C GLY A 256 -7.95 -29.92 -3.09
N TYR A 257 -8.67 -30.62 -2.21
CA TYR A 257 -10.11 -30.76 -2.42
C TYR A 257 -10.83 -29.43 -2.32
N TYR A 258 -10.37 -28.52 -1.46
CA TYR A 258 -11.06 -27.25 -1.28
C TYR A 258 -11.37 -26.59 -2.61
N LEU A 259 -10.40 -26.57 -3.52
CA LEU A 259 -10.62 -25.98 -4.84
C LEU A 259 -11.68 -26.74 -5.61
N LYS A 260 -11.85 -28.03 -5.33
CA LYS A 260 -12.84 -28.84 -6.04
C LYS A 260 -14.22 -28.19 -5.97
N GLU A 261 -14.59 -27.70 -4.79
CA GLU A 261 -15.89 -27.07 -4.64
C GLU A 261 -15.96 -25.74 -5.39
N LYS A 262 -14.86 -25.01 -5.38
CA LYS A 262 -14.84 -23.65 -5.91
C LYS A 262 -14.47 -23.59 -7.39
N LYS A 263 -14.39 -24.74 -8.06
CA LYS A 263 -14.28 -24.78 -9.51
C LYS A 263 -12.99 -24.11 -10.01
N CYS A 264 -11.92 -24.19 -9.23
CA CYS A 264 -10.66 -23.57 -9.59
C CYS A 264 -9.77 -24.46 -10.43
N PHE A 265 -10.30 -25.56 -10.95
CA PHE A 265 -9.57 -26.45 -11.83
C PHE A 265 -10.15 -26.38 -13.25
N PRO A 266 -9.38 -26.79 -14.26
CA PRO A 266 -9.94 -26.88 -15.61
C PRO A 266 -11.02 -27.95 -15.72
N GLU A 267 -11.58 -28.13 -16.91
CA GLU A 267 -12.75 -28.99 -17.08
C GLU A 267 -12.47 -30.42 -16.62
N GLY A 268 -13.32 -30.91 -15.72
CA GLY A 268 -13.40 -32.33 -15.41
C GLY A 268 -12.12 -32.96 -14.89
N THR A 269 -11.19 -32.18 -14.36
CA THR A 269 -9.97 -32.75 -13.82
C THR A 269 -10.28 -33.54 -12.55
N ASP A 270 -9.71 -34.74 -12.44
CA ASP A 270 -9.87 -35.55 -11.25
C ASP A 270 -8.97 -35.06 -10.14
N MET A 271 -9.42 -35.23 -8.90
CA MET A 271 -8.67 -34.73 -7.75
C MET A 271 -7.56 -35.69 -7.34
N VAL A 272 -7.92 -36.92 -6.97
CA VAL A 272 -6.94 -37.84 -6.39
C VAL A 272 -5.81 -38.11 -7.37
N GLY A 273 -6.12 -38.14 -8.67
CA GLY A 273 -5.07 -38.37 -9.65
C GLY A 273 -4.03 -37.27 -9.65
N ILE A 274 -4.49 -36.02 -9.67
CA ILE A 274 -3.55 -34.91 -9.66
C ILE A 274 -2.81 -34.85 -8.32
N LEU A 275 -3.46 -35.24 -7.23
CA LEU A 275 -2.78 -35.31 -5.94
C LEU A 275 -1.63 -36.31 -5.98
N ASP A 276 -1.91 -37.51 -6.48
CA ASP A 276 -0.87 -38.54 -6.54
C ASP A 276 0.25 -38.13 -7.49
N PHE A 277 -0.10 -37.50 -8.62
CA PHE A 277 0.91 -37.02 -9.54
C PHE A 277 1.82 -35.99 -8.86
N TYR A 278 1.22 -35.01 -8.20
CA TYR A 278 1.97 -34.04 -7.41
C TYR A 278 2.91 -34.74 -6.44
N PHE A 279 2.41 -35.74 -5.72
CA PHE A 279 3.25 -36.46 -4.77
C PHE A 279 4.42 -37.15 -5.48
N GLN A 280 4.18 -37.73 -6.65
CA GLN A 280 5.26 -38.30 -7.43
C GLN A 280 6.32 -37.25 -7.73
N LEU A 281 5.89 -36.08 -8.20
CA LEU A 281 6.84 -35.01 -8.53
C LEU A 281 7.68 -34.62 -7.31
N CYS A 282 7.02 -34.38 -6.18
CA CYS A 282 7.73 -33.88 -5.01
C CYS A 282 8.73 -34.86 -4.42
N SER A 283 8.84 -36.08 -4.97
CA SER A 283 9.78 -37.09 -4.47
C SER A 283 10.60 -37.59 -5.67
N ILE A 284 11.56 -36.78 -6.11
CA ILE A 284 12.43 -37.11 -7.23
C ILE A 284 13.88 -37.05 -6.74
N GLU A 285 14.63 -38.11 -6.98
CA GLU A 285 16.01 -38.19 -6.52
C GLU A 285 16.93 -37.48 -7.51
N VAL A 286 17.71 -36.51 -7.01
CA VAL A 286 18.69 -35.81 -7.82
C VAL A 286 19.89 -35.48 -6.94
N THR A 287 21.03 -35.26 -7.56
CA THR A 287 22.23 -34.80 -6.88
C THR A 287 22.33 -33.28 -6.95
N CYS A 288 23.18 -32.72 -6.10
CA CYS A 288 23.37 -31.28 -6.10
C CYS A 288 23.75 -30.77 -7.49
N GLU A 289 24.65 -31.47 -8.17
CA GLU A 289 25.10 -31.04 -9.49
C GLU A 289 23.94 -31.04 -10.48
N SER A 290 23.21 -32.16 -10.56
CA SER A 290 22.13 -32.27 -11.52
C SER A 290 21.16 -31.11 -11.40
N ALA A 291 20.87 -30.68 -10.17
CA ALA A 291 20.00 -29.52 -9.99
C ALA A 291 20.69 -28.23 -10.37
N SER A 292 21.99 -28.11 -10.05
CA SER A 292 22.73 -26.91 -10.43
C SER A 292 22.68 -26.69 -11.93
N VAL A 293 22.70 -27.78 -12.71
CA VAL A 293 22.59 -27.64 -14.17
C VAL A 293 21.24 -27.03 -14.54
N MET A 294 20.18 -27.39 -13.81
CA MET A 294 18.88 -26.81 -14.07
C MET A 294 18.86 -25.32 -13.74
N ALA A 295 19.32 -24.98 -12.53
CA ALA A 295 19.42 -23.56 -12.15
C ALA A 295 20.19 -22.77 -13.19
N ALA A 296 21.25 -23.37 -13.75
CA ALA A 296 21.98 -22.71 -14.84
C ALA A 296 21.10 -22.60 -16.07
N THR A 297 20.28 -23.62 -16.35
CA THR A 297 19.38 -23.55 -17.49
C THR A 297 18.45 -22.34 -17.36
N LEU A 298 18.02 -22.03 -16.13
CA LEU A 298 17.20 -20.85 -15.92
C LEU A 298 18.04 -19.57 -16.03
N ALA A 299 19.27 -19.60 -15.52
CA ALA A 299 20.14 -18.43 -15.62
C ALA A 299 20.43 -18.08 -17.07
N ASN A 300 20.46 -19.07 -17.95
CA ASN A 300 20.76 -18.85 -19.37
C ASN A 300 19.51 -18.53 -20.18
N GLY A 301 18.36 -18.37 -19.53
CA GLY A 301 17.14 -18.03 -20.24
C GLY A 301 16.47 -19.21 -20.92
N GLY A 302 16.49 -20.38 -20.30
CA GLY A 302 15.81 -21.54 -20.84
C GLY A 302 16.72 -22.48 -21.60
N PHE A 303 17.71 -21.92 -22.30
CA PHE A 303 18.62 -22.72 -23.11
C PHE A 303 19.62 -23.44 -22.21
N CYS A 304 19.76 -24.75 -22.42
CA CYS A 304 20.62 -25.55 -21.56
C CYS A 304 22.09 -25.22 -21.82
N PRO A 305 22.92 -25.14 -20.77
CA PRO A 305 24.33 -24.74 -20.98
C PRO A 305 25.20 -25.85 -21.54
N ILE A 306 25.13 -27.05 -20.96
CA ILE A 306 26.04 -28.13 -21.31
C ILE A 306 25.49 -28.97 -22.44
N THR A 307 24.56 -28.41 -23.21
CA THR A 307 24.05 -29.07 -24.41
C THR A 307 23.78 -28.05 -25.51
N GLY A 308 22.94 -27.06 -25.21
CA GLY A 308 22.56 -26.06 -26.19
C GLY A 308 21.20 -26.35 -26.79
N GLU A 309 20.21 -26.58 -25.93
CA GLU A 309 18.86 -26.92 -26.34
C GLU A 309 17.89 -25.84 -25.88
N ARG A 310 16.95 -25.49 -26.75
CA ARG A 310 15.88 -24.55 -26.41
C ARG A 310 14.82 -25.31 -25.62
N VAL A 311 15.07 -25.47 -24.32
CA VAL A 311 14.19 -26.27 -23.47
C VAL A 311 12.92 -25.50 -23.15
N LEU A 312 13.07 -24.38 -22.45
CA LEU A 312 11.94 -23.57 -22.00
C LEU A 312 12.00 -22.21 -22.67
N SER A 313 10.83 -21.70 -23.06
CA SER A 313 10.77 -20.37 -23.65
C SER A 313 11.25 -19.33 -22.64
N PRO A 314 12.20 -18.46 -22.99
CA PRO A 314 12.59 -17.40 -22.04
C PRO A 314 11.40 -16.65 -21.47
N GLU A 315 10.33 -16.48 -22.25
CA GLU A 315 9.13 -15.81 -21.76
C GLU A 315 8.65 -16.43 -20.44
N ALA A 316 8.72 -17.75 -20.33
CA ALA A 316 8.33 -18.41 -19.09
C ALA A 316 9.40 -18.28 -18.02
N VAL A 317 10.68 -18.37 -18.41
CA VAL A 317 11.77 -18.29 -17.44
C VAL A 317 11.71 -16.96 -16.70
N ARG A 318 11.34 -15.89 -17.41
CA ARG A 318 11.21 -14.57 -16.78
C ARG A 318 10.22 -14.62 -15.62
N ASN A 319 8.97 -14.98 -15.91
CA ASN A 319 7.95 -15.10 -14.87
C ASN A 319 8.44 -15.99 -13.74
N THR A 320 8.94 -17.18 -14.07
CA THR A 320 9.42 -18.11 -13.06
C THR A 320 10.42 -17.43 -12.12
N LEU A 321 11.40 -16.74 -12.68
CA LEU A 321 12.45 -16.16 -11.84
C LEU A 321 11.92 -15.01 -10.99
N SER A 322 11.02 -14.20 -11.54
CA SER A 322 10.42 -13.12 -10.74
C SER A 322 9.67 -13.70 -9.54
N LEU A 323 8.77 -14.66 -9.79
CA LEU A 323 8.03 -15.28 -8.69
C LEU A 323 8.96 -16.01 -7.73
N MET A 324 10.13 -16.46 -8.21
CA MET A 324 11.12 -17.02 -7.30
C MET A 324 11.79 -15.94 -6.47
N HIS A 325 11.84 -14.71 -6.97
CA HIS A 325 12.36 -13.60 -6.17
C HIS A 325 11.39 -13.22 -5.07
N SER A 326 10.13 -12.96 -5.43
CA SER A 326 9.18 -12.46 -4.43
C SER A 326 8.57 -13.60 -3.61
N CYS A 327 8.04 -14.62 -4.27
CA CYS A 327 7.35 -15.71 -3.59
C CYS A 327 8.20 -16.98 -3.49
N GLY A 328 9.49 -16.89 -3.83
CA GLY A 328 10.34 -18.07 -3.88
C GLY A 328 10.32 -18.92 -2.63
N MET A 329 11.18 -18.58 -1.66
CA MET A 329 11.28 -19.35 -0.43
C MET A 329 9.96 -19.30 0.33
N TYR A 330 9.93 -19.89 1.52
CA TYR A 330 8.73 -19.85 2.35
C TYR A 330 8.53 -18.45 2.89
N ASP A 331 7.85 -18.30 4.04
CA ASP A 331 7.57 -16.98 4.58
C ASP A 331 8.82 -16.14 4.79
N PHE A 332 10.00 -16.75 4.73
CA PHE A 332 11.24 -15.98 4.69
C PHE A 332 11.45 -15.30 3.34
N SER A 333 10.59 -15.58 2.35
CA SER A 333 10.80 -15.08 1.00
C SER A 333 11.02 -13.57 0.95
N GLY A 334 10.25 -12.81 1.73
CA GLY A 334 10.41 -11.37 1.73
C GLY A 334 11.82 -10.95 2.14
N GLN A 335 12.18 -11.28 3.38
CA GLN A 335 13.53 -10.97 3.86
C GLN A 335 14.60 -11.52 2.92
N PHE A 336 14.30 -12.63 2.24
CA PHE A 336 15.25 -13.17 1.27
C PHE A 336 15.44 -12.21 0.10
N ALA A 337 14.33 -11.85 -0.57
CA ALA A 337 14.37 -10.88 -1.65
C ALA A 337 15.00 -9.56 -1.22
N PHE A 338 15.04 -9.28 0.08
CA PHE A 338 15.68 -8.06 0.55
C PHE A 338 17.19 -8.24 0.74
N HIS A 339 17.60 -9.25 1.51
CA HIS A 339 19.00 -9.37 1.91
C HIS A 339 19.86 -10.04 0.85
N VAL A 340 19.34 -11.08 0.20
CA VAL A 340 20.12 -11.82 -0.78
C VAL A 340 19.70 -11.50 -2.22
N GLY A 341 18.44 -11.14 -2.44
CA GLY A 341 17.99 -10.59 -3.71
C GLY A 341 17.97 -11.56 -4.87
N LEU A 342 18.34 -12.83 -4.67
CA LEU A 342 18.32 -13.75 -5.79
C LEU A 342 17.00 -14.53 -5.84
N PRO A 343 16.55 -14.92 -7.03
CA PRO A 343 15.44 -15.87 -7.11
C PRO A 343 15.91 -17.27 -6.71
N ALA A 344 15.13 -17.92 -5.84
CA ALA A 344 15.54 -19.21 -5.28
C ALA A 344 14.30 -20.01 -4.92
N LYS A 345 14.53 -21.19 -4.34
CA LYS A 345 13.44 -22.01 -3.83
C LYS A 345 13.98 -23.15 -2.97
N SER A 346 13.40 -23.37 -1.80
CA SER A 346 13.90 -24.35 -0.85
C SER A 346 12.99 -25.57 -0.78
N GLY A 347 13.59 -26.72 -0.50
CA GLY A 347 12.85 -27.95 -0.27
C GLY A 347 13.28 -28.60 1.02
N VAL A 348 12.29 -29.04 1.80
CA VAL A 348 12.51 -29.48 3.18
C VAL A 348 13.36 -30.74 3.22
N ALA A 349 13.68 -31.30 2.05
CA ALA A 349 14.73 -32.31 2.01
C ALA A 349 16.06 -31.73 2.46
N GLY A 350 16.18 -30.40 2.53
CA GLY A 350 17.41 -29.74 2.88
C GLY A 350 18.04 -28.99 1.73
N GLY A 351 17.36 -28.86 0.60
CA GLY A 351 17.94 -28.29 -0.61
C GLY A 351 17.55 -26.85 -0.81
N ILE A 352 18.44 -26.10 -1.45
CA ILE A 352 18.17 -24.72 -1.84
C ILE A 352 18.61 -24.54 -3.29
N LEU A 353 17.66 -24.22 -4.16
CA LEU A 353 17.91 -23.88 -5.55
C LEU A 353 18.18 -22.38 -5.64
N LEU A 354 19.37 -22.02 -6.11
CA LEU A 354 19.85 -20.64 -6.09
C LEU A 354 20.28 -20.26 -7.51
N VAL A 355 19.72 -19.18 -8.02
CA VAL A 355 19.96 -18.75 -9.40
C VAL A 355 20.56 -17.36 -9.40
N VAL A 356 21.51 -17.14 -10.29
CA VAL A 356 22.04 -15.82 -10.61
C VAL A 356 21.76 -15.54 -12.09
N PRO A 357 20.69 -14.80 -12.40
CA PRO A 357 20.26 -14.68 -13.80
C PRO A 357 21.37 -14.21 -14.72
N ASN A 358 21.39 -14.77 -15.93
CA ASN A 358 22.38 -14.44 -16.95
C ASN A 358 23.81 -14.63 -16.46
N VAL A 359 23.99 -15.35 -15.36
CA VAL A 359 25.32 -15.63 -14.81
C VAL A 359 25.48 -17.12 -14.62
N MET A 360 24.86 -17.68 -13.57
CA MET A 360 25.13 -19.06 -13.23
C MET A 360 23.99 -19.63 -12.39
N GLY A 361 24.07 -20.94 -12.15
CA GLY A 361 23.13 -21.62 -11.29
C GLY A 361 23.85 -22.50 -10.30
N MET A 362 23.25 -22.63 -9.12
CA MET A 362 23.88 -23.29 -7.98
C MET A 362 22.91 -24.30 -7.37
N MET A 363 23.38 -24.99 -6.34
CA MET A 363 22.52 -25.86 -5.54
C MET A 363 23.21 -26.11 -4.20
N CYS A 364 22.49 -25.84 -3.12
CA CYS A 364 22.95 -26.10 -1.76
C CYS A 364 22.15 -27.24 -1.16
N TRP A 365 22.75 -27.96 -0.21
CA TRP A 365 22.07 -29.09 0.42
C TRP A 365 22.58 -29.28 1.83
N SER A 366 21.69 -29.11 2.82
CA SER A 366 21.98 -29.41 4.21
C SER A 366 20.66 -29.83 4.85
N PRO A 367 20.47 -31.12 5.11
CA PRO A 367 19.15 -31.60 5.59
C PRO A 367 18.67 -30.83 6.80
N PRO A 368 19.55 -30.55 7.79
CA PRO A 368 19.10 -29.78 8.96
C PRO A 368 18.37 -28.49 8.58
N LEU A 369 17.06 -28.44 8.85
CA LEU A 369 16.25 -27.28 8.52
C LEU A 369 16.21 -26.31 9.70
N ASP A 370 15.47 -25.22 9.54
CA ASP A 370 15.38 -24.20 10.57
C ASP A 370 14.01 -23.53 10.51
N LYS A 371 13.56 -23.09 11.70
CA LYS A 371 12.30 -22.38 11.89
C LYS A 371 11.37 -22.37 10.69
N MET A 372 11.68 -21.51 9.70
CA MET A 372 10.74 -21.24 8.61
C MET A 372 10.56 -22.43 7.67
N GLY A 373 11.41 -23.44 7.75
CA GLY A 373 11.35 -24.58 6.86
C GLY A 373 12.48 -24.66 5.86
N ASN A 374 13.38 -23.68 5.85
CA ASN A 374 14.52 -23.69 4.94
C ASN A 374 15.74 -24.30 5.63
N SER A 375 16.81 -24.47 4.86
CA SER A 375 18.00 -25.14 5.37
C SER A 375 18.82 -24.20 6.24
N VAL A 376 19.66 -24.80 7.08
CA VAL A 376 20.50 -24.05 8.00
C VAL A 376 21.73 -23.55 7.27
N LYS A 377 22.71 -24.45 7.07
CA LYS A 377 23.95 -24.07 6.41
C LYS A 377 23.69 -23.35 5.08
N GLY A 378 22.73 -23.87 4.30
CA GLY A 378 22.49 -23.32 2.98
C GLY A 378 22.27 -21.82 2.99
N ILE A 379 21.50 -21.32 3.95
CA ILE A 379 21.18 -19.90 3.97
C ILE A 379 22.32 -19.09 4.60
N HIS A 380 23.07 -19.68 5.53
CA HIS A 380 24.29 -19.03 5.98
C HIS A 380 25.22 -18.76 4.80
N PHE A 381 25.31 -19.74 3.88
CA PHE A 381 26.07 -19.55 2.65
C PHE A 381 25.44 -18.48 1.77
N CYS A 382 24.13 -18.60 1.51
CA CYS A 382 23.45 -17.66 0.63
C CYS A 382 23.66 -16.21 1.07
N HIS A 383 23.52 -15.96 2.38
CA HIS A 383 23.68 -14.60 2.88
C HIS A 383 25.15 -14.22 2.98
N ASP A 384 26.04 -15.18 3.20
CA ASP A 384 27.47 -14.89 3.14
C ASP A 384 27.95 -14.59 1.72
N LEU A 385 27.14 -14.87 0.71
CA LEU A 385 27.55 -14.61 -0.67
C LEU A 385 27.57 -13.13 -0.98
N VAL A 386 26.39 -12.51 -1.09
CA VAL A 386 26.32 -11.09 -1.44
C VAL A 386 27.02 -10.23 -0.40
N SER A 387 27.26 -10.75 0.80
CA SER A 387 28.09 -10.05 1.77
C SER A 387 29.56 -10.02 1.34
N LEU A 388 29.90 -10.70 0.24
CA LEU A 388 31.25 -10.71 -0.28
C LEU A 388 31.33 -10.48 -1.78
N CYS A 389 30.20 -10.51 -2.50
CA CYS A 389 30.19 -10.34 -3.95
C CYS A 389 28.99 -9.49 -4.35
N ASN A 390 29.08 -8.89 -5.53
CA ASN A 390 28.02 -8.01 -6.03
C ASN A 390 27.05 -8.76 -6.93
N PHE A 391 26.55 -9.90 -6.45
CA PHE A 391 25.58 -10.68 -7.20
C PHE A 391 24.13 -10.28 -6.90
N HIS A 392 23.88 -9.58 -5.79
CA HIS A 392 22.52 -9.18 -5.43
C HIS A 392 21.83 -8.54 -6.63
N ASN A 393 20.60 -8.97 -6.89
CA ASN A 393 19.88 -8.53 -8.09
C ASN A 393 19.79 -7.03 -8.19
N TYR A 394 19.95 -6.31 -7.08
CA TYR A 394 19.92 -4.85 -7.08
C TYR A 394 21.24 -4.25 -6.56
N ASP A 395 22.33 -5.00 -6.67
CA ASP A 395 23.64 -4.43 -6.42
C ASP A 395 24.08 -3.61 -7.63
N ASN A 396 25.19 -2.88 -7.46
CA ASN A 396 25.70 -2.00 -8.49
C ASN A 396 26.97 -2.59 -9.09
N LEU A 397 27.04 -2.60 -10.42
CA LEU A 397 28.17 -3.21 -11.10
C LEU A 397 29.43 -2.34 -11.00
N ARG A 398 29.27 -1.03 -11.12
CA ARG A 398 30.43 -0.14 -11.23
C ARG A 398 31.05 0.15 -9.87
N HIS A 399 30.23 0.35 -8.84
CA HIS A 399 30.69 0.72 -7.51
C HIS A 399 30.06 -0.22 -6.49
N PHE A 400 30.88 -0.79 -5.62
CA PHE A 400 30.39 -1.83 -4.72
C PHE A 400 31.27 -2.03 -3.49
N ALA A 401 31.41 -1.00 -2.67
CA ALA A 401 32.10 -1.10 -1.39
C ALA A 401 33.43 -1.84 -1.51
N LYS A 402 33.39 -3.17 -1.31
CA LYS A 402 34.60 -4.00 -1.38
C LYS A 402 34.35 -5.31 -2.11
N LYS A 403 33.28 -5.38 -2.90
CA LYS A 403 32.85 -6.65 -3.48
C LYS A 403 33.66 -6.98 -4.73
N LEU A 404 33.61 -8.24 -5.12
CA LEU A 404 34.53 -8.81 -6.10
C LEU A 404 33.73 -9.41 -7.25
N ASP A 405 33.57 -8.63 -8.33
CA ASP A 405 32.84 -9.09 -9.50
C ASP A 405 33.82 -9.79 -10.44
N PRO A 406 33.68 -11.10 -10.68
CA PRO A 406 34.56 -11.77 -11.64
C PRO A 406 34.07 -11.75 -13.08
N ARG A 407 33.06 -10.93 -13.41
CA ARG A 407 32.64 -10.78 -14.79
C ARG A 407 33.72 -10.16 -15.67
N ARG A 408 34.68 -9.45 -15.08
CA ARG A 408 35.83 -8.94 -15.81
C ARG A 408 37.12 -9.14 -15.02
N SER A 417 39.00 -8.20 -33.31
CA SER A 417 37.83 -8.45 -34.15
C SER A 417 38.08 -7.97 -35.57
N VAL A 418 38.15 -8.92 -36.51
CA VAL A 418 38.24 -8.57 -37.92
C VAL A 418 36.88 -8.18 -38.48
N ILE A 419 35.79 -8.57 -37.82
CA ILE A 419 34.44 -8.24 -38.29
C ILE A 419 34.23 -6.73 -38.23
N ASN A 420 34.89 -6.05 -37.30
CA ASN A 420 34.68 -4.62 -37.13
C ASN A 420 35.24 -3.79 -38.27
N LEU A 421 36.07 -4.39 -39.14
CA LEU A 421 36.49 -3.74 -40.38
C LEU A 421 35.53 -4.05 -41.52
N LEU A 422 35.07 -5.31 -41.61
CA LEU A 422 34.22 -5.74 -42.70
C LEU A 422 32.84 -5.11 -42.61
N PHE A 423 32.27 -5.07 -41.39
CA PHE A 423 30.99 -4.39 -41.20
C PHE A 423 31.11 -2.89 -41.39
N ALA A 424 32.26 -2.31 -41.03
CA ALA A 424 32.51 -0.90 -41.25
C ALA A 424 33.06 -0.60 -42.64
N ALA A 425 33.05 -1.59 -43.54
CA ALA A 425 33.55 -1.41 -44.90
C ALA A 425 32.47 -1.71 -45.95
N TYR A 426 31.21 -1.79 -45.56
CA TYR A 426 30.14 -2.11 -46.50
C TYR A 426 29.57 -0.87 -47.18
N THR A 427 29.19 0.14 -46.40
CA THR A 427 28.67 1.39 -46.96
C THR A 427 29.46 2.63 -46.58
N GLY A 428 30.35 2.54 -45.59
CA GLY A 428 31.31 3.61 -45.35
C GLY A 428 31.11 4.42 -44.10
N ASP A 429 31.64 3.94 -42.97
CA ASP A 429 31.79 4.74 -41.77
C ASP A 429 33.22 4.58 -41.28
N VAL A 430 34.02 5.63 -41.44
CA VAL A 430 35.44 5.56 -41.14
C VAL A 430 35.74 5.79 -39.65
N SER A 431 34.79 6.34 -38.90
CA SER A 431 35.05 6.63 -37.49
C SER A 431 35.48 5.38 -36.74
N ALA A 432 34.87 4.23 -37.04
CA ALA A 432 35.25 2.98 -36.39
C ALA A 432 36.72 2.66 -36.64
N LEU A 433 37.15 2.78 -37.90
CA LEU A 433 38.55 2.54 -38.24
C LEU A 433 39.49 3.37 -37.37
N ARG A 434 39.04 4.55 -36.95
CA ARG A 434 39.80 5.34 -35.99
C ARG A 434 39.68 4.76 -34.58
N ARG A 435 38.48 4.36 -34.19
CA ARG A 435 38.27 3.80 -32.86
C ARG A 435 39.11 2.55 -32.62
N PHE A 436 39.56 1.88 -33.68
CA PHE A 436 40.41 0.70 -33.53
C PHE A 436 41.86 1.04 -33.22
N ALA A 437 42.17 2.32 -32.99
CA ALA A 437 43.53 2.70 -32.62
C ALA A 437 43.81 2.46 -31.15
N LEU A 438 42.77 2.49 -30.30
CA LEU A 438 42.98 2.26 -28.87
C LEU A 438 43.29 0.79 -28.58
N SER A 439 42.78 -0.13 -29.40
CA SER A 439 43.04 -1.55 -29.21
C SER A 439 44.31 -2.02 -29.87
N ALA A 440 44.99 -1.16 -30.62
CA ALA A 440 46.26 -1.49 -31.29
C ALA A 440 46.05 -2.64 -32.27
N MET A 441 45.04 -2.51 -33.12
CA MET A 441 44.75 -3.50 -34.15
C MET A 441 45.42 -3.08 -35.45
N ASP A 442 46.40 -3.87 -35.90
CA ASP A 442 47.02 -3.60 -37.19
C ASP A 442 46.00 -3.81 -38.30
N MET A 443 45.80 -2.80 -39.13
CA MET A 443 44.75 -2.82 -40.13
C MET A 443 45.04 -3.75 -41.32
N GLU A 444 46.00 -4.67 -41.18
CA GLU A 444 46.14 -5.80 -42.09
C GLU A 444 45.30 -6.99 -41.65
N GLN A 445 44.20 -6.74 -40.94
CA GLN A 445 43.37 -7.81 -40.41
C GLN A 445 42.64 -8.52 -41.54
N ARG A 446 42.49 -9.84 -41.39
CA ARG A 446 41.98 -10.68 -42.47
C ARG A 446 40.98 -11.69 -41.90
N ASP A 447 39.86 -11.86 -42.61
CA ASP A 447 39.09 -13.08 -42.47
C ASP A 447 39.80 -14.19 -43.23
N TYR A 448 39.22 -15.39 -43.25
CA TYR A 448 39.91 -16.50 -43.90
C TYR A 448 40.22 -16.22 -45.36
N ASP A 449 39.46 -15.34 -46.01
CA ASP A 449 39.71 -14.99 -47.40
C ASP A 449 41.00 -14.21 -47.60
N SER A 450 41.71 -13.84 -46.53
CA SER A 450 42.98 -13.12 -46.62
C SER A 450 42.77 -11.77 -47.32
N ARG A 451 42.01 -10.91 -46.64
CA ARG A 451 41.66 -9.60 -47.16
C ARG A 451 41.78 -8.56 -46.06
N THR A 452 42.53 -7.49 -46.32
CA THR A 452 42.67 -6.40 -45.38
C THR A 452 41.44 -5.48 -45.50
N ALA A 453 41.47 -4.35 -44.80
CA ALA A 453 40.40 -3.37 -44.93
C ALA A 453 40.33 -2.81 -46.34
N LEU A 454 41.48 -2.73 -47.02
CA LEU A 454 41.52 -2.12 -48.34
C LEU A 454 40.82 -2.97 -49.40
N HIS A 455 40.75 -4.30 -49.18
CA HIS A 455 40.07 -5.16 -50.14
C HIS A 455 38.58 -4.87 -50.17
N VAL A 456 37.95 -4.75 -49.01
CA VAL A 456 36.53 -4.43 -48.97
C VAL A 456 36.31 -2.97 -49.33
N ALA A 457 37.15 -2.08 -48.82
CA ALA A 457 37.05 -0.66 -49.15
C ALA A 457 37.08 -0.44 -50.65
N ALA A 458 37.92 -1.20 -51.36
CA ALA A 458 37.95 -1.13 -52.81
C ALA A 458 36.82 -1.93 -53.44
N ALA A 459 36.30 -2.94 -52.74
CA ALA A 459 35.21 -3.75 -53.28
C ALA A 459 33.93 -2.92 -53.41
N GLU A 460 33.51 -2.28 -52.32
CA GLU A 460 32.29 -1.49 -52.37
C GLU A 460 32.50 -0.15 -53.06
N GLY A 461 33.64 0.49 -52.81
CA GLY A 461 33.95 1.75 -53.46
C GLY A 461 33.81 2.95 -52.56
N HIS A 462 34.92 3.43 -52.02
CA HIS A 462 34.93 4.61 -51.17
C HIS A 462 36.30 5.27 -51.24
N VAL A 463 36.30 6.58 -51.53
CA VAL A 463 37.57 7.29 -51.69
C VAL A 463 38.20 7.60 -50.34
N GLU A 464 37.42 8.19 -49.43
CA GLU A 464 37.98 8.63 -48.15
C GLU A 464 38.61 7.48 -47.38
N VAL A 465 38.09 6.26 -47.53
CA VAL A 465 38.65 5.12 -46.83
C VAL A 465 40.09 4.89 -47.27
N VAL A 466 40.30 4.81 -48.59
CA VAL A 466 41.65 4.62 -49.12
C VAL A 466 42.52 5.82 -48.78
N LYS A 467 41.99 7.03 -48.95
CA LYS A 467 42.75 8.24 -48.70
C LYS A 467 43.26 8.28 -47.26
N PHE A 468 42.45 7.81 -46.31
CA PHE A 468 42.85 7.84 -44.91
C PHE A 468 43.72 6.65 -44.53
N LEU A 469 43.51 5.49 -45.15
CA LEU A 469 44.19 4.28 -44.72
C LEU A 469 45.55 4.10 -45.36
N LEU A 470 45.68 4.38 -46.67
CA LEU A 470 46.92 4.05 -47.37
C LEU A 470 48.10 4.83 -46.81
N GLU A 471 47.94 6.13 -46.61
CA GLU A 471 49.06 6.99 -46.26
C GLU A 471 49.25 7.18 -44.77
N ALA A 472 48.21 7.01 -43.96
CA ALA A 472 48.32 7.18 -42.52
C ALA A 472 48.53 5.88 -41.77
N CYS A 473 47.99 4.77 -42.26
CA CYS A 473 48.09 3.48 -41.58
C CYS A 473 49.08 2.54 -42.25
N LYS A 474 49.57 2.86 -43.45
CA LYS A 474 50.49 2.00 -44.19
C LYS A 474 49.81 0.67 -44.55
N VAL A 475 48.70 0.78 -45.28
CA VAL A 475 47.96 -0.37 -45.76
C VAL A 475 48.48 -0.73 -47.15
N ASN A 476 48.47 -2.03 -47.47
CA ASN A 476 49.15 -2.52 -48.66
C ASN A 476 48.14 -2.78 -49.78
N PRO A 477 48.39 -2.29 -51.01
CA PRO A 477 47.49 -2.63 -52.13
C PRO A 477 47.93 -3.88 -52.89
N PHE A 478 48.83 -4.67 -52.30
CA PHE A 478 49.41 -5.82 -52.97
C PHE A 478 48.77 -7.15 -52.59
N PRO A 479 48.66 -7.49 -51.28
CA PRO A 479 48.48 -8.90 -50.90
C PRO A 479 47.30 -9.59 -51.58
N LYS A 480 47.36 -10.92 -51.65
CA LYS A 480 46.38 -11.71 -52.37
C LYS A 480 45.23 -12.12 -51.46
N ASP A 481 44.21 -12.74 -52.07
CA ASP A 481 43.08 -13.28 -51.35
C ASP A 481 42.76 -14.65 -51.96
N ARG A 482 41.65 -15.25 -51.52
CA ARG A 482 41.34 -16.61 -51.90
C ARG A 482 40.68 -16.70 -53.28
N TRP A 483 40.16 -15.60 -53.80
CA TRP A 483 39.65 -15.54 -55.17
C TRP A 483 40.59 -14.82 -56.12
N ASN A 484 41.73 -14.34 -55.62
CA ASN A 484 42.79 -13.76 -56.46
C ASN A 484 42.33 -12.48 -57.13
N ASN A 485 41.75 -11.57 -56.33
CA ASN A 485 41.41 -10.23 -56.78
C ASN A 485 41.97 -9.25 -55.73
N THR A 486 43.10 -8.64 -56.06
CA THR A 486 43.80 -7.76 -55.14
C THR A 486 43.00 -6.47 -54.93
N PRO A 487 43.42 -5.62 -54.00
CA PRO A 487 42.63 -4.39 -53.74
C PRO A 487 42.28 -3.60 -54.98
N MET A 488 43.25 -3.40 -55.89
CA MET A 488 42.99 -2.64 -57.11
C MET A 488 42.23 -3.47 -58.14
N ASP A 489 42.23 -4.79 -58.02
CA ASP A 489 41.48 -5.62 -58.96
C ASP A 489 39.98 -5.41 -58.79
N GLU A 490 39.49 -5.41 -57.55
CA GLU A 490 38.06 -5.19 -57.31
C GLU A 490 37.64 -3.75 -57.58
N ALA A 491 38.59 -2.84 -57.79
CA ALA A 491 38.25 -1.47 -58.11
C ALA A 491 37.53 -1.38 -59.45
N LEU A 492 38.06 -2.07 -60.46
CA LEU A 492 37.49 -2.02 -61.81
C LEU A 492 36.84 -3.33 -62.24
N HIS A 493 37.12 -4.44 -61.56
CA HIS A 493 36.45 -5.70 -61.91
C HIS A 493 34.95 -5.59 -61.76
N PHE A 494 34.48 -4.67 -60.91
CA PHE A 494 33.05 -4.41 -60.74
C PHE A 494 32.62 -3.09 -61.35
N GLY A 495 33.51 -2.09 -61.43
CA GLY A 495 33.21 -0.86 -62.13
C GLY A 495 33.29 0.39 -61.28
N HIS A 496 34.47 0.67 -60.71
CA HIS A 496 34.72 1.91 -59.98
C HIS A 496 35.98 2.54 -60.55
N HIS A 497 35.86 3.78 -61.02
CA HIS A 497 36.99 4.44 -61.67
C HIS A 497 37.96 5.06 -60.67
N ASP A 498 37.43 5.73 -59.64
CA ASP A 498 38.28 6.48 -58.72
C ASP A 498 39.32 5.58 -58.07
N VAL A 499 38.86 4.45 -57.51
CA VAL A 499 39.78 3.55 -56.82
C VAL A 499 40.88 3.07 -57.77
N PHE A 500 40.52 2.81 -59.02
CA PHE A 500 41.48 2.40 -60.04
C PHE A 500 42.64 3.39 -60.19
N ILE A 502 43.39 5.74 -57.70
CA ILE A 502 44.15 5.96 -56.48
C ILE A 502 45.16 4.84 -56.29
N LEU A 503 44.67 3.60 -56.32
CA LEU A 503 45.55 2.45 -56.14
C LEU A 503 46.58 2.35 -57.26
N GLN A 504 46.34 2.97 -58.41
CA GLN A 504 47.36 3.01 -59.45
C GLN A 504 48.51 3.94 -59.05
N GLU A 505 48.20 5.03 -58.36
CA GLU A 505 49.22 6.00 -57.99
C GLU A 505 50.04 5.56 -56.78
N TYR A 506 49.52 4.64 -55.96
CA TYR A 506 50.23 4.23 -54.76
C TYR A 506 51.42 3.32 -55.06
N GLN A 507 51.72 3.03 -56.32
CA GLN A 507 52.88 2.26 -56.70
C GLN A 507 54.05 3.11 -57.18
N LEU B 3 46.13 10.65 -25.41
CA LEU B 3 46.48 11.66 -26.41
C LEU B 3 45.24 12.35 -26.96
N GLU B 4 44.93 13.51 -26.38
CA GLU B 4 43.80 14.31 -26.86
C GLU B 4 43.95 14.66 -28.34
N ASP B 5 45.18 14.66 -28.86
CA ASP B 5 45.40 14.91 -30.28
C ASP B 5 44.49 14.04 -31.15
N LEU B 6 44.22 12.82 -30.70
CA LEU B 6 43.44 11.88 -31.51
C LEU B 6 42.01 12.37 -31.70
N LEU B 7 41.39 12.87 -30.63
CA LEU B 7 40.04 13.42 -30.73
C LEU B 7 39.96 14.46 -31.85
N PHE B 8 40.93 15.36 -31.90
CA PHE B 8 40.96 16.40 -32.93
C PHE B 8 40.74 15.81 -34.31
N TYR B 9 41.59 14.85 -34.70
CA TYR B 9 41.43 14.23 -36.00
C TYR B 9 40.16 13.39 -36.09
N THR B 10 39.64 12.93 -34.96
CA THR B 10 38.38 12.19 -34.98
C THR B 10 37.22 13.08 -35.41
N ILE B 11 37.28 14.37 -35.08
CA ILE B 11 36.21 15.30 -35.44
C ILE B 11 36.50 16.00 -36.76
N ALA B 12 37.71 16.54 -36.91
CA ALA B 12 38.06 17.35 -38.07
C ALA B 12 38.12 16.54 -39.36
N GLU B 13 38.30 15.21 -39.26
CA GLU B 13 38.36 14.35 -40.44
C GLU B 13 39.58 14.70 -41.31
N GLY B 14 40.75 14.72 -40.67
CA GLY B 14 41.99 14.98 -41.38
C GLY B 14 42.08 16.35 -42.02
N GLN B 15 41.29 17.31 -41.57
CA GLN B 15 41.29 18.65 -42.12
C GLN B 15 42.12 19.57 -41.22
N GLU B 16 42.03 20.88 -41.47
CA GLU B 16 42.91 21.84 -40.82
C GLU B 16 42.41 22.21 -39.42
N LYS B 17 41.20 22.76 -39.34
CA LYS B 17 40.67 23.28 -38.10
C LYS B 17 39.24 22.80 -37.87
N ILE B 18 38.80 22.90 -36.63
CA ILE B 18 37.51 22.38 -36.19
C ILE B 18 36.52 23.54 -36.12
N PRO B 19 35.39 23.48 -36.83
CA PRO B 19 34.33 24.47 -36.60
C PRO B 19 33.48 24.05 -35.40
N VAL B 20 33.43 24.90 -34.38
CA VAL B 20 32.60 24.61 -33.21
C VAL B 20 31.18 24.28 -33.64
N HIS B 21 30.70 24.94 -34.70
CA HIS B 21 29.44 24.59 -35.35
C HIS B 21 29.26 23.08 -35.44
N LYS B 22 30.37 22.36 -35.64
CA LYS B 22 30.36 20.92 -35.77
C LYS B 22 30.73 20.20 -34.48
N PHE B 23 31.62 20.77 -33.67
CA PHE B 23 32.01 20.11 -32.43
C PHE B 23 30.85 20.01 -31.44
N ILE B 24 30.09 21.09 -31.28
CA ILE B 24 28.96 21.06 -30.38
C ILE B 24 27.82 20.23 -30.98
N THR B 25 27.49 20.48 -32.24
CA THR B 25 26.43 19.72 -32.90
C THR B 25 26.74 18.22 -32.91
N ALA B 26 28.02 17.84 -32.82
CA ALA B 26 28.38 16.43 -32.75
C ALA B 26 28.46 15.92 -31.31
N LEU B 27 28.77 16.79 -30.36
CA LEU B 27 28.74 16.40 -28.96
C LEU B 27 27.31 16.16 -28.48
N LYS B 28 26.34 16.89 -29.04
CA LYS B 28 24.95 16.72 -28.62
C LYS B 28 24.37 15.39 -29.08
N SER B 29 24.78 14.91 -30.25
CA SER B 29 24.29 13.62 -30.73
C SER B 29 24.75 12.47 -29.84
N THR B 30 25.78 12.69 -29.02
CA THR B 30 26.18 11.72 -28.00
C THR B 30 25.08 11.46 -26.99
N GLY B 31 24.05 12.30 -26.94
CA GLY B 31 23.05 12.26 -25.88
C GLY B 31 23.38 13.32 -24.85
N LEU B 32 24.65 13.39 -24.46
CA LEU B 32 25.11 14.46 -23.59
C LEU B 32 24.71 15.81 -24.15
N ARG B 33 24.47 16.77 -23.26
CA ARG B 33 24.08 18.11 -23.65
C ARG B 33 25.04 19.12 -23.05
N THR B 34 24.96 20.34 -23.58
CA THR B 34 25.96 21.36 -23.27
C THR B 34 26.12 21.58 -21.78
N SER B 35 25.03 21.53 -21.03
CA SER B 35 24.99 21.97 -19.63
C SER B 35 25.42 20.88 -18.66
N ASP B 36 26.41 20.06 -18.99
CA ASP B 36 26.87 19.03 -18.06
C ASP B 36 27.92 19.64 -17.15
N PRO B 37 27.70 19.71 -15.83
CA PRO B 37 28.71 20.33 -14.95
C PRO B 37 30.08 19.69 -15.01
N ARG B 38 30.19 18.48 -15.57
CA ARG B 38 31.51 17.90 -15.83
C ARG B 38 32.16 18.52 -17.06
N LEU B 39 31.40 19.19 -17.92
CA LEU B 39 31.92 19.84 -19.10
C LEU B 39 31.97 21.36 -18.95
N LYS B 40 32.19 21.84 -17.72
CA LYS B 40 32.33 23.29 -17.53
C LYS B 40 33.65 23.77 -18.09
N GLU B 41 34.76 23.18 -17.65
CA GLU B 41 36.06 23.60 -18.14
C GLU B 41 36.13 23.52 -19.66
N CYS B 42 35.59 22.45 -20.25
CA CYS B 42 35.63 22.29 -21.70
C CYS B 42 34.72 23.29 -22.42
N MET B 43 33.80 23.93 -21.71
CA MET B 43 33.00 24.99 -22.28
C MET B 43 33.58 26.38 -22.01
N ASP B 44 33.81 26.71 -20.73
CA ASP B 44 34.38 28.00 -20.39
C ASP B 44 35.66 28.27 -21.16
N MET B 45 36.54 27.27 -21.26
CA MET B 45 37.77 27.46 -22.03
C MET B 45 37.44 27.73 -23.48
N LEU B 46 36.55 26.94 -24.07
CA LEU B 46 36.14 27.16 -25.45
C LEU B 46 35.71 28.61 -25.63
N ARG B 47 34.60 28.99 -24.99
CA ARG B 47 34.13 30.37 -25.05
C ARG B 47 35.26 31.36 -24.76
N LEU B 48 36.23 30.96 -23.94
CA LEU B 48 37.34 31.85 -23.59
C LEU B 48 38.29 32.04 -24.76
N THR B 49 38.66 30.95 -25.43
CA THR B 49 39.64 31.03 -26.51
C THR B 49 39.02 31.32 -27.87
N LEU B 50 37.71 31.15 -28.02
CA LEU B 50 37.06 31.42 -29.29
C LEU B 50 36.96 32.92 -29.60
N GLN B 51 37.24 33.78 -28.62
CA GLN B 51 37.33 35.22 -28.86
C GLN B 51 38.78 35.70 -28.90
N THR B 52 39.73 34.77 -28.93
CA THR B 52 41.13 35.08 -29.19
C THR B 52 41.49 34.75 -30.63
N THR B 53 40.56 34.98 -31.55
CA THR B 53 40.73 34.66 -32.95
C THR B 53 40.07 35.73 -33.81
N SER B 54 40.55 35.86 -35.05
CA SER B 54 39.99 36.84 -35.97
C SER B 54 38.47 36.70 -36.06
N ASP B 55 38.00 35.46 -36.22
CA ASP B 55 36.58 35.14 -36.15
C ASP B 55 36.42 33.95 -35.22
N GLY B 56 35.41 34.02 -34.35
CA GLY B 56 35.20 32.97 -33.36
C GLY B 56 34.44 31.79 -33.92
N VAL B 57 35.14 30.80 -34.46
CA VAL B 57 34.48 29.60 -34.97
C VAL B 57 35.48 28.45 -35.07
N MET B 58 36.54 28.63 -35.86
CA MET B 58 37.45 27.53 -36.15
C MET B 58 38.47 27.38 -35.02
N LEU B 59 39.12 26.21 -34.99
CA LEU B 59 40.06 25.88 -33.92
C LEU B 59 41.15 24.97 -34.47
N ASP B 60 42.40 25.29 -34.15
CA ASP B 60 43.52 24.42 -34.45
C ASP B 60 43.63 23.32 -33.39
N LYS B 61 44.54 22.39 -33.63
CA LYS B 61 44.66 21.23 -32.74
C LYS B 61 45.21 21.62 -31.38
N ASP B 62 46.17 22.55 -31.35
CA ASP B 62 46.84 22.88 -30.09
C ASP B 62 45.83 23.41 -29.06
N LEU B 63 45.13 24.50 -29.40
CA LEU B 63 44.22 25.12 -28.46
C LEU B 63 43.08 24.18 -28.08
N PHE B 64 42.47 23.52 -29.07
CA PHE B 64 41.43 22.53 -28.80
C PHE B 64 41.91 21.52 -27.77
N LYS B 65 43.00 20.81 -28.09
CA LYS B 65 43.62 19.87 -27.17
C LYS B 65 43.74 20.44 -25.76
N LYS B 66 44.37 21.61 -25.65
CA LYS B 66 44.61 22.21 -24.35
C LYS B 66 43.37 22.86 -23.74
N CYS B 67 42.21 22.74 -24.40
CA CYS B 67 40.93 23.05 -23.77
C CYS B 67 40.27 21.79 -23.23
N VAL B 68 40.34 20.68 -23.97
CA VAL B 68 39.69 19.44 -23.53
C VAL B 68 40.54 18.61 -22.58
N GLN B 69 41.82 18.99 -22.38
CA GLN B 69 42.72 18.13 -21.62
C GLN B 69 42.25 17.87 -20.20
N SER B 70 41.32 18.67 -19.68
CA SER B 70 40.81 18.49 -18.32
C SER B 70 39.52 17.68 -18.27
N ASN B 71 38.71 17.72 -19.33
CA ASN B 71 37.47 16.94 -19.41
C ASN B 71 37.57 15.88 -20.49
N ILE B 72 38.69 15.18 -20.54
CA ILE B 72 38.93 14.22 -21.61
C ILE B 72 38.55 12.80 -21.21
N VAL B 73 38.76 12.42 -19.94
CA VAL B 73 38.46 11.05 -19.54
C VAL B 73 37.01 10.72 -19.82
N LEU B 74 36.13 11.72 -19.74
CA LEU B 74 34.73 11.53 -20.08
C LEU B 74 34.51 11.54 -21.58
N LEU B 75 35.01 12.57 -22.27
CA LEU B 75 34.80 12.68 -23.72
C LEU B 75 35.31 11.45 -24.45
N THR B 76 36.27 10.75 -23.87
CA THR B 76 36.78 9.50 -24.43
C THR B 76 35.62 8.52 -24.59
N GLN B 77 35.09 8.03 -23.47
CA GLN B 77 33.97 7.10 -23.53
C GLN B 77 32.75 7.72 -24.23
N ALA B 78 32.67 9.06 -24.25
CA ALA B 78 31.54 9.71 -24.91
C ALA B 78 31.59 9.48 -26.42
N PHE B 79 32.72 9.80 -27.05
CA PHE B 79 32.84 9.62 -28.49
C PHE B 79 33.24 8.21 -28.88
N ARG B 80 33.86 7.47 -27.96
CA ARG B 80 34.13 6.05 -28.20
C ARG B 80 32.86 5.22 -28.29
N ARG B 81 31.70 5.78 -27.98
CA ARG B 81 30.44 5.06 -27.88
C ARG B 81 30.45 4.09 -26.71
N LYS B 82 31.41 4.20 -25.80
CA LYS B 82 31.45 3.38 -24.60
C LYS B 82 30.34 3.73 -23.62
N LEU B 83 29.68 4.88 -23.79
CA LEU B 83 28.50 5.17 -22.99
C LEU B 83 27.53 4.00 -23.08
N VAL B 84 27.04 3.54 -21.93
CA VAL B 84 26.33 2.26 -21.86
C VAL B 84 25.16 2.19 -22.83
N ILE B 85 24.74 3.31 -23.41
CA ILE B 85 23.84 3.31 -24.55
C ILE B 85 24.56 3.96 -25.73
N PRO B 86 25.30 3.18 -26.54
CA PRO B 86 25.97 3.77 -27.70
C PRO B 86 25.03 4.57 -28.59
N ASP B 87 24.19 3.91 -29.36
CA ASP B 87 23.28 4.59 -30.27
C ASP B 87 22.16 5.21 -29.45
N PHE B 88 22.22 6.53 -29.27
CA PHE B 88 21.26 7.24 -28.44
C PHE B 88 20.22 8.00 -29.25
N MET B 89 20.51 8.34 -30.51
CA MET B 89 19.59 9.16 -31.30
C MET B 89 18.39 8.32 -31.78
N SER B 90 18.66 7.14 -32.35
CA SER B 90 17.55 6.28 -32.77
C SER B 90 16.80 5.71 -31.59
N PHE B 91 17.49 5.49 -30.47
CA PHE B 91 16.84 5.04 -29.24
C PHE B 91 15.85 6.09 -28.72
N THR B 92 16.26 7.37 -28.76
CA THR B 92 15.33 8.44 -28.43
C THR B 92 14.23 8.57 -29.48
N SER B 93 14.54 8.26 -30.74
CA SER B 93 13.49 8.21 -31.75
C SER B 93 12.50 7.08 -31.50
N HIS B 94 12.90 6.05 -30.76
CA HIS B 94 11.95 5.05 -30.25
C HIS B 94 11.14 5.63 -29.09
N ILE B 95 11.82 6.22 -28.11
CA ILE B 95 11.13 6.76 -26.95
C ILE B 95 10.03 7.73 -27.38
N ASP B 96 10.34 8.63 -28.32
CA ASP B 96 9.34 9.58 -28.80
C ASP B 96 8.11 8.84 -29.33
N GLU B 97 8.32 7.74 -30.04
CA GLU B 97 7.19 6.96 -30.55
C GLU B 97 6.40 6.35 -29.40
N LEU B 98 7.08 5.94 -28.32
CA LEU B 98 6.37 5.43 -27.16
C LEU B 98 5.53 6.53 -26.50
N TYR B 99 6.14 7.68 -26.24
CA TYR B 99 5.40 8.80 -25.67
C TYR B 99 4.20 9.18 -26.53
N GLU B 100 4.33 9.05 -27.86
CA GLU B 100 3.19 9.32 -28.73
C GLU B 100 2.13 8.23 -28.61
N SER B 101 2.55 6.98 -28.42
CA SER B 101 1.59 5.88 -28.30
C SER B 101 0.82 5.96 -26.99
N ALA B 102 1.49 6.35 -25.90
CA ALA B 102 0.85 6.40 -24.60
C ALA B 102 0.02 7.67 -24.43
N LYS B 103 0.39 8.76 -25.10
CA LYS B 103 -0.39 10.00 -25.04
C LYS B 103 -1.81 9.82 -25.54
N LYS B 104 -2.08 8.73 -26.26
CA LYS B 104 -3.44 8.49 -26.77
C LYS B 104 -4.45 8.35 -25.65
N GLN B 105 -4.03 7.87 -24.48
CA GLN B 105 -4.96 7.53 -23.40
C GLN B 105 -5.59 8.78 -22.79
N SER B 106 -6.72 9.20 -23.34
CA SER B 106 -7.48 10.33 -22.79
C SER B 106 -8.41 9.84 -21.69
N GLY B 107 -7.82 9.18 -20.69
CA GLY B 107 -8.59 8.57 -19.62
C GLY B 107 -7.95 8.84 -18.27
N GLY B 108 -8.65 8.40 -17.23
CA GLY B 108 -8.23 8.62 -15.87
C GLY B 108 -8.98 9.77 -15.22
N LYS B 109 -8.64 10.03 -13.97
CA LYS B 109 -9.21 11.14 -13.22
C LYS B 109 -8.10 11.94 -12.56
N VAL B 110 -8.29 13.25 -12.48
CA VAL B 110 -7.30 14.14 -11.91
C VAL B 110 -7.40 14.10 -10.40
N ALA B 111 -6.25 14.07 -9.73
CA ALA B 111 -6.23 14.10 -8.26
C ALA B 111 -6.92 15.35 -7.76
N ASP B 112 -8.25 15.30 -7.63
CA ASP B 112 -9.05 16.48 -7.30
C ASP B 112 -9.52 16.47 -5.84
N TYR B 113 -8.79 15.81 -4.95
CA TYR B 113 -9.13 15.86 -3.54
C TYR B 113 -8.58 17.11 -2.86
N ILE B 114 -8.01 18.03 -3.64
CA ILE B 114 -7.66 19.37 -3.20
C ILE B 114 -7.77 20.29 -4.42
N PRO B 115 -7.91 21.60 -4.25
CA PRO B 115 -7.93 22.50 -5.41
C PRO B 115 -6.59 22.67 -6.07
N GLN B 116 -5.50 22.25 -5.42
CA GLN B 116 -4.16 22.45 -5.97
C GLN B 116 -3.87 21.47 -7.08
N LEU B 117 -4.05 20.17 -6.81
CA LEU B 117 -3.80 19.14 -7.81
C LEU B 117 -4.91 19.08 -8.87
N ALA B 118 -6.03 19.76 -8.65
CA ALA B 118 -7.07 19.85 -9.67
C ALA B 118 -6.74 20.88 -10.75
N LYS B 119 -5.74 21.73 -10.51
CA LYS B 119 -5.34 22.70 -11.53
C LYS B 119 -4.64 22.02 -12.70
N PHE B 120 -3.75 21.08 -12.40
CA PHE B 120 -3.02 20.37 -13.45
C PHE B 120 -4.00 19.76 -14.45
N SER B 121 -3.93 20.22 -15.70
CA SER B 121 -4.89 19.82 -16.70
C SER B 121 -4.74 18.33 -17.01
N PRO B 122 -5.82 17.67 -17.47
CA PRO B 122 -5.68 16.24 -17.83
C PRO B 122 -4.81 16.01 -19.04
N ASP B 123 -4.78 16.94 -19.99
CA ASP B 123 -4.00 16.77 -21.22
C ASP B 123 -2.55 17.20 -21.05
N LEU B 124 -1.92 16.87 -19.93
CA LEU B 124 -0.50 17.14 -19.71
C LEU B 124 0.22 15.82 -19.51
N TRP B 125 1.24 15.58 -20.32
CA TRP B 125 1.91 14.28 -20.37
C TRP B 125 3.38 14.51 -20.70
N GLY B 126 4.27 14.05 -19.83
CA GLY B 126 5.68 14.32 -19.99
C GLY B 126 6.55 13.11 -19.72
N VAL B 127 7.71 13.08 -20.36
CA VAL B 127 8.70 12.03 -20.17
C VAL B 127 10.10 12.63 -20.15
N SER B 128 10.93 12.16 -19.23
CA SER B 128 12.32 12.59 -19.12
C SER B 128 13.20 11.38 -18.85
N VAL B 129 14.45 11.45 -19.32
CA VAL B 129 15.37 10.33 -19.31
C VAL B 129 16.77 10.84 -19.02
N CYS B 130 17.43 10.22 -18.04
CA CYS B 130 18.83 10.48 -17.74
C CYS B 130 19.53 9.15 -17.56
N THR B 131 20.78 9.07 -18.01
CA THR B 131 21.54 7.83 -17.98
C THR B 131 22.65 7.93 -16.93
N VAL B 132 23.09 6.77 -16.46
CA VAL B 132 24.18 6.72 -15.49
C VAL B 132 25.43 7.39 -16.04
N ASP B 133 25.52 7.54 -17.36
CA ASP B 133 26.66 8.21 -17.99
C ASP B 133 26.41 9.69 -18.28
N GLY B 134 25.17 10.15 -18.14
CA GLY B 134 24.81 11.53 -18.44
C GLY B 134 23.94 11.69 -19.66
N GLN B 135 23.73 10.63 -20.44
CA GLN B 135 22.90 10.72 -21.63
C GLN B 135 21.48 11.11 -21.23
N ARG B 136 21.02 12.26 -21.71
CA ARG B 136 19.74 12.82 -21.29
C ARG B 136 18.89 13.15 -22.50
N HIS B 137 17.61 12.80 -22.43
CA HIS B 137 16.64 13.16 -23.46
C HIS B 137 15.27 13.26 -22.82
N SER B 138 14.49 14.26 -23.26
CA SER B 138 13.19 14.51 -22.67
C SER B 138 12.23 15.00 -23.75
N THR B 139 10.97 14.61 -23.63
CA THR B 139 9.95 15.03 -24.57
C THR B 139 8.61 15.13 -23.86
N GLY B 140 7.80 16.08 -24.29
CA GLY B 140 6.51 16.33 -23.68
C GLY B 140 6.54 17.52 -22.74
N ASP B 141 5.57 17.53 -21.82
CA ASP B 141 5.50 18.54 -20.78
C ASP B 141 6.47 18.19 -19.64
N THR B 142 7.76 18.20 -19.98
CA THR B 142 8.80 17.72 -19.09
C THR B 142 9.30 18.79 -18.14
N LYS B 143 9.36 20.04 -18.61
CA LYS B 143 9.93 21.13 -17.82
C LYS B 143 8.93 21.75 -16.86
N VAL B 144 7.69 21.29 -16.84
CA VAL B 144 6.68 21.85 -15.94
C VAL B 144 6.91 21.27 -14.54
N PRO B 145 6.89 22.10 -13.49
CA PRO B 145 7.01 21.56 -12.14
C PRO B 145 5.68 21.02 -11.62
N PHE B 146 5.79 20.02 -10.76
CA PHE B 146 4.61 19.43 -10.15
C PHE B 146 4.99 18.89 -8.77
N CYS B 147 3.98 18.75 -7.92
CA CYS B 147 4.21 18.27 -6.57
C CYS B 147 4.71 16.83 -6.61
N LEU B 148 5.78 16.56 -5.86
CA LEU B 148 6.44 15.26 -5.91
C LEU B 148 5.53 14.16 -5.40
N GLN B 149 4.92 14.35 -4.23
CA GLN B 149 3.99 13.39 -3.65
C GLN B 149 4.67 12.05 -3.40
N SER B 150 3.88 11.02 -3.13
CA SER B 150 4.35 9.73 -2.63
C SER B 150 5.71 9.29 -3.18
N CYS B 151 6.04 9.68 -4.42
CA CYS B 151 7.33 9.29 -4.99
C CYS B 151 8.51 9.64 -4.09
N VAL B 152 8.30 10.51 -3.11
CA VAL B 152 9.34 10.96 -2.21
C VAL B 152 9.82 9.84 -1.30
N LYS B 153 8.94 8.91 -0.94
CA LYS B 153 9.22 8.01 0.17
C LYS B 153 10.55 7.28 0.08
N PRO B 154 10.97 6.74 -1.07
CA PRO B 154 12.24 5.99 -1.09
C PRO B 154 13.42 6.82 -0.62
N LEU B 155 13.53 8.05 -1.12
CA LEU B 155 14.71 8.89 -0.87
C LEU B 155 15.05 8.92 0.61
N LYS B 156 14.10 9.37 1.45
CA LYS B 156 14.33 9.42 2.88
C LYS B 156 14.94 8.12 3.38
N TYR B 157 14.28 7.00 3.10
CA TYR B 157 14.80 5.70 3.49
C TYR B 157 16.29 5.62 3.19
N ALA B 158 16.63 5.77 1.90
CA ALA B 158 18.03 5.78 1.50
C ALA B 158 18.85 6.71 2.39
N ILE B 159 18.43 7.98 2.46
CA ILE B 159 19.14 8.96 3.28
C ILE B 159 19.37 8.39 4.67
N ALA B 160 18.31 7.91 5.32
CA ALA B 160 18.45 7.35 6.65
C ALA B 160 19.50 6.24 6.65
N VAL B 161 19.35 5.27 5.76
CA VAL B 161 20.30 4.16 5.69
C VAL B 161 21.68 4.70 5.36
N ASN B 162 21.76 5.77 4.58
CA ASN B 162 23.04 6.34 4.21
C ASN B 162 23.78 6.88 5.43
N ASP B 163 23.04 7.31 6.45
CA ASP B 163 23.66 7.97 7.60
C ASP B 163 24.04 6.96 8.69
N LEU B 164 23.04 6.31 9.29
CA LEU B 164 23.26 5.46 10.45
C LEU B 164 23.11 3.97 10.14
N GLY B 165 22.97 3.60 8.87
CA GLY B 165 22.98 2.20 8.47
C GLY B 165 21.58 1.60 8.43
N THR B 166 21.49 0.44 7.79
CA THR B 166 20.21 -0.25 7.63
C THR B 166 19.77 -0.91 8.92
N GLU B 167 20.72 -1.55 9.63
CA GLU B 167 20.39 -2.26 10.86
C GLU B 167 19.64 -1.36 11.84
N TYR B 168 20.16 -0.15 12.06
CA TYR B 168 19.48 0.79 12.95
C TYR B 168 18.08 1.12 12.44
N VAL B 169 17.98 1.44 11.15
CA VAL B 169 16.71 1.92 10.60
C VAL B 169 15.62 0.87 10.77
N HIS B 170 15.92 -0.36 10.38
CA HIS B 170 14.88 -1.39 10.35
C HIS B 170 14.57 -1.96 11.74
N ARG B 171 15.04 -1.31 12.80
CA ARG B 171 14.44 -1.51 14.12
C ARG B 171 13.07 -0.85 14.21
N TYR B 172 12.71 -0.02 13.23
CA TYR B 172 11.53 0.82 13.29
C TYR B 172 10.53 0.57 12.17
N VAL B 173 10.97 0.05 11.02
CA VAL B 173 10.08 -0.24 9.90
C VAL B 173 10.36 -1.64 9.39
N GLY B 174 9.37 -2.20 8.68
CA GLY B 174 9.51 -3.49 8.07
C GLY B 174 10.11 -3.42 6.68
N LYS B 175 10.55 -4.57 6.19
CA LYS B 175 11.24 -4.68 4.92
C LYS B 175 10.47 -5.52 3.90
N GLU B 176 9.23 -5.93 4.22
CA GLU B 176 8.45 -6.76 3.33
C GLU B 176 7.19 -6.01 2.93
N PRO B 177 6.43 -6.51 1.95
CA PRO B 177 5.13 -5.91 1.64
C PRO B 177 4.06 -6.41 2.60
N SER B 178 2.83 -5.96 2.36
CA SER B 178 1.70 -6.28 3.24
C SER B 178 0.70 -7.23 2.60
N GLY B 179 0.36 -7.02 1.34
CA GLY B 179 -0.62 -7.85 0.65
C GLY B 179 -1.82 -7.04 0.20
N LEU B 180 -2.67 -7.72 -0.59
CA LEU B 180 -3.89 -7.09 -1.08
C LEU B 180 -4.81 -6.69 0.07
N ARG B 181 -5.19 -7.66 0.89
CA ARG B 181 -5.80 -7.38 2.17
C ARG B 181 -4.73 -7.44 3.25
N PHE B 182 -5.12 -7.23 4.50
CA PHE B 182 -4.16 -6.85 5.54
C PHE B 182 -3.42 -5.58 5.12
N ASN B 183 -4.09 -4.78 4.30
CA ASN B 183 -3.51 -3.64 3.61
C ASN B 183 -3.72 -2.32 4.35
N LYS B 184 -4.92 -2.10 4.89
CA LYS B 184 -5.17 -0.90 5.68
C LYS B 184 -4.55 -1.00 7.06
N LEU B 185 -4.05 -2.17 7.46
CA LEU B 185 -3.41 -2.34 8.76
C LEU B 185 -2.23 -1.40 8.89
N PHE B 186 -2.15 -0.70 10.01
CA PHE B 186 -1.11 0.30 10.26
C PHE B 186 0.16 -0.29 10.85
N LEU B 187 0.20 -1.58 11.15
CA LEU B 187 1.38 -2.15 11.78
C LEU B 187 1.55 -3.61 11.38
N ASN B 188 2.70 -4.16 11.76
CA ASN B 188 3.05 -5.55 11.57
C ASN B 188 3.06 -6.25 12.92
N GLU B 189 3.12 -7.58 12.88
CA GLU B 189 3.09 -8.36 14.11
C GLU B 189 4.12 -7.87 15.12
N ASP B 190 5.23 -7.30 14.65
CA ASP B 190 6.25 -6.75 15.53
C ASP B 190 5.98 -5.29 15.89
N ASP B 191 4.74 -4.83 15.74
CA ASP B 191 4.36 -3.47 16.12
C ASP B 191 5.16 -2.43 15.35
N LYS B 192 5.37 -2.69 14.06
CA LYS B 192 6.04 -1.78 13.16
C LYS B 192 5.25 -1.73 11.87
N PRO B 193 5.35 -0.65 11.11
CA PRO B 193 4.67 -0.61 9.81
C PRO B 193 5.31 -1.57 8.82
N HIS B 194 4.61 -1.79 7.72
CA HIS B 194 4.99 -2.86 6.80
C HIS B 194 6.22 -2.51 5.98
N ASN B 195 6.35 -1.27 5.54
CA ASN B 195 7.47 -0.87 4.71
C ASN B 195 7.44 0.65 4.55
N PRO B 196 8.59 1.26 4.25
CA PRO B 196 8.61 2.72 4.02
C PRO B 196 7.85 3.18 2.79
N MET B 197 7.37 2.28 1.93
CA MET B 197 6.63 2.70 0.75
C MET B 197 5.19 3.11 1.04
N VAL B 198 4.72 2.91 2.27
CA VAL B 198 3.37 3.30 2.66
C VAL B 198 3.45 4.47 3.63
N ASN B 199 2.34 5.18 3.76
CA ASN B 199 2.32 6.41 4.55
C ASN B 199 2.86 6.19 5.96
N ALA B 200 2.41 5.11 6.61
CA ALA B 200 2.88 4.80 7.96
C ALA B 200 4.40 4.66 7.99
N GLY B 201 4.94 3.82 7.11
CA GLY B 201 6.39 3.63 7.07
C GLY B 201 7.13 4.93 6.84
N ALA B 202 6.65 5.75 5.90
CA ALA B 202 7.31 7.02 5.62
C ALA B 202 7.26 7.94 6.84
N ILE B 203 6.19 7.86 7.63
CA ILE B 203 6.10 8.65 8.85
C ILE B 203 7.13 8.17 9.87
N VAL B 204 7.32 6.86 9.97
CA VAL B 204 8.36 6.35 10.87
C VAL B 204 9.73 6.80 10.38
N VAL B 205 9.93 6.81 9.07
CA VAL B 205 11.20 7.27 8.50
C VAL B 205 11.46 8.73 8.87
N THR B 206 10.46 9.58 8.64
CA THR B 206 10.61 11.01 8.88
C THR B 206 11.11 11.32 10.29
N SER B 207 10.87 10.43 11.26
CA SER B 207 11.34 10.63 12.62
C SER B 207 12.81 10.28 12.80
N LEU B 208 13.49 9.83 11.74
CA LEU B 208 14.89 9.45 11.83
C LEU B 208 15.84 10.49 11.24
N ILE B 209 15.38 11.26 10.26
CA ILE B 209 16.24 12.25 9.61
C ILE B 209 16.69 13.28 10.64
N LYS B 210 18.00 13.37 10.84
CA LYS B 210 18.58 14.35 11.75
C LYS B 210 17.87 14.37 13.09
N GLN B 211 18.29 13.50 14.00
CA GLN B 211 17.74 13.44 15.35
C GLN B 211 18.49 14.46 16.21
N GLY B 212 17.83 15.58 16.52
CA GLY B 212 18.41 16.59 17.38
C GLY B 212 18.35 17.99 16.82
N VAL B 213 17.50 18.21 15.82
CA VAL B 213 17.34 19.53 15.22
C VAL B 213 15.86 19.83 15.06
N ASN B 214 15.53 20.86 14.27
CA ASN B 214 14.16 21.33 14.13
C ASN B 214 13.65 21.07 12.72
N ASN B 215 12.34 21.31 12.54
CA ASN B 215 11.66 21.00 11.28
C ASN B 215 12.04 21.94 10.14
N ALA B 216 12.81 22.99 10.41
CA ALA B 216 13.36 23.84 9.35
C ALA B 216 14.78 23.46 8.97
N GLU B 217 15.58 22.98 9.93
CA GLU B 217 16.92 22.50 9.62
C GLU B 217 16.87 21.12 8.97
N LYS B 218 15.91 20.29 9.34
CA LYS B 218 15.74 19.00 8.65
C LYS B 218 15.35 19.24 7.20
N PHE B 219 14.40 20.14 6.96
CA PHE B 219 14.05 20.52 5.60
C PHE B 219 15.30 20.85 4.79
N ASP B 220 16.22 21.61 5.40
CA ASP B 220 17.47 21.96 4.72
C ASP B 220 18.31 20.72 4.46
N TYR B 221 18.53 19.89 5.49
CA TYR B 221 19.33 18.68 5.30
C TYR B 221 18.76 17.82 4.19
N VAL B 222 17.45 17.90 3.95
CA VAL B 222 16.84 17.18 2.84
C VAL B 222 17.18 17.86 1.53
N MET B 223 16.89 19.16 1.43
CA MET B 223 17.15 19.87 0.18
C MET B 223 18.60 19.73 -0.25
N GLN B 224 19.53 19.57 0.70
CA GLN B 224 20.90 19.23 0.36
C GLN B 224 20.93 17.99 -0.52
N PHE B 225 20.49 16.85 0.02
CA PHE B 225 20.58 15.59 -0.71
C PHE B 225 19.78 15.64 -2.00
N LEU B 226 18.65 16.34 -2.00
CA LEU B 226 17.83 16.38 -3.22
C LEU B 226 18.49 17.23 -4.30
N ASN B 227 19.22 18.28 -3.92
CA ASN B 227 19.97 19.04 -4.92
C ASN B 227 21.20 18.27 -5.39
N LYS B 228 21.83 17.50 -4.50
CA LYS B 228 22.97 16.68 -4.91
C LYS B 228 22.54 15.63 -5.93
N MET B 229 21.50 14.86 -5.60
CA MET B 229 21.08 13.76 -6.46
C MET B 229 20.59 14.24 -7.81
N ALA B 230 19.98 15.43 -7.86
CA ALA B 230 19.47 15.99 -9.10
C ALA B 230 20.50 16.84 -9.82
N GLY B 231 21.74 16.85 -9.35
CA GLY B 231 22.75 17.69 -9.97
C GLY B 231 22.38 19.16 -9.96
N ASN B 232 21.85 19.63 -8.83
CA ASN B 232 21.46 21.04 -8.69
C ASN B 232 20.44 21.46 -9.73
N GLU B 233 19.64 20.52 -10.22
CA GLU B 233 18.51 20.84 -11.09
C GLU B 233 17.40 21.44 -10.23
N TYR B 234 16.19 21.53 -10.78
CA TYR B 234 15.09 22.17 -10.05
C TYR B 234 14.67 21.31 -8.88
N VAL B 235 14.92 21.80 -7.67
CA VAL B 235 14.41 21.22 -6.43
C VAL B 235 13.63 22.32 -5.74
N GLY B 236 12.30 22.30 -5.90
CA GLY B 236 11.45 23.37 -5.45
C GLY B 236 10.59 22.99 -4.26
N PHE B 237 9.54 23.78 -4.04
CA PHE B 237 8.65 23.59 -2.90
C PHE B 237 7.38 24.38 -3.14
N SER B 238 6.24 23.79 -2.76
CA SER B 238 4.93 24.43 -2.87
C SER B 238 4.30 24.43 -1.49
N ASN B 239 4.23 25.60 -0.87
CA ASN B 239 3.64 25.72 0.46
C ASN B 239 2.12 25.60 0.39
N ALA B 240 1.51 26.12 -0.67
CA ALA B 240 0.06 26.06 -0.81
C ALA B 240 -0.45 24.63 -0.77
N THR B 241 0.16 23.75 -1.56
CA THR B 241 -0.22 22.34 -1.52
C THR B 241 0.12 21.70 -0.18
N PHE B 242 1.14 22.20 0.50
CA PHE B 242 1.49 21.69 1.81
C PHE B 242 0.34 21.90 2.79
N GLN B 243 -0.07 23.16 2.99
CA GLN B 243 -1.17 23.42 3.91
C GLN B 243 -2.49 22.81 3.41
N SER B 244 -2.75 22.93 2.11
CA SER B 244 -3.99 22.37 1.55
C SER B 244 -4.11 20.89 1.84
N GLU B 245 -3.03 20.13 1.60
CA GLU B 245 -3.01 18.70 1.90
C GLU B 245 -2.87 18.41 3.39
N ARG B 246 -2.60 19.42 4.22
CA ARG B 246 -2.66 19.20 5.65
C ARG B 246 -4.08 19.36 6.20
N GLU B 247 -4.88 20.26 5.61
CA GLU B 247 -6.24 20.45 6.10
C GLU B 247 -7.17 19.31 5.69
N SER B 248 -7.00 18.78 4.47
CA SER B 248 -7.89 17.75 3.93
C SER B 248 -7.17 16.41 3.77
N GLY B 249 -6.03 16.22 4.44
CA GLY B 249 -5.34 14.94 4.42
C GLY B 249 -5.76 14.10 5.60
N ASP B 250 -5.26 14.47 6.78
CA ASP B 250 -5.87 14.07 8.04
C ASP B 250 -5.55 12.63 8.46
N ARG B 251 -5.59 11.67 7.53
CA ARG B 251 -5.40 10.27 7.92
C ARG B 251 -4.09 10.07 8.66
N ASN B 252 -3.02 10.72 8.20
CA ASN B 252 -1.74 10.62 8.87
C ASN B 252 -1.79 11.17 10.29
N PHE B 253 -2.87 11.86 10.66
CA PHE B 253 -3.11 12.18 12.07
C PHE B 253 -3.35 10.90 12.86
N ALA B 254 -4.35 10.11 12.44
CA ALA B 254 -4.59 8.83 13.09
C ALA B 254 -3.34 7.97 13.07
N ILE B 255 -2.76 7.80 11.89
CA ILE B 255 -1.54 7.00 11.78
C ILE B 255 -0.52 7.48 12.80
N GLY B 256 -0.30 8.79 12.83
CA GLY B 256 0.62 9.40 13.76
C GLY B 256 0.37 9.01 15.19
N TYR B 257 -0.82 9.31 15.71
CA TYR B 257 -1.08 9.07 17.12
C TYR B 257 -1.00 7.59 17.45
N TYR B 258 -1.55 6.73 16.60
CA TYR B 258 -1.43 5.29 16.84
C TYR B 258 0.03 4.91 17.01
N LEU B 259 0.89 5.38 16.10
CA LEU B 259 2.32 5.15 16.25
C LEU B 259 2.85 5.75 17.54
N LYS B 260 2.27 6.87 17.97
CA LYS B 260 2.70 7.51 19.21
C LYS B 260 2.51 6.57 20.39
N GLU B 261 1.40 5.84 20.42
CA GLU B 261 1.12 5.01 21.59
C GLU B 261 1.91 3.71 21.59
N LYS B 262 2.31 3.20 20.43
CA LYS B 262 2.88 1.86 20.33
C LYS B 262 4.41 1.86 20.21
N LYS B 263 5.08 2.82 20.82
CA LYS B 263 6.55 2.84 20.86
C LYS B 263 7.16 2.85 19.46
N CYS B 264 6.44 3.42 18.49
CA CYS B 264 6.86 3.34 17.10
C CYS B 264 7.75 4.50 16.67
N PHE B 265 8.19 5.34 17.61
CA PHE B 265 9.10 6.42 17.27
C PHE B 265 10.36 6.35 18.13
N PRO B 266 11.47 6.92 17.68
CA PRO B 266 12.69 6.89 18.49
C PRO B 266 12.52 7.68 19.77
N GLU B 267 13.44 7.45 20.70
CA GLU B 267 13.34 8.04 22.03
C GLU B 267 13.28 9.57 21.95
N GLY B 268 12.31 10.15 22.65
CA GLY B 268 12.18 11.59 22.70
C GLY B 268 11.82 12.20 21.36
N THR B 269 10.76 11.71 20.74
CA THR B 269 10.30 12.20 19.45
C THR B 269 8.95 12.90 19.60
N ASP B 270 8.78 14.01 18.89
CA ASP B 270 7.51 14.70 18.83
C ASP B 270 6.65 14.14 17.72
N MET B 271 5.34 14.22 17.90
CA MET B 271 4.40 13.66 16.92
C MET B 271 4.02 14.69 15.85
N VAL B 272 3.38 15.78 16.27
CA VAL B 272 2.81 16.71 15.29
C VAL B 272 3.90 17.35 14.46
N GLY B 273 5.06 17.63 15.07
CA GLY B 273 6.15 18.23 14.32
C GLY B 273 6.66 17.32 13.23
N ILE B 274 6.98 16.08 13.57
CA ILE B 274 7.49 15.14 12.57
C ILE B 274 6.44 14.92 11.48
N LEU B 275 5.17 14.91 11.86
CA LEU B 275 4.10 14.80 10.87
C LEU B 275 4.13 15.98 9.91
N ASP B 276 4.22 17.20 10.44
CA ASP B 276 4.33 18.38 9.59
C ASP B 276 5.52 18.26 8.66
N PHE B 277 6.64 17.74 9.16
CA PHE B 277 7.81 17.51 8.30
C PHE B 277 7.45 16.58 7.15
N TYR B 278 6.75 15.48 7.46
CA TYR B 278 6.29 14.56 6.43
C TYR B 278 5.48 15.30 5.36
N PHE B 279 4.53 16.15 5.79
CA PHE B 279 3.79 16.96 4.83
C PHE B 279 4.74 17.79 3.96
N GLN B 280 5.61 18.57 4.60
CA GLN B 280 6.56 19.40 3.88
C GLN B 280 7.26 18.61 2.78
N LEU B 281 7.82 17.45 3.13
CA LEU B 281 8.51 16.64 2.13
C LEU B 281 7.56 16.22 1.02
N CYS B 282 6.39 15.70 1.36
CA CYS B 282 5.48 15.20 0.34
C CYS B 282 4.90 16.30 -0.53
N SER B 283 5.13 17.56 -0.20
CA SER B 283 4.61 18.68 -0.98
C SER B 283 5.71 19.40 -1.77
N ILE B 284 6.76 18.67 -2.17
CA ILE B 284 7.91 19.24 -2.87
C ILE B 284 7.61 19.32 -4.36
N GLU B 285 8.21 20.31 -5.02
CA GLU B 285 8.08 20.50 -6.45
C GLU B 285 9.33 20.03 -7.16
N VAL B 286 9.14 19.31 -8.27
CA VAL B 286 10.22 18.93 -9.18
C VAL B 286 9.65 18.86 -10.59
N THR B 287 10.55 18.80 -11.57
CA THR B 287 10.18 18.64 -12.96
C THR B 287 10.71 17.30 -13.47
N CYS B 288 10.13 16.85 -14.59
CA CYS B 288 10.45 15.53 -15.13
C CYS B 288 11.95 15.34 -15.31
N GLU B 289 12.65 16.39 -15.77
CA GLU B 289 14.08 16.28 -15.98
C GLU B 289 14.81 16.00 -14.68
N SER B 290 14.69 16.92 -13.71
CA SER B 290 15.32 16.71 -12.41
C SER B 290 14.99 15.33 -11.87
N ALA B 291 13.71 14.98 -11.86
CA ALA B 291 13.30 13.66 -11.37
C ALA B 291 14.06 12.55 -12.09
N SER B 292 14.25 12.69 -13.41
CA SER B 292 15.00 11.68 -14.15
C SER B 292 16.42 11.59 -13.64
N VAL B 293 17.07 12.73 -13.40
CA VAL B 293 18.42 12.73 -12.85
C VAL B 293 18.44 11.97 -11.52
N MET B 294 17.48 12.27 -10.65
CA MET B 294 17.44 11.64 -9.33
C MET B 294 17.27 10.13 -9.48
N ALA B 295 16.32 9.71 -10.32
CA ALA B 295 16.10 8.28 -10.53
C ALA B 295 17.37 7.60 -11.02
N ALA B 296 18.06 8.22 -11.97
CA ALA B 296 19.30 7.64 -12.48
C ALA B 296 20.37 7.59 -11.39
N THR B 297 20.34 8.53 -10.45
CA THR B 297 21.34 8.53 -9.38
C THR B 297 21.37 7.20 -8.65
N LEU B 298 20.23 6.53 -8.54
CA LEU B 298 20.19 5.24 -7.87
C LEU B 298 20.66 4.12 -8.80
N ALA B 299 20.34 4.21 -10.09
CA ALA B 299 20.81 3.22 -11.04
C ALA B 299 22.33 3.16 -11.09
N ASN B 300 22.98 4.30 -10.84
CA ASN B 300 24.44 4.39 -10.90
C ASN B 300 25.09 4.02 -9.57
N GLY B 301 24.33 3.59 -8.58
CA GLY B 301 24.91 3.16 -7.32
C GLY B 301 25.31 4.28 -6.39
N GLY B 302 24.53 5.35 -6.33
CA GLY B 302 24.82 6.46 -5.43
C GLY B 302 25.52 7.61 -6.11
N PHE B 303 26.40 7.30 -7.07
CA PHE B 303 27.15 8.34 -7.76
C PHE B 303 26.24 9.10 -8.72
N CYS B 304 26.22 10.42 -8.58
CA CYS B 304 25.32 11.21 -9.40
C CYS B 304 25.74 11.14 -10.86
N PRO B 305 24.79 11.06 -11.80
CA PRO B 305 25.19 10.89 -13.21
C PRO B 305 25.84 12.13 -13.81
N ILE B 306 25.36 13.33 -13.49
CA ILE B 306 25.84 14.54 -14.13
C ILE B 306 26.78 15.31 -13.21
N THR B 307 27.50 14.60 -12.33
CA THR B 307 28.54 15.23 -11.53
C THR B 307 29.67 14.25 -11.28
N GLY B 308 29.37 13.15 -10.59
CA GLY B 308 30.40 12.21 -10.19
C GLY B 308 30.70 12.31 -8.71
N GLU B 309 29.64 12.38 -7.90
CA GLU B 309 29.74 12.51 -6.45
C GLU B 309 29.02 11.36 -5.79
N ARG B 310 29.68 10.73 -4.82
CA ARG B 310 29.04 9.68 -4.04
C ARG B 310 28.05 10.31 -3.06
N VAL B 311 26.80 10.46 -3.49
CA VAL B 311 25.81 11.14 -2.67
C VAL B 311 25.31 10.23 -1.56
N LEU B 312 24.90 9.01 -1.91
CA LEU B 312 24.33 8.06 -0.97
C LEU B 312 25.20 6.82 -0.87
N SER B 313 25.21 6.21 0.30
CA SER B 313 25.92 4.96 0.47
C SER B 313 25.27 3.90 -0.42
N PRO B 314 26.04 3.20 -1.27
CA PRO B 314 25.41 2.27 -2.22
C PRO B 314 24.44 1.27 -1.57
N GLU B 315 24.78 0.73 -0.39
CA GLU B 315 23.90 -0.23 0.25
C GLU B 315 22.47 0.30 0.33
N ALA B 316 22.33 1.56 0.75
CA ALA B 316 21.01 2.18 0.81
C ALA B 316 20.36 2.20 -0.57
N VAL B 317 21.16 2.44 -1.61
CA VAL B 317 20.63 2.42 -2.97
C VAL B 317 20.02 1.05 -3.27
N ARG B 318 20.77 -0.01 -2.97
CA ARG B 318 20.28 -1.36 -3.22
C ARG B 318 18.98 -1.62 -2.47
N ASN B 319 19.01 -1.45 -1.14
CA ASN B 319 17.81 -1.69 -0.35
C ASN B 319 16.62 -0.93 -0.92
N THR B 320 16.79 0.37 -1.16
CA THR B 320 15.73 1.17 -1.75
C THR B 320 15.22 0.55 -3.04
N LEU B 321 16.13 0.05 -3.88
CA LEU B 321 15.70 -0.51 -5.16
C LEU B 321 14.86 -1.76 -4.95
N SER B 322 15.28 -2.64 -4.05
CA SER B 322 14.48 -3.84 -3.78
C SER B 322 13.09 -3.46 -3.27
N LEU B 323 13.03 -2.56 -2.28
CA LEU B 323 11.74 -2.16 -1.73
C LEU B 323 10.89 -1.46 -2.79
N MET B 324 11.52 -0.88 -3.80
CA MET B 324 10.75 -0.31 -4.90
C MET B 324 10.25 -1.39 -5.86
N HIS B 325 11.00 -2.50 -5.97
CA HIS B 325 10.51 -3.64 -6.74
C HIS B 325 9.28 -4.23 -6.08
N SER B 326 9.42 -4.70 -4.83
CA SER B 326 8.35 -5.44 -4.20
C SER B 326 7.25 -4.53 -3.67
N CYS B 327 7.62 -3.51 -2.89
CA CYS B 327 6.67 -2.64 -2.20
C CYS B 327 6.48 -1.31 -2.91
N GLY B 328 6.94 -1.17 -4.15
CA GLY B 328 6.90 0.10 -4.83
C GLY B 328 5.51 0.66 -5.05
N MET B 329 5.04 0.64 -6.30
CA MET B 329 3.78 1.27 -6.64
C MET B 329 2.61 0.56 -5.97
N TYR B 330 1.60 1.34 -5.58
CA TYR B 330 0.47 0.85 -4.81
C TYR B 330 0.01 -0.52 -5.29
N ASP B 331 -0.42 -1.36 -4.32
CA ASP B 331 -0.83 -2.75 -4.50
C ASP B 331 -0.46 -3.37 -5.85
N PHE B 332 -0.68 -2.64 -6.95
CA PHE B 332 -0.17 -2.97 -8.28
C PHE B 332 1.27 -3.46 -8.17
N SER B 333 1.96 -3.01 -7.12
CA SER B 333 3.33 -3.39 -6.80
C SER B 333 3.67 -4.81 -7.25
N GLY B 334 2.79 -5.77 -6.98
CA GLY B 334 3.04 -7.15 -7.37
C GLY B 334 3.01 -7.36 -8.87
N GLN B 335 1.86 -7.08 -9.48
CA GLN B 335 1.74 -7.22 -10.93
C GLN B 335 2.76 -6.35 -11.66
N PHE B 336 3.20 -5.26 -11.03
CA PHE B 336 4.22 -4.42 -11.65
C PHE B 336 5.60 -5.09 -11.55
N ALA B 337 5.92 -5.63 -10.37
CA ALA B 337 7.19 -6.34 -10.20
C ALA B 337 7.24 -7.63 -11.01
N PHE B 338 6.10 -8.10 -11.52
CA PHE B 338 6.03 -9.34 -12.28
C PHE B 338 5.97 -9.11 -13.78
N HIS B 339 5.10 -8.20 -14.24
CA HIS B 339 5.03 -7.90 -15.66
C HIS B 339 6.22 -7.07 -16.12
N VAL B 340 6.66 -6.12 -15.30
CA VAL B 340 7.66 -5.14 -15.72
C VAL B 340 9.00 -5.34 -15.04
N GLY B 341 9.03 -5.77 -13.78
CA GLY B 341 10.28 -6.09 -13.12
C GLY B 341 11.18 -4.93 -12.81
N LEU B 342 10.72 -3.69 -13.03
CA LEU B 342 11.56 -2.54 -12.75
C LEU B 342 11.21 -1.92 -11.41
N PRO B 343 12.20 -1.50 -10.61
CA PRO B 343 11.87 -0.66 -9.44
C PRO B 343 11.18 0.62 -9.89
N ALA B 344 10.26 1.09 -9.05
CA ALA B 344 9.52 2.31 -9.35
C ALA B 344 8.91 2.83 -8.06
N LYS B 345 8.22 3.97 -8.18
CA LYS B 345 7.43 4.49 -7.08
C LYS B 345 6.45 5.50 -7.65
N SER B 346 5.17 5.35 -7.32
CA SER B 346 4.12 6.17 -7.89
C SER B 346 3.78 7.33 -6.95
N GLY B 347 3.38 8.45 -7.55
CA GLY B 347 2.95 9.61 -6.80
C GLY B 347 1.54 10.01 -7.20
N VAL B 348 0.80 10.57 -6.24
CA VAL B 348 -0.58 10.95 -6.49
C VAL B 348 -0.72 12.22 -7.32
N ALA B 349 0.40 12.88 -7.64
CA ALA B 349 0.38 14.01 -8.56
C ALA B 349 0.27 13.57 -10.00
N GLY B 350 0.61 12.31 -10.30
CA GLY B 350 0.60 11.80 -11.66
C GLY B 350 1.96 11.34 -12.16
N GLY B 351 3.01 11.48 -11.38
CA GLY B 351 4.35 11.12 -11.82
C GLY B 351 4.79 9.79 -11.24
N ILE B 352 5.68 9.12 -11.98
CA ILE B 352 6.20 7.82 -11.57
C ILE B 352 7.71 7.85 -11.66
N LEU B 353 8.38 7.58 -10.53
CA LEU B 353 9.83 7.45 -10.52
C LEU B 353 10.21 6.05 -10.98
N LEU B 354 11.17 5.98 -11.90
CA LEU B 354 11.49 4.75 -12.61
C LEU B 354 12.99 4.59 -12.72
N VAL B 355 13.50 3.43 -12.28
CA VAL B 355 14.93 3.14 -12.27
C VAL B 355 15.18 1.93 -13.15
N VAL B 356 16.32 1.96 -13.86
CA VAL B 356 16.83 0.78 -14.56
C VAL B 356 18.26 0.59 -14.07
N PRO B 357 18.51 -0.31 -13.12
CA PRO B 357 19.83 -0.35 -12.46
C PRO B 357 20.98 -0.48 -13.47
N ASN B 358 22.08 0.22 -13.16
CA ASN B 358 23.28 0.20 -13.98
C ASN B 358 23.00 0.64 -15.42
N VAL B 359 21.88 1.29 -15.66
CA VAL B 359 21.52 1.77 -16.99
C VAL B 359 21.09 3.22 -16.90
N MET B 360 19.87 3.47 -16.40
CA MET B 360 19.30 4.81 -16.49
C MET B 360 18.29 5.02 -15.36
N GLY B 361 17.68 6.21 -15.39
CA GLY B 361 16.55 6.58 -14.57
C GLY B 361 15.70 7.59 -15.31
N MET B 362 14.38 7.48 -15.18
CA MET B 362 13.48 8.31 -15.98
C MET B 362 12.39 8.93 -15.10
N MET B 363 11.41 9.56 -15.75
CA MET B 363 10.25 10.10 -15.04
C MET B 363 9.16 10.39 -16.06
N CYS B 364 7.99 9.79 -15.86
CA CYS B 364 6.81 10.09 -16.66
C CYS B 364 5.78 10.76 -15.77
N TRP B 365 5.06 11.73 -16.33
CA TRP B 365 4.13 12.57 -15.58
C TRP B 365 2.81 12.63 -16.32
N SER B 366 1.73 12.18 -15.64
CA SER B 366 0.37 12.25 -16.16
C SER B 366 -0.56 12.44 -14.98
N PRO B 367 -1.03 13.65 -14.73
CA PRO B 367 -1.95 13.89 -13.61
C PRO B 367 -3.14 12.95 -13.64
N PRO B 368 -3.70 12.66 -14.84
CA PRO B 368 -4.73 11.61 -14.92
C PRO B 368 -4.26 10.32 -14.26
N LEU B 369 -4.98 9.89 -13.22
CA LEU B 369 -4.55 8.78 -12.38
C LEU B 369 -5.34 7.51 -12.69
N ASP B 370 -4.84 6.40 -12.15
CA ASP B 370 -5.41 5.09 -12.32
C ASP B 370 -6.29 4.76 -11.13
N LYS B 371 -7.25 3.85 -11.35
CA LYS B 371 -8.12 3.39 -10.27
C LYS B 371 -7.32 2.84 -9.09
N MET B 372 -6.10 2.39 -9.32
CA MET B 372 -5.23 1.89 -8.26
C MET B 372 -4.45 3.00 -7.57
N GLY B 373 -4.48 4.23 -8.08
CA GLY B 373 -3.68 5.31 -7.55
C GLY B 373 -2.41 5.59 -8.34
N ASN B 374 -2.13 4.81 -9.36
CA ASN B 374 -0.98 5.04 -10.23
C ASN B 374 -1.41 5.90 -11.42
N SER B 375 -0.45 6.22 -12.28
CA SER B 375 -0.70 7.09 -13.41
C SER B 375 -1.19 6.29 -14.61
N VAL B 376 -1.96 6.96 -15.48
CA VAL B 376 -2.55 6.33 -16.65
C VAL B 376 -1.47 6.12 -17.72
N LYS B 377 -1.17 7.18 -18.46
CA LYS B 377 -0.09 7.08 -19.44
C LYS B 377 1.22 6.73 -18.76
N GLY B 378 1.40 7.13 -17.50
CA GLY B 378 2.62 6.78 -16.78
C GLY B 378 2.86 5.28 -16.73
N ILE B 379 1.81 4.49 -16.64
CA ILE B 379 1.96 3.04 -16.64
C ILE B 379 1.85 2.46 -18.05
N HIS B 380 1.00 3.04 -18.90
CA HIS B 380 0.89 2.56 -20.27
C HIS B 380 2.24 2.63 -20.98
N PHE B 381 2.93 3.76 -20.84
CA PHE B 381 4.28 3.89 -21.39
C PHE B 381 5.21 2.85 -20.77
N CYS B 382 5.18 2.73 -19.43
CA CYS B 382 6.10 1.83 -18.75
C CYS B 382 5.92 0.38 -19.21
N HIS B 383 4.71 0.00 -19.61
CA HIS B 383 4.47 -1.36 -20.06
C HIS B 383 4.70 -1.53 -21.56
N ASP B 384 4.40 -0.50 -22.36
CA ASP B 384 4.84 -0.52 -23.75
C ASP B 384 6.35 -0.60 -23.87
N LEU B 385 7.07 -0.27 -22.80
CA LEU B 385 8.53 -0.30 -22.80
C LEU B 385 9.06 -1.73 -22.82
N VAL B 386 8.96 -2.44 -21.70
CA VAL B 386 9.59 -3.76 -21.60
C VAL B 386 9.01 -4.75 -22.60
N SER B 387 7.84 -4.45 -23.18
CA SER B 387 7.38 -5.22 -24.33
C SER B 387 8.12 -4.87 -25.61
N LEU B 388 9.16 -4.06 -25.45
CA LEU B 388 9.99 -3.62 -26.57
C LEU B 388 11.46 -3.49 -26.17
N CYS B 389 11.83 -3.95 -24.98
CA CYS B 389 13.21 -3.85 -24.49
C CYS B 389 13.44 -4.94 -23.47
N ASN B 390 14.66 -5.46 -23.44
CA ASN B 390 15.04 -6.51 -22.48
C ASN B 390 15.47 -5.92 -21.14
N PHE B 391 14.71 -4.96 -20.61
CA PHE B 391 15.08 -4.31 -19.36
C PHE B 391 14.45 -4.99 -18.13
N HIS B 392 13.41 -5.79 -18.32
CA HIS B 392 12.81 -6.51 -17.20
C HIS B 392 13.91 -7.18 -16.38
N ASN B 393 13.96 -6.84 -15.09
CA ASN B 393 15.04 -7.26 -14.22
C ASN B 393 15.40 -8.73 -14.44
N TYR B 394 14.39 -9.56 -14.67
CA TYR B 394 14.57 -10.99 -14.89
C TYR B 394 14.30 -11.36 -16.35
N ASP B 395 14.78 -10.54 -17.27
CA ASP B 395 14.75 -10.86 -18.69
C ASP B 395 16.03 -11.59 -19.05
N ASN B 396 16.24 -11.84 -20.33
CA ASN B 396 17.41 -12.55 -20.83
C ASN B 396 18.30 -11.62 -21.64
N LEU B 397 19.61 -11.80 -21.51
CA LEU B 397 20.60 -11.01 -22.25
C LEU B 397 21.06 -11.70 -23.52
N ARG B 398 21.21 -13.02 -23.50
CA ARG B 398 21.87 -13.73 -24.59
C ARG B 398 20.86 -14.18 -25.66
N HIS B 399 19.85 -14.95 -25.28
CA HIS B 399 18.90 -15.53 -26.22
C HIS B 399 17.49 -14.96 -26.04
N PHE B 400 17.38 -13.64 -25.81
CA PHE B 400 16.07 -13.03 -25.68
C PHE B 400 15.40 -12.88 -27.05
N ALA B 401 14.07 -12.77 -27.01
CA ALA B 401 13.26 -12.77 -28.24
C ALA B 401 13.41 -11.44 -28.99
N LYS B 402 12.35 -11.02 -29.69
CA LYS B 402 12.43 -9.87 -30.60
C LYS B 402 12.48 -8.52 -29.87
N LYS B 403 13.14 -8.46 -28.72
CA LYS B 403 13.30 -7.20 -28.00
C LYS B 403 14.58 -6.51 -28.46
N LEU B 404 14.91 -5.38 -27.83
CA LEU B 404 16.11 -4.64 -28.12
C LEU B 404 17.00 -4.61 -26.89
N ASP B 405 18.28 -4.28 -27.10
CA ASP B 405 19.24 -4.14 -26.01
C ASP B 405 20.18 -2.99 -26.35
N PRO B 406 19.85 -1.77 -25.97
CA PRO B 406 20.71 -0.62 -26.32
C PRO B 406 22.08 -0.66 -25.67
N ARG B 407 22.37 -1.69 -24.88
CA ARG B 407 23.73 -1.84 -24.35
C ARG B 407 24.74 -2.08 -25.46
N ARG B 408 24.33 -2.75 -26.54
CA ARG B 408 25.10 -2.81 -27.77
C ARG B 408 24.30 -2.15 -28.88
N GLU B 409 25.01 -1.74 -29.93
CA GLU B 409 24.39 -0.97 -31.00
C GLU B 409 23.30 -1.78 -31.68
N GLY B 410 22.44 -1.07 -32.41
CA GLY B 410 21.36 -1.73 -33.13
C GLY B 410 21.85 -2.49 -34.35
N GLY B 411 22.55 -1.78 -35.24
CA GLY B 411 23.11 -2.42 -36.42
C GLY B 411 24.20 -3.42 -36.11
N ASP B 412 24.75 -3.38 -34.90
CA ASP B 412 25.78 -4.34 -34.51
C ASP B 412 25.19 -5.71 -34.23
N GLN B 413 24.01 -5.74 -33.60
CA GLN B 413 23.42 -7.01 -33.17
C GLN B 413 23.24 -7.97 -34.32
N ARG B 414 23.07 -7.45 -35.54
CA ARG B 414 22.91 -8.32 -36.72
C ARG B 414 24.27 -8.85 -37.18
N VAL B 415 25.12 -7.96 -37.68
CA VAL B 415 26.37 -8.40 -38.31
C VAL B 415 27.41 -8.92 -37.32
N LYS B 416 27.12 -8.92 -36.02
CA LYS B 416 28.00 -9.63 -35.08
C LYS B 416 27.71 -11.12 -35.08
N SER B 417 26.43 -11.50 -34.97
CA SER B 417 26.04 -12.89 -34.99
C SER B 417 25.66 -13.39 -36.38
N VAL B 418 25.58 -12.49 -37.38
CA VAL B 418 25.43 -12.93 -38.76
C VAL B 418 26.75 -13.51 -39.27
N ILE B 419 27.87 -12.93 -38.83
CA ILE B 419 29.18 -13.46 -39.22
C ILE B 419 29.55 -14.64 -38.34
N ASN B 420 29.22 -14.60 -37.05
CA ASN B 420 29.56 -15.69 -36.15
C ASN B 420 28.78 -16.97 -36.46
N LEU B 421 27.82 -16.92 -37.38
CA LEU B 421 27.18 -18.12 -37.87
C LEU B 421 28.04 -18.86 -38.88
N LEU B 422 28.92 -18.14 -39.58
CA LEU B 422 29.63 -18.70 -40.72
C LEU B 422 31.02 -19.22 -40.40
N PHE B 423 31.73 -18.64 -39.41
CA PHE B 423 33.11 -19.07 -39.20
C PHE B 423 33.21 -20.53 -38.77
N ALA B 424 32.10 -21.16 -38.40
CA ALA B 424 32.13 -22.58 -38.08
C ALA B 424 32.06 -23.45 -39.33
N ALA B 425 31.36 -22.99 -40.37
CA ALA B 425 31.34 -23.69 -41.65
C ALA B 425 32.70 -23.72 -42.32
N TYR B 426 33.67 -22.96 -41.82
CA TYR B 426 35.03 -22.96 -42.34
C TYR B 426 35.94 -23.92 -41.60
N THR B 427 35.81 -24.00 -40.27
CA THR B 427 36.63 -24.90 -39.48
C THR B 427 36.11 -26.34 -39.48
N GLY B 428 34.88 -26.57 -39.96
CA GLY B 428 34.35 -27.91 -40.11
C GLY B 428 33.40 -28.33 -39.00
N ASP B 429 33.09 -27.46 -38.06
CA ASP B 429 32.22 -27.81 -36.94
C ASP B 429 30.75 -27.66 -37.31
N VAL B 430 29.98 -28.69 -36.98
CA VAL B 430 28.53 -28.65 -37.12
C VAL B 430 27.80 -28.41 -35.79
N SER B 431 28.36 -28.80 -34.65
CA SER B 431 27.69 -28.60 -33.38
C SER B 431 27.34 -27.13 -33.16
N ALA B 432 28.20 -26.23 -33.62
CA ALA B 432 27.88 -24.81 -33.55
C ALA B 432 26.64 -24.48 -34.37
N LEU B 433 26.46 -25.16 -35.50
CA LEU B 433 25.26 -24.94 -36.32
C LEU B 433 24.05 -25.66 -35.76
N ARG B 434 24.23 -26.73 -34.98
CA ARG B 434 23.12 -27.35 -34.28
C ARG B 434 22.70 -26.56 -33.04
N ARG B 435 23.60 -25.74 -32.49
CA ARG B 435 23.27 -24.86 -31.38
C ARG B 435 22.79 -23.49 -31.85
N PHE B 436 23.15 -23.08 -33.06
CA PHE B 436 22.64 -21.84 -33.63
C PHE B 436 21.30 -22.05 -34.35
N ALA B 437 21.19 -23.12 -35.14
CA ALA B 437 19.93 -23.41 -35.82
C ALA B 437 18.85 -23.81 -34.83
N LEU B 438 19.22 -24.49 -33.75
CA LEU B 438 18.25 -24.83 -32.71
C LEU B 438 17.80 -23.61 -31.92
N SER B 439 18.49 -22.49 -32.03
CA SER B 439 18.07 -21.23 -31.45
C SER B 439 17.35 -20.33 -32.44
N ALA B 440 17.02 -20.86 -33.62
CA ALA B 440 16.29 -20.11 -34.65
C ALA B 440 17.11 -18.95 -35.19
N MET B 441 18.40 -19.20 -35.44
CA MET B 441 19.26 -18.23 -36.10
C MET B 441 19.19 -18.44 -37.60
N ASP B 442 18.69 -17.44 -38.32
CA ASP B 442 18.45 -17.58 -39.75
C ASP B 442 19.71 -18.02 -40.48
N MET B 443 19.72 -19.26 -40.97
CA MET B 443 20.89 -19.79 -41.67
C MET B 443 21.06 -19.18 -43.05
N GLU B 444 20.09 -18.37 -43.51
CA GLU B 444 20.22 -17.62 -44.75
C GLU B 444 20.91 -16.28 -44.53
N GLN B 445 21.59 -16.10 -43.40
CA GLN B 445 22.23 -14.83 -43.09
C GLN B 445 23.49 -14.65 -43.91
N ARG B 446 23.65 -13.46 -44.48
CA ARG B 446 24.67 -13.17 -45.48
C ARG B 446 25.62 -12.10 -44.96
N ASP B 447 26.89 -12.24 -45.30
CA ASP B 447 27.90 -11.28 -44.91
C ASP B 447 28.02 -10.18 -45.97
N TYR B 448 28.92 -9.22 -45.72
CA TYR B 448 29.13 -8.12 -46.65
C TYR B 448 29.33 -8.60 -48.08
N ASP B 449 29.92 -9.78 -48.26
CA ASP B 449 30.10 -10.35 -49.60
C ASP B 449 28.88 -11.09 -50.11
N SER B 450 27.77 -11.11 -49.35
CA SER B 450 26.56 -11.79 -49.76
C SER B 450 26.81 -13.28 -49.97
N ARG B 451 27.30 -13.93 -48.92
CA ARG B 451 27.57 -15.36 -48.93
C ARG B 451 26.95 -15.99 -47.69
N THR B 452 26.12 -17.01 -47.90
CA THR B 452 25.49 -17.72 -46.80
C THR B 452 26.43 -18.84 -46.34
N ALA B 453 25.95 -19.69 -45.42
CA ALA B 453 26.76 -20.82 -44.96
C ALA B 453 26.98 -21.83 -46.08
N LEU B 454 26.05 -21.92 -47.03
CA LEU B 454 26.20 -22.84 -48.15
C LEU B 454 27.37 -22.45 -49.04
N HIS B 455 27.70 -21.16 -49.11
CA HIS B 455 28.83 -20.70 -49.91
C HIS B 455 30.15 -20.96 -49.21
N VAL B 456 30.25 -20.60 -47.92
CA VAL B 456 31.46 -20.88 -47.16
C VAL B 456 31.75 -22.38 -47.18
N ALA B 457 30.75 -23.18 -46.77
CA ALA B 457 30.93 -24.63 -46.71
C ALA B 457 31.14 -25.23 -48.10
N ALA B 458 30.53 -24.65 -49.14
CA ALA B 458 30.74 -25.16 -50.49
C ALA B 458 32.16 -24.88 -50.96
N ALA B 459 32.72 -23.73 -50.58
CA ALA B 459 34.10 -23.42 -50.94
C ALA B 459 35.08 -24.34 -50.21
N GLU B 460 34.91 -24.46 -48.88
CA GLU B 460 35.79 -25.36 -48.13
C GLU B 460 35.51 -26.82 -48.49
N GLY B 461 34.26 -27.25 -48.38
CA GLY B 461 33.88 -28.58 -48.80
C GLY B 461 33.70 -29.56 -47.66
N HIS B 462 33.00 -29.14 -46.61
CA HIS B 462 32.66 -30.02 -45.49
C HIS B 462 31.20 -30.44 -45.65
N VAL B 463 30.99 -31.73 -45.95
CA VAL B 463 29.66 -32.22 -46.26
C VAL B 463 28.81 -32.45 -45.02
N GLU B 464 29.41 -32.62 -43.84
CA GLU B 464 28.62 -32.66 -42.63
C GLU B 464 27.97 -31.31 -42.35
N VAL B 465 28.49 -30.25 -42.94
CA VAL B 465 27.88 -28.92 -42.85
C VAL B 465 26.87 -28.71 -43.97
N VAL B 466 27.26 -29.02 -45.21
CA VAL B 466 26.41 -28.74 -46.36
C VAL B 466 25.16 -29.62 -46.34
N LYS B 467 25.33 -30.90 -46.00
CA LYS B 467 24.17 -31.78 -45.88
C LYS B 467 23.25 -31.32 -44.75
N PHE B 468 23.82 -30.74 -43.69
CA PHE B 468 23.03 -30.17 -42.62
C PHE B 468 22.37 -28.86 -43.02
N LEU B 469 22.86 -28.22 -44.08
CA LEU B 469 22.29 -26.95 -44.55
C LEU B 469 21.30 -27.11 -45.69
N LEU B 470 21.37 -28.21 -46.45
CA LEU B 470 20.51 -28.41 -47.61
C LEU B 470 19.21 -29.13 -47.25
N GLU B 471 19.31 -30.20 -46.48
CA GLU B 471 18.14 -30.99 -46.09
C GLU B 471 17.63 -30.67 -44.69
N ALA B 472 18.53 -30.48 -43.73
CA ALA B 472 18.12 -30.19 -42.36
C ALA B 472 17.81 -28.72 -42.13
N CYS B 473 18.23 -27.83 -43.03
CA CYS B 473 17.92 -26.41 -42.92
C CYS B 473 17.20 -25.84 -44.13
N LYS B 474 17.29 -26.48 -45.30
CA LYS B 474 16.66 -25.99 -46.53
C LYS B 474 17.21 -24.61 -46.89
N VAL B 475 18.50 -24.58 -47.20
CA VAL B 475 19.18 -23.38 -47.67
C VAL B 475 19.15 -23.39 -49.19
N ASN B 476 19.07 -22.20 -49.77
CA ASN B 476 18.87 -22.07 -51.21
C ASN B 476 20.17 -22.38 -51.96
N PRO B 477 20.18 -23.33 -52.89
CA PRO B 477 21.40 -23.65 -53.63
C PRO B 477 21.59 -22.89 -54.95
N PHE B 478 20.75 -21.90 -55.25
CA PHE B 478 20.80 -21.21 -56.53
C PHE B 478 21.36 -19.79 -56.46
N PRO B 479 20.89 -18.91 -55.54
CA PRO B 479 21.16 -17.47 -55.70
C PRO B 479 22.63 -17.09 -55.72
N LYS B 480 22.89 -15.80 -55.75
CA LYS B 480 24.19 -15.26 -56.13
C LYS B 480 25.05 -14.93 -54.90
N ASP B 481 26.28 -14.48 -55.19
CA ASP B 481 27.14 -13.85 -54.19
C ASP B 481 27.81 -12.67 -54.87
N ARG B 482 28.89 -12.16 -54.28
CA ARG B 482 29.53 -10.97 -54.82
C ARG B 482 30.37 -11.27 -56.06
N TRP B 483 30.71 -12.53 -56.31
CA TRP B 483 31.34 -12.94 -57.56
C TRP B 483 30.34 -13.43 -58.58
N ASN B 484 29.04 -13.48 -58.24
CA ASN B 484 28.04 -14.13 -59.07
C ASN B 484 28.46 -15.57 -59.41
N ASN B 485 29.16 -16.20 -58.47
CA ASN B 485 29.55 -17.60 -58.58
C ASN B 485 28.75 -18.37 -57.53
N THR B 486 27.65 -18.98 -57.96
CA THR B 486 26.71 -19.65 -57.07
C THR B 486 27.40 -20.79 -56.34
N PRO B 487 26.76 -21.38 -55.32
CA PRO B 487 27.40 -22.51 -54.62
C PRO B 487 27.92 -23.57 -55.56
N MET B 488 27.16 -23.91 -56.60
CA MET B 488 27.65 -24.82 -57.63
C MET B 488 28.97 -24.33 -58.19
N ASP B 489 29.08 -23.01 -58.42
CA ASP B 489 30.26 -22.43 -59.04
C ASP B 489 31.43 -22.27 -58.07
N GLU B 490 31.17 -22.28 -56.77
CA GLU B 490 32.27 -22.25 -55.79
C GLU B 490 32.80 -23.65 -55.52
N ALA B 491 31.90 -24.62 -55.33
CA ALA B 491 32.31 -26.02 -55.39
C ALA B 491 32.97 -26.35 -56.72
N LEU B 492 32.70 -25.54 -57.75
CA LEU B 492 33.37 -25.69 -59.04
C LEU B 492 34.75 -25.05 -59.02
N HIS B 493 34.87 -23.87 -58.41
CA HIS B 493 36.13 -23.12 -58.43
C HIS B 493 37.18 -23.72 -57.50
N PHE B 494 36.77 -24.35 -56.40
CA PHE B 494 37.73 -24.90 -55.46
C PHE B 494 37.90 -26.42 -55.60
N GLY B 495 36.99 -27.10 -56.27
CA GLY B 495 37.23 -28.47 -56.70
C GLY B 495 36.85 -29.56 -55.72
N HIS B 496 35.56 -29.89 -55.65
CA HIS B 496 35.09 -31.05 -54.91
C HIS B 496 33.81 -31.55 -55.57
N HIS B 497 33.86 -32.76 -56.13
CA HIS B 497 32.73 -33.31 -56.86
C HIS B 497 31.63 -33.85 -55.95
N ASP B 498 31.90 -34.04 -54.66
CA ASP B 498 30.86 -34.50 -53.76
C ASP B 498 29.85 -33.39 -53.47
N VAL B 499 30.34 -32.18 -53.22
CA VAL B 499 29.44 -31.06 -52.99
C VAL B 499 28.58 -30.81 -54.22
N PHE B 500 29.16 -30.98 -55.41
CA PHE B 500 28.37 -30.93 -56.63
C PHE B 500 27.42 -32.11 -56.72
N LYS B 501 27.80 -33.25 -56.13
CA LYS B 501 26.92 -34.42 -56.10
C LYS B 501 25.66 -34.14 -55.32
N ILE B 502 25.78 -33.41 -54.21
CA ILE B 502 24.60 -33.13 -53.39
C ILE B 502 23.86 -31.90 -53.91
N LEU B 503 24.56 -30.95 -54.51
CA LEU B 503 23.91 -29.78 -55.08
C LEU B 503 23.10 -30.14 -56.32
N GLN B 504 23.57 -31.12 -57.10
CA GLN B 504 22.77 -31.63 -58.20
C GLN B 504 21.42 -32.15 -57.70
N GLU B 505 21.35 -32.56 -56.43
CA GLU B 505 20.13 -33.16 -55.91
C GLU B 505 19.00 -32.14 -55.78
N TYR B 506 19.34 -30.87 -55.54
CA TYR B 506 18.34 -29.83 -55.34
C TYR B 506 18.05 -29.04 -56.60
N GLN B 507 18.74 -29.34 -57.71
CA GLN B 507 18.32 -28.85 -59.01
C GLN B 507 17.30 -29.77 -59.67
N SER C 2 -57.73 -2.09 50.15
CA SER C 2 -56.95 -2.53 51.31
C SER C 2 -57.30 -1.74 52.56
N LEU C 3 -58.05 -2.37 53.46
CA LEU C 3 -58.23 -1.81 54.79
C LEU C 3 -56.86 -1.75 55.45
N GLU C 4 -56.21 -0.57 55.42
CA GLU C 4 -54.90 -0.43 56.06
C GLU C 4 -54.89 -1.06 57.44
N ASP C 5 -56.07 -1.13 58.09
CA ASP C 5 -56.20 -1.79 59.38
C ASP C 5 -55.34 -3.03 59.48
N LEU C 6 -55.46 -3.94 58.52
CA LEU C 6 -54.75 -5.20 58.61
C LEU C 6 -53.26 -4.96 58.83
N LEU C 7 -52.65 -4.12 57.99
CA LEU C 7 -51.24 -3.76 58.15
C LEU C 7 -50.92 -3.46 59.62
N PHE C 8 -51.71 -2.57 60.22
CA PHE C 8 -51.57 -2.29 61.64
C PHE C 8 -51.55 -3.59 62.44
N TYR C 9 -52.66 -4.35 62.39
CA TYR C 9 -52.74 -5.60 63.14
C TYR C 9 -51.61 -6.56 62.76
N THR C 10 -51.04 -6.42 61.56
CA THR C 10 -49.97 -7.33 61.17
C THR C 10 -48.72 -7.12 62.01
N ILE C 11 -48.47 -5.88 62.45
CA ILE C 11 -47.29 -5.56 63.23
C ILE C 11 -47.64 -5.39 64.71
N ALA C 12 -48.83 -4.83 64.99
CA ALA C 12 -49.21 -4.58 66.38
C ALA C 12 -49.51 -5.86 67.13
N GLU C 13 -49.97 -6.90 66.42
CA GLU C 13 -50.28 -8.19 67.03
C GLU C 13 -51.39 -8.05 68.08
N GLY C 14 -52.56 -7.61 67.60
CA GLY C 14 -53.75 -7.55 68.43
C GLY C 14 -53.88 -6.31 69.27
N GLN C 15 -52.76 -5.70 69.65
CA GLN C 15 -52.78 -4.54 70.52
C GLN C 15 -53.20 -3.30 69.74
N GLU C 16 -53.23 -2.16 70.44
CA GLU C 16 -53.39 -0.85 69.81
C GLU C 16 -52.18 0.03 70.11
N LYS C 17 -51.04 -0.59 70.38
CA LYS C 17 -49.80 0.12 70.74
C LYS C 17 -48.68 -0.40 69.86
N ILE C 18 -48.27 0.40 68.87
CA ILE C 18 -47.15 0.07 68.00
C ILE C 18 -45.96 0.91 68.44
N PRO C 19 -44.90 0.32 69.01
CA PRO C 19 -43.63 1.06 69.16
C PRO C 19 -42.91 1.11 67.83
N VAL C 20 -42.92 2.29 67.20
CA VAL C 20 -42.42 2.45 65.83
C VAL C 20 -40.99 1.94 65.75
N HIS C 21 -40.32 1.87 66.90
CA HIS C 21 -39.05 1.15 67.01
C HIS C 21 -39.14 -0.20 66.31
N LYS C 22 -40.34 -0.79 66.28
CA LYS C 22 -40.58 -2.07 65.64
C LYS C 22 -41.12 -1.94 64.22
N PHE C 23 -41.99 -0.97 63.95
CA PHE C 23 -42.50 -0.80 62.59
C PHE C 23 -41.37 -0.52 61.61
N ILE C 24 -40.41 0.30 62.00
CA ILE C 24 -39.27 0.58 61.13
C ILE C 24 -38.36 -0.63 61.08
N THR C 25 -38.01 -1.19 62.24
CA THR C 25 -37.12 -2.34 62.31
C THR C 25 -37.66 -3.51 61.51
N ALA C 26 -38.97 -3.56 61.27
CA ALA C 26 -39.59 -4.60 60.46
C ALA C 26 -39.79 -4.21 59.01
N LEU C 27 -40.00 -2.91 58.74
CA LEU C 27 -39.94 -2.44 57.36
C LEU C 27 -38.59 -2.79 56.74
N LYS C 28 -37.50 -2.59 57.50
CA LYS C 28 -36.17 -2.93 57.03
C LYS C 28 -35.97 -4.43 56.83
N SER C 29 -36.87 -5.27 57.37
CA SER C 29 -36.74 -6.70 57.17
C SER C 29 -37.03 -7.11 55.73
N THR C 30 -37.78 -6.29 54.98
CA THR C 30 -38.02 -6.55 53.57
C THR C 30 -36.80 -6.21 52.72
N GLY C 31 -35.68 -5.84 53.34
CA GLY C 31 -34.53 -5.40 52.59
C GLY C 31 -34.61 -3.90 52.32
N LEU C 32 -35.79 -3.45 51.92
CA LEU C 32 -36.03 -2.04 51.67
C LEU C 32 -35.45 -1.19 52.81
N ARG C 33 -34.84 -0.07 52.45
CA ARG C 33 -34.28 0.84 53.44
C ARG C 33 -35.14 2.09 53.56
N THR C 34 -34.93 2.80 54.67
CA THR C 34 -35.86 3.86 55.06
C THR C 34 -35.96 4.97 54.01
N SER C 35 -34.90 5.19 53.25
CA SER C 35 -34.78 6.37 52.40
C SER C 35 -35.28 6.09 50.98
N ASP C 36 -36.54 5.67 50.90
CA ASP C 36 -37.17 5.45 49.60
C ASP C 36 -37.97 6.69 49.21
N PRO C 37 -37.59 7.40 48.14
CA PRO C 37 -38.36 8.61 47.77
C PRO C 37 -39.84 8.37 47.55
N ARG C 38 -40.25 7.11 47.32
CA ARG C 38 -41.67 6.81 47.31
C ARG C 38 -42.27 6.84 48.71
N LEU C 39 -41.44 6.70 49.74
CA LEU C 39 -41.88 6.74 51.14
C LEU C 39 -41.58 8.07 51.80
N LYS C 40 -41.77 9.18 51.09
CA LYS C 40 -41.56 10.48 51.71
C LYS C 40 -42.66 10.77 52.72
N GLU C 41 -43.91 10.82 52.26
CA GLU C 41 -45.01 11.15 53.17
C GLU C 41 -45.03 10.22 54.38
N CYS C 42 -44.79 8.93 54.16
CA CYS C 42 -44.87 7.98 55.26
C CYS C 42 -43.71 8.14 56.25
N MET C 43 -42.63 8.81 55.86
CA MET C 43 -41.51 9.04 56.76
C MET C 43 -41.54 10.43 57.39
N ASP C 44 -41.92 11.47 56.64
CA ASP C 44 -42.15 12.77 57.25
C ASP C 44 -43.31 12.70 58.24
N MET C 45 -44.52 12.44 57.73
CA MET C 45 -45.72 12.39 58.54
C MET C 45 -45.46 11.68 59.86
N LEU C 46 -44.76 10.54 59.82
CA LEU C 46 -44.38 9.84 61.04
C LEU C 46 -43.94 10.86 62.08
N ARG C 47 -42.71 11.37 61.96
CA ARG C 47 -42.23 12.35 62.91
C ARG C 47 -43.26 13.45 63.12
N LEU C 48 -43.83 13.95 62.01
CA LEU C 48 -44.73 15.10 62.08
C LEU C 48 -45.92 14.82 62.99
N THR C 49 -46.43 13.60 62.99
CA THR C 49 -47.50 13.21 63.90
C THR C 49 -46.98 12.50 65.15
N LEU C 50 -45.74 12.02 65.14
CA LEU C 50 -45.17 11.36 66.29
C LEU C 50 -44.79 12.34 67.40
N GLN C 51 -44.77 13.65 67.11
CA GLN C 51 -44.53 14.68 68.11
C GLN C 51 -45.82 15.35 68.57
N THR C 52 -46.98 14.78 68.25
CA THR C 52 -48.26 15.29 68.71
C THR C 52 -48.90 14.30 69.67
N THR C 53 -48.10 13.80 70.62
CA THR C 53 -48.52 12.72 71.50
C THR C 53 -47.91 12.93 72.88
N SER C 54 -48.46 12.21 73.87
CA SER C 54 -47.91 12.25 75.21
C SER C 54 -46.41 11.97 75.19
N ASP C 55 -46.01 10.86 74.57
CA ASP C 55 -44.61 10.55 74.33
C ASP C 55 -44.47 10.04 72.91
N GLY C 56 -43.43 10.49 72.23
CA GLY C 56 -43.23 10.13 70.84
C GLY C 56 -42.56 8.79 70.66
N VAL C 57 -43.34 7.71 70.64
CA VAL C 57 -42.79 6.39 70.41
C VAL C 57 -43.89 5.40 70.02
N MET C 58 -45.07 5.53 70.63
CA MET C 58 -46.17 4.61 70.38
C MET C 58 -47.15 5.19 69.38
N LEU C 59 -48.00 4.30 68.84
CA LEU C 59 -49.02 4.70 67.86
C LEU C 59 -50.14 3.67 67.88
N ASP C 60 -51.37 4.16 67.89
CA ASP C 60 -52.56 3.32 67.78
C ASP C 60 -53.06 3.33 66.33
N LYS C 61 -54.16 2.63 66.09
CA LYS C 61 -54.66 2.40 64.75
C LYS C 61 -54.96 3.69 64.01
N ASP C 62 -56.00 4.40 64.44
CA ASP C 62 -56.48 5.55 63.68
C ASP C 62 -55.39 6.59 63.46
N LEU C 63 -54.48 6.74 64.42
CA LEU C 63 -53.35 7.65 64.24
C LEU C 63 -52.25 7.07 63.37
N PHE C 64 -52.22 5.74 63.22
CA PHE C 64 -51.28 5.09 62.31
C PHE C 64 -51.73 5.22 60.86
N LYS C 65 -53.05 5.15 60.63
CA LYS C 65 -53.59 5.32 59.29
C LYS C 65 -53.08 6.61 58.64
N LYS C 66 -52.96 7.68 59.43
CA LYS C 66 -52.63 8.98 58.88
C LYS C 66 -51.28 9.00 58.18
N CYS C 67 -50.34 8.17 58.63
CA CYS C 67 -49.00 8.20 58.05
C CYS C 67 -48.91 7.34 56.80
N VAL C 68 -49.52 6.15 56.81
CA VAL C 68 -49.38 5.22 55.69
C VAL C 68 -50.46 5.40 54.63
N GLN C 69 -51.48 6.21 54.89
CA GLN C 69 -52.52 6.37 53.89
C GLN C 69 -52.04 7.06 52.61
N SER C 70 -50.76 7.43 52.50
CA SER C 70 -50.21 8.05 51.30
C SER C 70 -49.37 7.10 50.47
N ASN C 71 -48.81 6.05 51.06
CA ASN C 71 -47.97 5.08 50.36
C ASN C 71 -48.38 3.66 50.71
N ILE C 72 -49.70 3.41 50.81
CA ILE C 72 -50.16 2.07 51.16
C ILE C 72 -49.97 1.11 49.99
N VAL C 73 -50.16 1.61 48.76
CA VAL C 73 -50.09 0.76 47.57
C VAL C 73 -48.82 -0.08 47.60
N LEU C 74 -47.67 0.56 47.85
CA LEU C 74 -46.43 -0.18 47.98
C LEU C 74 -46.36 -0.93 49.30
N LEU C 75 -46.50 -0.23 50.42
CA LEU C 75 -46.33 -0.82 51.73
C LEU C 75 -46.97 -2.20 51.84
N THR C 76 -48.24 -2.30 51.43
CA THR C 76 -48.92 -3.59 51.47
C THR C 76 -48.12 -4.65 50.71
N GLN C 77 -47.80 -4.37 49.46
CA GLN C 77 -47.03 -5.32 48.65
C GLN C 77 -45.70 -5.65 49.31
N ALA C 78 -45.14 -4.72 50.09
CA ALA C 78 -43.83 -4.95 50.70
C ALA C 78 -43.93 -5.89 51.88
N PHE C 79 -44.92 -5.69 52.75
CA PHE C 79 -45.05 -6.55 53.93
C PHE C 79 -45.67 -7.89 53.59
N ARG C 80 -46.50 -7.96 52.54
CA ARG C 80 -47.08 -9.23 52.12
C ARG C 80 -46.08 -10.17 51.47
N ARG C 81 -44.80 -9.76 51.37
CA ARG C 81 -43.77 -10.57 50.73
C ARG C 81 -44.05 -10.76 49.24
N LYS C 82 -44.76 -9.80 48.64
CA LYS C 82 -45.10 -9.86 47.22
C LYS C 82 -44.06 -9.22 46.33
N LEU C 83 -43.02 -8.60 46.89
CA LEU C 83 -41.98 -8.02 46.07
C LEU C 83 -41.17 -9.12 45.38
N VAL C 84 -40.51 -8.75 44.29
CA VAL C 84 -39.96 -9.74 43.35
C VAL C 84 -38.99 -10.70 44.05
N ILE C 85 -38.39 -10.28 45.15
CA ILE C 85 -37.61 -11.21 45.98
C ILE C 85 -38.19 -11.18 47.39
N PRO C 86 -39.18 -12.02 47.69
CA PRO C 86 -39.76 -12.03 49.05
C PRO C 86 -38.72 -12.26 50.12
N ASP C 87 -38.09 -13.44 50.12
CA ASP C 87 -37.06 -13.76 51.10
C ASP C 87 -35.78 -13.04 50.71
N PHE C 88 -35.56 -11.87 51.29
CA PHE C 88 -34.41 -11.05 50.96
C PHE C 88 -33.31 -11.12 52.01
N MET C 89 -33.64 -11.55 53.23
CA MET C 89 -32.68 -11.48 54.33
C MET C 89 -31.65 -12.62 54.24
N SER C 90 -32.11 -13.85 54.03
CA SER C 90 -31.18 -14.96 53.87
C SER C 90 -30.46 -14.91 52.54
N PHE C 91 -31.11 -14.37 51.51
CA PHE C 91 -30.46 -14.17 50.22
C PHE C 91 -29.31 -13.17 50.33
N THR C 92 -29.54 -12.08 51.06
CA THR C 92 -28.45 -11.15 51.35
C THR C 92 -27.38 -11.82 52.20
N SER C 93 -27.79 -12.62 53.19
CA SER C 93 -26.81 -13.37 53.98
C SER C 93 -25.99 -14.32 53.12
N HIS C 94 -26.52 -14.71 51.95
CA HIS C 94 -25.71 -15.45 50.98
C HIS C 94 -24.75 -14.53 50.26
N ILE C 95 -25.25 -13.39 49.78
CA ILE C 95 -24.39 -12.42 49.09
C ILE C 95 -23.18 -12.09 49.95
N ASP C 96 -23.41 -11.83 51.25
CA ASP C 96 -22.30 -11.54 52.15
C ASP C 96 -21.27 -12.67 52.17
N GLU C 97 -21.75 -13.91 52.12
CA GLU C 97 -20.82 -15.04 52.05
C GLU C 97 -20.02 -15.02 50.75
N LEU C 98 -20.65 -14.64 49.64
CA LEU C 98 -19.92 -14.56 48.38
C LEU C 98 -18.86 -13.46 48.44
N TYR C 99 -19.20 -12.30 49.02
CA TYR C 99 -18.21 -11.24 49.19
C TYR C 99 -17.06 -11.69 50.07
N GLU C 100 -17.36 -12.45 51.13
CA GLU C 100 -16.31 -12.91 52.04
C GLU C 100 -15.40 -13.91 51.35
N SER C 101 -15.96 -14.83 50.56
CA SER C 101 -15.15 -15.81 49.86
C SER C 101 -14.37 -15.18 48.71
N ALA C 102 -14.90 -14.11 48.12
CA ALA C 102 -14.28 -13.51 46.95
C ALA C 102 -13.16 -12.54 47.30
N LYS C 103 -13.10 -12.07 48.57
CA LYS C 103 -11.97 -11.25 49.00
C LYS C 103 -10.64 -11.93 48.68
N LYS C 104 -10.54 -13.21 49.01
CA LYS C 104 -9.26 -13.90 49.00
C LYS C 104 -8.55 -13.83 47.65
N GLN C 105 -9.27 -13.56 46.58
CA GLN C 105 -8.64 -13.42 45.26
C GLN C 105 -7.77 -12.16 45.25
N SER C 106 -6.50 -12.31 45.63
CA SER C 106 -5.60 -11.18 45.85
C SER C 106 -4.96 -10.69 44.55
N GLY C 107 -4.33 -11.58 43.80
CA GLY C 107 -3.55 -11.22 42.63
C GLY C 107 -4.27 -10.32 41.64
N GLY C 108 -3.55 -9.90 40.59
CA GLY C 108 -4.10 -9.00 39.60
C GLY C 108 -3.47 -7.63 39.68
N LYS C 109 -2.95 -7.15 38.55
CA LYS C 109 -2.24 -5.87 38.54
C LYS C 109 -3.22 -4.72 38.53
N VAL C 110 -2.85 -3.64 39.21
CA VAL C 110 -3.73 -2.49 39.37
C VAL C 110 -3.63 -1.59 38.15
N ALA C 111 -4.72 -0.90 37.83
CA ALA C 111 -4.74 0.05 36.73
C ALA C 111 -3.79 1.22 37.02
N ASP C 112 -2.54 1.10 36.58
CA ASP C 112 -1.50 2.06 36.93
C ASP C 112 -0.99 2.81 35.70
N TYR C 113 -1.84 3.03 34.71
CA TYR C 113 -1.43 3.77 33.51
C TYR C 113 -1.65 5.27 33.65
N ILE C 114 -2.28 5.72 34.74
CA ILE C 114 -2.28 7.13 35.13
C ILE C 114 -2.27 7.18 36.65
N PRO C 115 -1.91 8.32 37.26
CA PRO C 115 -1.82 8.34 38.73
C PRO C 115 -3.15 8.10 39.42
N GLN C 116 -4.23 8.66 38.88
CA GLN C 116 -5.52 8.61 39.57
C GLN C 116 -5.95 7.18 39.83
N LEU C 117 -5.90 6.33 38.80
CA LEU C 117 -6.27 4.93 38.97
C LEU C 117 -5.21 4.13 39.72
N ALA C 118 -3.99 4.67 39.86
CA ALA C 118 -2.98 4.04 40.69
C ALA C 118 -3.15 4.35 42.17
N LYS C 119 -3.89 5.42 42.50
CA LYS C 119 -4.20 5.70 43.90
C LYS C 119 -4.92 4.53 44.55
N PHE C 120 -6.00 4.06 43.92
CA PHE C 120 -6.89 3.08 44.52
C PHE C 120 -6.12 1.87 45.03
N SER C 121 -6.27 1.59 46.33
CA SER C 121 -5.56 0.50 46.96
C SER C 121 -6.10 -0.84 46.45
N PRO C 122 -5.24 -1.87 46.37
CA PRO C 122 -5.73 -3.18 45.88
C PRO C 122 -6.76 -3.82 46.79
N ASP C 123 -6.83 -3.42 48.05
CA ASP C 123 -7.72 -4.06 49.02
C ASP C 123 -9.03 -3.28 49.14
N LEU C 124 -9.76 -3.20 48.02
CA LEU C 124 -11.08 -2.60 47.99
C LEU C 124 -12.02 -3.55 47.26
N TRP C 125 -13.21 -3.75 47.84
CA TRP C 125 -14.11 -4.81 47.38
C TRP C 125 -15.56 -4.37 47.59
N GLY C 126 -16.03 -3.43 46.77
CA GLY C 126 -17.38 -2.92 46.93
C GLY C 126 -18.40 -3.78 46.21
N VAL C 127 -19.51 -4.08 46.88
CA VAL C 127 -20.61 -4.84 46.29
C VAL C 127 -21.93 -4.17 46.67
N SER C 128 -22.77 -3.90 45.68
CA SER C 128 -24.04 -3.22 45.91
C SER C 128 -25.14 -3.85 45.08
N VAL C 129 -26.33 -3.95 45.68
CA VAL C 129 -27.47 -4.67 45.11
C VAL C 129 -28.72 -3.83 45.27
N CYS C 130 -29.51 -3.74 44.19
CA CYS C 130 -30.82 -3.10 44.21
C CYS C 130 -31.82 -3.98 43.46
N THR C 131 -33.00 -4.16 44.03
CA THR C 131 -34.05 -4.94 43.39
C THR C 131 -34.96 -4.03 42.58
N VAL C 132 -35.49 -4.57 41.49
CA VAL C 132 -36.33 -3.79 40.59
C VAL C 132 -37.61 -3.29 41.25
N ASP C 133 -37.89 -3.76 42.47
CA ASP C 133 -38.99 -3.21 43.26
C ASP C 133 -38.54 -2.10 44.18
N GLY C 134 -37.30 -2.16 44.66
CA GLY C 134 -36.77 -1.16 45.58
C GLY C 134 -35.95 -1.79 46.68
N GLN C 135 -36.00 -3.12 46.79
CA GLN C 135 -35.27 -3.81 47.84
C GLN C 135 -33.77 -3.63 47.61
N ARG C 136 -33.07 -3.18 48.64
CA ARG C 136 -31.68 -2.75 48.51
C ARG C 136 -30.83 -3.43 49.57
N HIS C 137 -29.56 -3.62 49.22
CA HIS C 137 -28.56 -4.13 50.15
C HIS C 137 -27.20 -3.72 49.63
N SER C 138 -26.22 -3.63 50.52
CA SER C 138 -24.88 -3.21 50.14
C SER C 138 -23.90 -3.74 51.16
N THR C 139 -22.74 -4.22 50.67
CA THR C 139 -21.72 -4.75 51.55
C THR C 139 -20.35 -4.55 50.93
N GLY C 140 -19.36 -4.28 51.78
CA GLY C 140 -18.01 -4.01 51.36
C GLY C 140 -17.68 -2.54 51.42
N ASP C 141 -16.60 -2.19 50.73
CA ASP C 141 -16.18 -0.79 50.59
C ASP C 141 -16.98 -0.17 49.43
N THR C 142 -18.27 -0.03 49.67
CA THR C 142 -19.23 0.33 48.63
C THR C 142 -19.35 1.83 48.41
N LYS C 143 -19.31 2.61 49.48
CA LYS C 143 -19.54 4.05 49.38
C LYS C 143 -18.32 4.84 48.95
N VAL C 144 -17.20 4.18 48.67
CA VAL C 144 -16.02 4.86 48.14
C VAL C 144 -16.29 5.22 46.69
N PRO C 145 -16.22 6.49 46.29
CA PRO C 145 -16.44 6.84 44.89
C PRO C 145 -15.24 6.51 44.04
N PHE C 146 -15.51 6.22 42.76
CA PHE C 146 -14.45 5.92 41.82
C PHE C 146 -14.87 6.41 40.44
N CYS C 147 -13.88 6.68 39.60
CA CYS C 147 -14.15 7.05 38.23
C CYS C 147 -14.86 5.91 37.50
N LEU C 148 -15.96 6.26 36.82
CA LEU C 148 -16.81 5.24 36.21
C LEU C 148 -16.09 4.52 35.07
N GLN C 149 -15.66 5.29 34.06
CA GLN C 149 -14.93 4.77 32.92
C GLN C 149 -15.85 4.01 31.97
N SER C 150 -15.33 2.94 31.36
CA SER C 150 -15.98 2.32 30.21
C SER C 150 -17.42 1.93 30.50
N CYS C 151 -17.76 1.69 31.77
CA CYS C 151 -19.12 1.33 32.13
C CYS C 151 -20.15 2.34 31.65
N VAL C 152 -19.73 3.51 31.18
CA VAL C 152 -20.66 4.53 30.71
C VAL C 152 -21.27 4.13 29.37
N LYS C 153 -20.54 3.33 28.58
CA LYS C 153 -20.88 3.15 27.18
C LYS C 153 -22.31 2.67 26.96
N PRO C 154 -22.87 1.76 27.76
CA PRO C 154 -24.28 1.39 27.57
C PRO C 154 -25.22 2.56 27.77
N LEU C 155 -25.13 3.19 28.94
CA LEU C 155 -26.06 4.24 29.33
C LEU C 155 -26.18 5.30 28.24
N LYS C 156 -25.06 5.97 27.93
CA LYS C 156 -25.08 6.95 26.84
C LYS C 156 -25.77 6.37 25.62
N TYR C 157 -25.30 5.21 25.14
CA TYR C 157 -25.97 4.55 24.02
C TYR C 157 -27.46 4.51 24.24
N ALA C 158 -27.88 3.88 25.35
CA ALA C 158 -29.30 3.86 25.70
C ALA C 158 -29.94 5.22 25.49
N ILE C 159 -29.39 6.24 26.16
CA ILE C 159 -29.94 7.58 26.05
C ILE C 159 -30.16 7.95 24.58
N ALA C 160 -29.08 7.85 23.79
CA ALA C 160 -29.18 8.17 22.37
C ALA C 160 -30.38 7.47 21.75
N VAL C 161 -30.43 6.15 21.89
CA VAL C 161 -31.56 5.39 21.35
C VAL C 161 -32.86 5.96 21.90
N ASN C 162 -32.97 6.07 23.22
CA ASN C 162 -34.18 6.58 23.84
C ASN C 162 -34.63 7.89 23.21
N ASP C 163 -33.68 8.69 22.72
CA ASP C 163 -34.04 9.97 22.13
C ASP C 163 -34.30 9.87 20.63
N LEU C 164 -33.55 9.02 19.92
CA LEU C 164 -33.60 8.98 18.47
C LEU C 164 -34.08 7.64 17.93
N GLY C 165 -34.40 6.68 18.79
CA GLY C 165 -34.83 5.37 18.34
C GLY C 165 -33.67 4.52 17.87
N THR C 166 -33.93 3.21 17.80
CA THR C 166 -32.92 2.27 17.35
C THR C 166 -32.42 2.63 15.95
N GLU C 167 -33.33 2.65 14.98
CA GLU C 167 -33.02 2.91 13.59
C GLU C 167 -31.92 3.95 13.43
N TYR C 168 -32.25 5.22 13.73
CA TYR C 168 -31.30 6.31 13.58
C TYR C 168 -29.93 5.94 14.14
N VAL C 169 -29.88 5.53 15.41
CA VAL C 169 -28.60 5.27 16.07
C VAL C 169 -27.79 4.26 15.27
N HIS C 170 -28.42 3.20 14.78
CA HIS C 170 -27.69 2.14 14.11
C HIS C 170 -27.46 2.42 12.64
N ARG C 171 -27.74 3.63 12.18
CA ARG C 171 -27.17 4.11 10.94
C ARG C 171 -25.72 4.55 11.12
N TYR C 172 -25.20 4.50 12.35
CA TYR C 172 -23.86 4.94 12.67
C TYR C 172 -23.03 3.91 13.42
N VAL C 173 -23.65 2.89 14.02
CA VAL C 173 -22.92 1.86 14.77
C VAL C 173 -23.45 0.48 14.40
N GLY C 174 -22.61 -0.53 14.65
CA GLY C 174 -22.97 -1.90 14.39
C GLY C 174 -23.59 -2.57 15.61
N LYS C 175 -24.11 -3.78 15.38
CA LYS C 175 -24.89 -4.50 16.39
C LYS C 175 -24.20 -5.76 16.90
N GLU C 176 -23.18 -6.25 16.22
CA GLU C 176 -22.51 -7.49 16.56
C GLU C 176 -21.10 -7.22 17.07
N PRO C 177 -20.48 -8.21 17.71
CA PRO C 177 -19.06 -8.10 18.07
C PRO C 177 -18.17 -8.49 16.89
N SER C 178 -16.86 -8.52 17.15
CA SER C 178 -15.88 -8.89 16.15
C SER C 178 -15.19 -10.22 16.42
N GLY C 179 -15.18 -10.66 17.67
CA GLY C 179 -14.50 -11.88 18.06
C GLY C 179 -13.20 -11.59 18.78
N LEU C 180 -12.54 -12.67 19.20
CA LEU C 180 -11.26 -12.56 19.89
C LEU C 180 -10.31 -11.67 19.10
N ARG C 181 -9.90 -12.14 17.93
CA ARG C 181 -9.16 -11.32 16.99
C ARG C 181 -10.09 -10.83 15.90
N PHE C 182 -9.54 -10.07 14.96
CA PHE C 182 -10.33 -9.12 14.16
C PHE C 182 -10.82 -7.96 15.02
N ASN C 183 -10.24 -7.83 16.22
CA ASN C 183 -10.66 -6.83 17.19
C ASN C 183 -9.93 -5.51 17.03
N LYS C 184 -8.68 -5.55 16.55
CA LYS C 184 -7.92 -4.32 16.35
C LYS C 184 -8.60 -3.42 15.34
N LEU C 185 -9.19 -4.03 14.30
CA LEU C 185 -9.82 -3.27 13.22
C LEU C 185 -10.96 -2.42 13.77
N PHE C 186 -10.67 -1.16 14.10
CA PHE C 186 -11.67 -0.27 14.68
C PHE C 186 -12.51 0.36 13.55
N LEU C 187 -13.28 -0.52 12.90
CA LEU C 187 -14.32 -0.16 11.94
C LEU C 187 -14.71 -1.39 11.13
N ASN C 188 -15.90 -1.38 10.54
CA ASN C 188 -16.44 -2.54 9.87
C ASN C 188 -16.72 -2.21 8.39
N GLU C 189 -17.14 -3.25 7.67
CA GLU C 189 -17.31 -3.18 6.22
C GLU C 189 -18.07 -1.92 5.81
N ASP C 190 -19.33 -1.82 6.21
CA ASP C 190 -20.20 -0.75 5.74
C ASP C 190 -20.13 0.41 6.74
N ASP C 191 -19.02 1.15 6.66
CA ASP C 191 -18.86 2.42 7.37
C ASP C 191 -18.65 2.23 8.86
N LYS C 192 -19.66 1.70 9.55
CA LYS C 192 -19.80 1.87 10.98
C LYS C 192 -18.89 0.93 11.76
N PRO C 193 -18.62 1.24 13.04
CA PRO C 193 -17.82 0.33 13.87
C PRO C 193 -18.64 -0.86 14.34
N HIS C 194 -18.06 -1.68 15.21
CA HIS C 194 -18.65 -2.98 15.52
C HIS C 194 -19.87 -2.84 16.44
N ASN C 195 -19.74 -2.07 17.52
CA ASN C 195 -20.78 -2.00 18.52
C ASN C 195 -20.47 -0.82 19.46
N PRO C 196 -21.50 -0.28 20.14
CA PRO C 196 -21.26 0.82 21.08
C PRO C 196 -20.50 0.42 22.34
N MET C 197 -20.15 -0.85 22.53
CA MET C 197 -19.46 -1.27 23.74
C MET C 197 -17.96 -1.05 23.70
N VAL C 198 -17.39 -0.64 22.57
CA VAL C 198 -15.96 -0.40 22.45
C VAL C 198 -15.73 1.06 22.09
N ASN C 199 -14.52 1.53 22.42
CA ASN C 199 -14.19 2.95 22.30
C ASN C 199 -14.75 3.60 21.05
N ALA C 200 -14.46 3.01 19.88
CA ALA C 200 -14.97 3.58 18.63
C ALA C 200 -16.47 3.80 18.71
N GLY C 201 -17.22 2.74 19.01
CA GLY C 201 -18.66 2.86 19.10
C GLY C 201 -19.10 3.90 20.12
N ALA C 202 -18.43 3.94 21.27
CA ALA C 202 -18.77 4.93 22.28
C ALA C 202 -18.59 6.34 21.75
N ILE C 203 -17.58 6.55 20.91
CA ILE C 203 -17.34 7.88 20.33
C ILE C 203 -18.45 8.22 19.33
N VAL C 204 -18.73 7.29 18.41
CA VAL C 204 -19.81 7.52 17.44
C VAL C 204 -21.10 7.86 18.18
N VAL C 205 -21.41 7.08 19.22
CA VAL C 205 -22.60 7.35 20.03
C VAL C 205 -22.53 8.76 20.60
N THR C 206 -21.41 9.08 21.25
CA THR C 206 -21.24 10.40 21.84
C THR C 206 -21.59 11.50 20.84
N SER C 207 -21.27 11.27 19.56
CA SER C 207 -21.53 12.30 18.56
C SER C 207 -23.02 12.50 18.24
N LEU C 208 -23.91 11.71 18.85
CA LEU C 208 -25.34 11.83 18.56
C LEU C 208 -26.12 12.57 19.64
N ILE C 209 -25.64 12.53 20.88
CA ILE C 209 -26.38 13.09 22.01
C ILE C 209 -26.56 14.59 21.81
N LYS C 210 -27.81 15.01 21.63
CA LYS C 210 -28.13 16.43 21.44
C LYS C 210 -27.26 17.06 20.36
N GLN C 211 -27.64 16.89 19.10
CA GLN C 211 -26.91 17.46 17.97
C GLN C 211 -27.38 18.89 17.76
N GLY C 212 -26.51 19.86 18.08
CA GLY C 212 -26.82 21.25 17.83
C GLY C 212 -26.49 22.18 18.97
N VAL C 213 -25.72 21.71 19.96
CA VAL C 213 -25.32 22.53 21.09
C VAL C 213 -23.85 22.30 21.40
N ASN C 214 -23.40 22.73 22.57
CA ASN C 214 -21.99 22.76 22.92
C ASN C 214 -21.62 21.64 23.88
N ASN C 215 -20.31 21.51 24.13
CA ASN C 215 -19.75 20.39 24.87
C ASN C 215 -19.80 20.61 26.38
N ALA C 216 -20.78 21.37 26.85
CA ALA C 216 -21.05 21.51 28.27
C ALA C 216 -22.55 21.39 28.56
N GLU C 217 -23.38 21.90 27.64
CA GLU C 217 -24.82 21.70 27.75
C GLU C 217 -25.19 20.24 27.53
N LYS C 218 -24.59 19.62 26.51
CA LYS C 218 -24.75 18.17 26.34
C LYS C 218 -24.40 17.43 27.61
N PHE C 219 -23.26 17.79 28.22
CA PHE C 219 -22.84 17.15 29.46
C PHE C 219 -23.93 17.24 30.52
N ASP C 220 -24.67 18.36 30.53
CA ASP C 220 -25.77 18.49 31.48
C ASP C 220 -26.93 17.58 31.10
N TYR C 221 -27.27 17.50 29.80
CA TYR C 221 -28.29 16.55 29.38
C TYR C 221 -27.91 15.13 29.76
N VAL C 222 -26.62 14.84 29.88
CA VAL C 222 -26.17 13.54 30.36
C VAL C 222 -26.39 13.43 31.87
N MET C 223 -25.82 14.36 32.64
CA MET C 223 -25.90 14.25 34.09
C MET C 223 -27.33 14.22 34.58
N GLN C 224 -28.26 14.84 33.84
CA GLN C 224 -29.67 14.73 34.18
C GLN C 224 -30.10 13.26 34.21
N PHE C 225 -29.96 12.57 33.07
CA PHE C 225 -30.35 11.17 33.00
C PHE C 225 -29.56 10.32 34.00
N LEU C 226 -28.27 10.58 34.15
CA LEU C 226 -27.47 9.80 35.07
C LEU C 226 -27.96 9.96 36.51
N ASN C 227 -28.47 11.15 36.86
CA ASN C 227 -29.05 11.33 38.19
C ASN C 227 -30.42 10.66 38.29
N LYS C 228 -31.22 10.71 37.23
CA LYS C 228 -32.51 10.03 37.25
C LYS C 228 -32.33 8.52 37.48
N MET C 229 -31.44 7.90 36.71
CA MET C 229 -31.31 6.44 36.73
C MET C 229 -30.79 5.90 38.05
N ALA C 230 -30.06 6.71 38.83
CA ALA C 230 -29.54 6.27 40.11
C ALA C 230 -30.38 6.76 41.28
N GLY C 231 -31.62 7.17 41.03
CA GLY C 231 -32.46 7.68 42.09
C GLY C 231 -31.96 8.98 42.66
N ASN C 232 -31.49 9.89 41.80
CA ASN C 232 -30.96 11.19 42.22
C ASN C 232 -29.84 11.05 43.24
N GLU C 233 -29.19 9.89 43.29
CA GLU C 233 -28.11 9.64 44.24
C GLU C 233 -26.79 10.15 43.65
N TYR C 234 -25.66 9.60 44.10
CA TYR C 234 -24.35 10.15 43.80
C TYR C 234 -24.02 10.12 42.31
N VAL C 235 -24.01 11.29 41.70
CA VAL C 235 -23.48 11.47 40.36
C VAL C 235 -22.31 12.44 40.48
N GLY C 236 -21.10 11.96 40.17
CA GLY C 236 -19.90 12.73 40.39
C GLY C 236 -19.12 13.07 39.13
N PHE C 237 -17.89 13.55 39.32
CA PHE C 237 -17.02 13.93 38.22
C PHE C 237 -15.59 14.00 38.74
N SER C 238 -14.64 13.61 37.90
CA SER C 238 -13.22 13.63 38.26
C SER C 238 -12.47 14.35 37.15
N ASN C 239 -12.26 15.65 37.32
CA ASN C 239 -11.44 16.40 36.38
C ASN C 239 -10.01 15.88 36.40
N ALA C 240 -9.52 15.51 37.60
CA ALA C 240 -8.19 14.95 37.73
C ALA C 240 -7.98 13.78 36.77
N THR C 241 -8.91 12.83 36.78
CA THR C 241 -8.86 11.72 35.85
C THR C 241 -9.18 12.14 34.42
N PHE C 242 -9.91 13.24 34.25
CA PHE C 242 -10.26 13.71 32.91
C PHE C 242 -9.03 14.16 32.14
N GLN C 243 -8.28 15.12 32.69
CA GLN C 243 -7.13 15.61 31.95
C GLN C 243 -6.02 14.57 31.88
N SER C 244 -5.92 13.68 32.87
CA SER C 244 -4.96 12.59 32.77
C SER C 244 -5.35 11.62 31.66
N GLU C 245 -6.65 11.35 31.51
CA GLU C 245 -7.12 10.51 30.41
C GLU C 245 -6.88 11.17 29.06
N ARG C 246 -6.98 12.49 28.99
CA ARG C 246 -6.76 13.19 27.73
C ARG C 246 -5.27 13.36 27.42
N GLU C 247 -4.40 13.29 28.42
CA GLU C 247 -2.96 13.44 28.19
C GLU C 247 -2.31 12.15 27.71
N SER C 248 -2.90 10.98 27.98
CA SER C 248 -2.34 9.71 27.57
C SER C 248 -3.36 8.87 26.80
N GLY C 249 -4.26 9.52 26.08
CA GLY C 249 -5.26 8.83 25.29
C GLY C 249 -5.00 8.93 23.80
N ASP C 250 -3.74 8.73 23.41
CA ASP C 250 -3.36 8.89 22.00
C ASP C 250 -4.16 7.96 21.10
N ARG C 251 -4.19 6.68 21.44
CA ARG C 251 -4.95 5.71 20.65
C ARG C 251 -6.37 6.19 20.42
N ASN C 252 -7.05 6.62 21.48
CA ASN C 252 -8.43 7.08 21.33
C ASN C 252 -8.50 8.31 20.45
N PHE C 253 -7.46 9.15 20.45
CA PHE C 253 -7.41 10.24 19.49
C PHE C 253 -7.42 9.71 18.06
N ALA C 254 -6.50 8.81 17.76
CA ALA C 254 -6.42 8.25 16.41
C ALA C 254 -7.76 7.63 16.00
N ILE C 255 -8.21 6.62 16.78
CA ILE C 255 -9.49 5.97 16.51
C ILE C 255 -10.57 7.00 16.27
N GLY C 256 -10.72 7.91 17.23
CA GLY C 256 -11.75 8.95 17.14
C GLY C 256 -11.73 9.68 15.82
N TYR C 257 -10.57 10.26 15.46
CA TYR C 257 -10.51 11.03 14.23
C TYR C 257 -10.84 10.16 13.03
N TYR C 258 -10.19 8.99 12.92
CA TYR C 258 -10.27 8.12 11.75
C TYR C 258 -11.63 8.23 11.08
N LEU C 259 -12.69 8.24 11.88
CA LEU C 259 -14.05 8.25 11.35
C LEU C 259 -14.36 9.54 10.62
N LYS C 260 -13.72 10.65 11.01
CA LYS C 260 -13.94 11.91 10.29
C LYS C 260 -13.65 11.75 8.81
N GLU C 261 -12.54 11.08 8.48
CA GLU C 261 -12.22 10.86 7.08
C GLU C 261 -13.22 9.89 6.43
N LYS C 262 -13.64 8.88 7.19
CA LYS C 262 -14.65 7.95 6.71
C LYS C 262 -16.07 8.50 6.82
N LYS C 263 -16.22 9.75 7.24
CA LYS C 263 -17.53 10.41 7.29
C LYS C 263 -18.54 9.61 8.13
N CYS C 264 -18.05 9.01 9.21
CA CYS C 264 -18.91 8.24 10.10
C CYS C 264 -19.44 9.05 11.27
N PHE C 265 -19.52 10.37 11.13
CA PHE C 265 -20.11 11.24 12.11
C PHE C 265 -21.27 12.00 11.48
N PRO C 266 -22.15 12.60 12.30
CA PRO C 266 -23.27 13.37 11.74
C PRO C 266 -22.77 14.62 11.03
N GLU C 267 -23.70 15.28 10.34
CA GLU C 267 -23.37 16.49 9.60
C GLU C 267 -23.01 17.61 10.55
N GLY C 268 -22.01 18.41 10.17
CA GLY C 268 -21.57 19.53 10.97
C GLY C 268 -21.14 19.14 12.37
N THR C 269 -20.33 18.09 12.46
CA THR C 269 -19.84 17.58 13.73
C THR C 269 -18.38 17.95 13.92
N ASP C 270 -18.02 18.35 15.14
CA ASP C 270 -16.64 18.60 15.48
C ASP C 270 -15.98 17.30 15.94
N MET C 271 -14.66 17.23 15.74
CA MET C 271 -13.91 16.02 16.08
C MET C 271 -13.43 16.04 17.52
N VAL C 272 -12.48 16.94 17.83
CA VAL C 272 -11.82 16.88 19.13
C VAL C 272 -12.78 17.26 20.25
N GLY C 273 -13.81 18.05 19.94
CA GLY C 273 -14.81 18.35 20.95
C GLY C 273 -15.58 17.12 21.38
N ILE C 274 -16.01 16.30 20.43
CA ILE C 274 -16.71 15.06 20.76
C ILE C 274 -15.78 14.12 21.52
N LEU C 275 -14.50 14.09 21.14
CA LEU C 275 -13.51 13.34 21.92
C LEU C 275 -13.50 13.82 23.37
N ASP C 276 -13.48 15.14 23.56
CA ASP C 276 -13.51 15.69 24.91
C ASP C 276 -14.77 15.27 25.65
N PHE C 277 -15.92 15.28 24.97
CA PHE C 277 -17.15 14.79 25.56
C PHE C 277 -16.98 13.35 26.05
N TYR C 278 -16.45 12.48 25.18
CA TYR C 278 -16.20 11.09 25.53
C TYR C 278 -15.34 10.99 26.79
N PHE C 279 -14.27 11.79 26.86
CA PHE C 279 -13.42 11.77 28.05
C PHE C 279 -14.20 12.21 29.29
N GLN C 280 -14.90 13.33 29.19
CA GLN C 280 -15.75 13.79 30.29
C GLN C 280 -16.58 12.65 30.84
N LEU C 281 -17.30 11.95 29.96
CA LEU C 281 -18.16 10.86 30.42
C LEU C 281 -17.35 9.73 31.03
N CYS C 282 -16.24 9.36 30.40
CA CYS C 282 -15.42 8.27 30.93
C CYS C 282 -14.73 8.64 32.24
N SER C 283 -14.82 9.90 32.68
CA SER C 283 -14.19 10.33 33.92
C SER C 283 -15.17 10.41 35.09
N ILE C 284 -16.49 10.36 34.81
CA ILE C 284 -17.54 10.55 35.81
C ILE C 284 -17.33 9.63 37.00
N GLU C 285 -17.65 10.11 38.20
CA GLU C 285 -17.48 9.34 39.42
C GLU C 285 -18.83 8.83 39.91
N VAL C 286 -18.86 7.57 40.38
CA VAL C 286 -20.04 7.01 41.02
C VAL C 286 -19.58 6.03 42.09
N THR C 287 -20.50 5.68 42.97
CA THR C 287 -20.25 4.69 44.01
C THR C 287 -21.07 3.44 43.74
N CYS C 288 -20.60 2.31 44.27
CA CYS C 288 -21.22 1.02 44.00
C CYS C 288 -22.73 1.10 44.18
N GLU C 289 -23.19 1.85 45.19
CA GLU C 289 -24.62 1.92 45.48
C GLU C 289 -25.39 2.52 44.31
N SER C 290 -25.07 3.78 43.96
CA SER C 290 -25.78 4.45 42.88
C SER C 290 -25.72 3.62 41.59
N ALA C 291 -24.55 3.05 41.29
CA ALA C 291 -24.42 2.22 40.10
C ALA C 291 -25.40 1.04 40.15
N SER C 292 -25.47 0.36 41.29
CA SER C 292 -26.45 -0.71 41.43
C SER C 292 -27.86 -0.20 41.17
N VAL C 293 -28.18 1.00 41.66
CA VAL C 293 -29.50 1.57 41.40
C VAL C 293 -29.71 1.75 39.90
N MET C 294 -28.66 2.11 39.17
CA MET C 294 -28.78 2.27 37.72
C MET C 294 -29.03 0.93 37.05
N ALA C 295 -28.14 -0.05 37.29
CA ALA C 295 -28.33 -1.39 36.74
C ALA C 295 -29.74 -1.89 36.99
N ALA C 296 -30.25 -1.65 38.19
CA ALA C 296 -31.64 -1.99 38.47
C ALA C 296 -32.60 -1.16 37.62
N THR C 297 -32.24 0.09 37.34
CA THR C 297 -33.07 0.90 36.45
C THR C 297 -33.19 0.25 35.08
N LEU C 298 -32.14 -0.45 34.64
CA LEU C 298 -32.24 -1.20 33.40
C LEU C 298 -33.03 -2.49 33.57
N ALA C 299 -32.79 -3.21 34.68
CA ALA C 299 -33.48 -4.48 34.91
C ALA C 299 -34.99 -4.31 34.90
N ASN C 300 -35.49 -3.20 35.42
CA ASN C 300 -36.92 -2.96 35.55
C ASN C 300 -37.54 -2.41 34.26
N GLY C 301 -36.78 -2.33 33.18
CA GLY C 301 -37.34 -1.89 31.92
C GLY C 301 -37.48 -0.39 31.79
N GLY C 302 -36.47 0.36 32.21
CA GLY C 302 -36.50 1.80 32.09
C GLY C 302 -36.92 2.49 33.36
N PHE C 303 -37.98 1.98 33.99
CA PHE C 303 -38.50 2.60 35.20
C PHE C 303 -37.53 2.40 36.35
N CYS C 304 -37.20 3.48 37.04
CA CYS C 304 -36.23 3.38 38.13
C CYS C 304 -36.90 2.78 39.37
N PRO C 305 -36.22 1.86 40.06
CA PRO C 305 -36.89 1.19 41.20
C PRO C 305 -37.27 2.14 42.32
N ILE C 306 -36.31 2.90 42.85
CA ILE C 306 -36.56 3.71 44.04
C ILE C 306 -36.88 5.15 43.64
N THR C 307 -37.78 5.31 42.66
CA THR C 307 -38.32 6.62 42.32
C THR C 307 -39.74 6.47 41.76
N GLY C 308 -39.86 5.78 40.64
CA GLY C 308 -41.12 5.71 39.92
C GLY C 308 -41.11 6.63 38.72
N GLU C 309 -40.01 6.61 37.97
CA GLU C 309 -39.82 7.47 36.81
C GLU C 309 -39.59 6.60 35.58
N ARG C 310 -40.35 6.88 34.53
CA ARG C 310 -40.11 6.25 33.22
C ARG C 310 -38.91 6.95 32.60
N VAL C 311 -37.72 6.44 32.90
CA VAL C 311 -36.48 7.10 32.49
C VAL C 311 -36.23 6.89 31.00
N LEU C 312 -36.10 5.64 30.58
CA LEU C 312 -35.75 5.28 29.22
C LEU C 312 -36.83 4.39 28.63
N SER C 313 -37.12 4.59 27.34
CA SER C 313 -38.07 3.72 26.66
C SER C 313 -37.55 2.28 26.70
N PRO C 314 -38.45 1.29 26.75
CA PRO C 314 -37.99 -0.10 26.81
C PRO C 314 -37.25 -0.54 25.56
N GLU C 315 -37.49 0.12 24.43
CA GLU C 315 -36.71 -0.13 23.23
C GLU C 315 -35.22 -0.03 23.51
N ALA C 316 -34.78 1.12 24.02
CA ALA C 316 -33.36 1.35 24.24
C ALA C 316 -32.81 0.40 25.29
N VAL C 317 -33.59 0.09 26.33
CA VAL C 317 -33.12 -0.84 27.34
C VAL C 317 -32.93 -2.23 26.72
N ARG C 318 -33.83 -2.60 25.82
CA ARG C 318 -33.75 -3.88 25.14
C ARG C 318 -32.46 -3.97 24.33
N ASN C 319 -32.27 -3.02 23.40
CA ASN C 319 -31.04 -3.01 22.63
C ASN C 319 -29.82 -3.04 23.55
N THR C 320 -29.81 -2.16 24.55
CA THR C 320 -28.66 -2.04 25.44
C THR C 320 -28.32 -3.38 26.07
N LEU C 321 -29.27 -3.99 26.77
CA LEU C 321 -29.02 -5.25 27.43
C LEU C 321 -28.55 -6.30 26.44
N SER C 322 -29.27 -6.44 25.31
CA SER C 322 -28.88 -7.42 24.31
C SER C 322 -27.41 -7.27 23.93
N LEU C 323 -26.95 -6.02 23.75
CA LEU C 323 -25.56 -5.80 23.38
C LEU C 323 -24.62 -6.06 24.56
N MET C 324 -25.09 -5.81 25.78
CA MET C 324 -24.28 -6.08 26.96
C MET C 324 -24.03 -7.57 27.12
N HIS C 325 -24.96 -8.40 26.68
CA HIS C 325 -24.80 -9.84 26.79
C HIS C 325 -23.50 -10.30 26.13
N SER C 326 -23.30 -9.92 24.88
CA SER C 326 -22.22 -10.45 24.06
C SER C 326 -21.01 -9.53 23.99
N CYS C 327 -21.22 -8.22 23.82
CA CYS C 327 -20.12 -7.28 23.61
C CYS C 327 -19.73 -6.52 24.88
N GLY C 328 -20.35 -6.84 26.02
CA GLY C 328 -20.11 -6.11 27.24
C GLY C 328 -18.67 -6.10 27.68
N MET C 329 -18.22 -7.22 28.25
CA MET C 329 -16.89 -7.29 28.83
C MET C 329 -15.83 -7.31 27.74
N TYR C 330 -14.57 -7.19 28.16
CA TYR C 330 -13.44 -7.07 27.24
C TYR C 330 -13.00 -8.46 26.78
N ASP C 331 -13.36 -8.81 25.55
CA ASP C 331 -12.93 -10.05 24.93
C ASP C 331 -13.43 -11.27 25.68
N PHE C 332 -13.24 -11.30 27.01
CA PHE C 332 -13.84 -12.35 27.84
C PHE C 332 -15.34 -12.44 27.66
N SER C 333 -15.98 -11.41 27.09
CA SER C 333 -17.43 -11.40 26.94
C SER C 333 -17.94 -12.64 26.22
N GLY C 334 -17.14 -13.22 25.34
CA GLY C 334 -17.51 -14.46 24.68
C GLY C 334 -17.71 -15.60 25.65
N GLN C 335 -16.68 -15.91 26.44
CA GLN C 335 -16.81 -16.91 27.49
C GLN C 335 -17.79 -16.46 28.57
N PHE C 336 -17.93 -15.15 28.77
CA PHE C 336 -18.81 -14.65 29.82
C PHE C 336 -20.26 -14.96 29.51
N ALA C 337 -20.75 -14.58 28.32
CA ALA C 337 -22.12 -14.88 27.93
C ALA C 337 -22.41 -16.37 27.90
N PHE C 338 -21.39 -17.22 28.07
CA PHE C 338 -21.56 -18.67 28.10
C PHE C 338 -21.58 -19.22 29.52
N HIS C 339 -20.59 -18.85 30.35
CA HIS C 339 -20.54 -19.35 31.71
C HIS C 339 -21.53 -18.66 32.63
N VAL C 340 -21.84 -17.38 32.39
CA VAL C 340 -22.65 -16.57 33.29
C VAL C 340 -23.95 -16.12 32.63
N GLY C 341 -23.93 -15.85 31.34
CA GLY C 341 -25.16 -15.51 30.62
C GLY C 341 -25.83 -14.23 31.04
N LEU C 342 -25.16 -13.38 31.83
CA LEU C 342 -25.76 -12.14 32.29
C LEU C 342 -25.25 -10.96 31.47
N PRO C 343 -26.11 -10.00 31.11
CA PRO C 343 -25.60 -8.76 30.51
C PRO C 343 -24.75 -8.00 31.51
N ALA C 344 -23.61 -7.51 31.05
CA ALA C 344 -22.63 -6.89 31.94
C ALA C 344 -21.95 -5.75 31.21
N LYS C 345 -21.05 -5.06 31.92
CA LYS C 345 -20.18 -4.07 31.32
C LYS C 345 -19.04 -3.81 32.29
N SER C 346 -17.80 -3.94 31.81
CA SER C 346 -16.63 -3.78 32.66
C SER C 346 -16.05 -2.38 32.52
N GLY C 347 -15.49 -1.88 33.63
CA GLY C 347 -14.82 -0.60 33.64
C GLY C 347 -13.39 -0.76 34.11
N VAL C 348 -12.49 0.06 33.55
CA VAL C 348 -11.07 -0.05 33.87
C VAL C 348 -10.74 0.48 35.25
N ALA C 349 -11.72 1.06 35.96
CA ALA C 349 -11.50 1.42 37.35
C ALA C 349 -11.48 0.21 38.26
N GLY C 350 -11.94 -0.95 37.77
CA GLY C 350 -12.09 -2.14 38.57
C GLY C 350 -13.52 -2.53 38.86
N GLY C 351 -14.49 -1.80 38.31
CA GLY C 351 -15.90 -2.03 38.59
C GLY C 351 -16.60 -2.74 37.46
N ILE C 352 -17.55 -3.59 37.84
CA ILE C 352 -18.36 -4.36 36.89
C ILE C 352 -19.82 -4.03 37.15
N LEU C 353 -20.51 -3.58 36.10
CA LEU C 353 -21.94 -3.37 36.10
C LEU C 353 -22.62 -4.65 35.65
N LEU C 354 -23.52 -5.16 36.49
CA LEU C 354 -24.17 -6.44 36.28
C LEU C 354 -25.68 -6.26 36.40
N VAL C 355 -26.42 -6.88 35.48
CA VAL C 355 -27.87 -6.76 35.44
C VAL C 355 -28.48 -8.15 35.41
N VAL C 356 -29.59 -8.30 36.12
CA VAL C 356 -30.44 -9.49 36.03
C VAL C 356 -31.84 -9.02 35.66
N PRO C 357 -32.25 -9.19 34.40
CA PRO C 357 -33.50 -8.57 33.93
C PRO C 357 -34.69 -8.95 34.79
N ASN C 358 -35.51 -7.94 35.08
CA ASN C 358 -36.73 -8.10 35.87
C ASN C 358 -36.49 -8.67 37.26
N VAL C 359 -35.23 -8.72 37.69
CA VAL C 359 -34.88 -9.20 39.03
C VAL C 359 -34.17 -8.08 39.78
N MET C 360 -32.94 -7.78 39.37
CA MET C 360 -32.12 -6.86 40.15
C MET C 360 -31.06 -6.22 39.27
N GLY C 361 -30.44 -5.19 39.82
CA GLY C 361 -29.21 -4.64 39.27
C GLY C 361 -28.15 -4.55 40.36
N MET C 362 -26.91 -4.87 39.99
CA MET C 362 -25.82 -5.02 40.94
C MET C 362 -24.66 -4.13 40.52
N MET C 363 -23.58 -4.19 41.30
CA MET C 363 -22.34 -3.51 40.94
C MET C 363 -21.26 -4.04 41.86
N CYS C 364 -20.15 -4.49 41.27
CA CYS C 364 -18.99 -4.88 42.07
C CYS C 364 -17.82 -3.98 41.71
N TRP C 365 -16.78 -4.03 42.54
CA TRP C 365 -15.64 -3.15 42.34
C TRP C 365 -14.43 -3.70 43.10
N SER C 366 -13.40 -4.09 42.35
CA SER C 366 -12.09 -4.42 42.91
C SER C 366 -11.06 -3.76 42.00
N PRO C 367 -10.44 -2.67 42.44
CA PRO C 367 -9.54 -1.91 41.55
C PRO C 367 -8.54 -2.80 40.84
N PRO C 368 -7.95 -3.81 41.53
CA PRO C 368 -7.12 -4.78 40.81
C PRO C 368 -7.83 -5.35 39.60
N LEU C 369 -7.22 -5.21 38.42
CA LEU C 369 -7.85 -5.59 37.17
C LEU C 369 -7.39 -6.96 36.71
N ASP C 370 -8.15 -7.53 35.78
CA ASP C 370 -7.84 -8.81 35.18
C ASP C 370 -6.83 -8.62 34.05
N LYS C 371 -6.10 -9.70 33.73
CA LYS C 371 -5.14 -9.65 32.65
C LYS C 371 -5.79 -9.18 31.35
N MET C 372 -7.10 -9.40 31.20
CA MET C 372 -7.80 -9.05 29.98
C MET C 372 -8.51 -7.71 30.04
N GLY C 373 -8.61 -7.10 31.21
CA GLY C 373 -9.25 -5.80 31.37
C GLY C 373 -10.47 -5.81 32.26
N ASN C 374 -10.92 -6.97 32.74
CA ASN C 374 -12.05 -7.05 33.67
C ASN C 374 -11.53 -6.94 35.10
N SER C 375 -12.45 -7.06 36.06
CA SER C 375 -12.08 -7.03 37.47
C SER C 375 -11.72 -8.42 37.95
N VAL C 376 -10.87 -8.48 38.99
CA VAL C 376 -10.38 -9.73 39.55
C VAL C 376 -11.46 -10.35 40.43
N LYS C 377 -11.48 -9.94 41.70
CA LYS C 377 -12.53 -10.39 42.60
C LYS C 377 -13.91 -10.12 42.01
N GLY C 378 -14.04 -9.05 41.23
CA GLY C 378 -15.31 -8.79 40.58
C GLY C 378 -15.79 -9.96 39.75
N ILE C 379 -14.89 -10.56 38.98
CA ILE C 379 -15.30 -11.67 38.14
C ILE C 379 -15.41 -12.96 38.95
N HIS C 380 -14.55 -13.17 39.95
CA HIS C 380 -14.72 -14.35 40.79
C HIS C 380 -16.09 -14.34 41.44
N PHE C 381 -16.55 -13.17 41.88
CA PHE C 381 -17.88 -13.03 42.46
C PHE C 381 -18.96 -13.25 41.40
N CYS C 382 -18.82 -12.58 40.24
CA CYS C 382 -19.81 -12.73 39.19
C CYS C 382 -19.98 -14.17 38.76
N HIS C 383 -18.92 -14.98 38.87
CA HIS C 383 -19.03 -16.39 38.54
C HIS C 383 -19.54 -17.22 39.71
N ASP C 384 -19.21 -16.84 40.95
CA ASP C 384 -19.74 -17.53 42.11
C ASP C 384 -21.21 -17.24 42.34
N LEU C 385 -21.78 -16.24 41.65
CA LEU C 385 -23.22 -16.00 41.72
C LEU C 385 -23.99 -17.18 41.14
N VAL C 386 -23.94 -17.34 39.82
CA VAL C 386 -24.67 -18.42 39.16
C VAL C 386 -24.23 -19.80 39.63
N SER C 387 -23.09 -19.89 40.35
CA SER C 387 -22.75 -21.14 41.01
C SER C 387 -23.74 -21.51 42.11
N LEU C 388 -24.56 -20.54 42.56
CA LEU C 388 -25.56 -20.78 43.58
C LEU C 388 -26.93 -20.21 43.24
N CYS C 389 -27.11 -19.64 42.05
CA CYS C 389 -28.36 -19.01 41.68
C CYS C 389 -28.67 -19.25 40.20
N ASN C 390 -29.96 -19.31 39.89
CA ASN C 390 -30.43 -19.61 38.55
C ASN C 390 -30.67 -18.35 37.73
N PHE C 391 -29.68 -17.44 37.70
CA PHE C 391 -29.84 -16.17 37.02
C PHE C 391 -29.33 -16.19 35.59
N HIS C 392 -28.56 -17.21 35.20
CA HIS C 392 -28.09 -17.30 33.82
C HIS C 392 -29.28 -17.17 32.87
N ASN C 393 -29.17 -16.23 31.93
CA ASN C 393 -30.32 -15.85 31.12
C ASN C 393 -30.98 -17.05 30.46
N TYR C 394 -30.19 -18.04 30.06
CA TYR C 394 -30.69 -19.24 29.41
C TYR C 394 -30.62 -20.44 30.36
N ASP C 395 -30.89 -20.21 31.64
CA ASP C 395 -31.13 -21.29 32.57
C ASP C 395 -32.63 -21.59 32.62
N ASN C 396 -33.02 -22.51 33.49
CA ASN C 396 -34.41 -22.96 33.58
C ASN C 396 -34.98 -22.62 34.95
N LEU C 397 -36.21 -22.07 34.94
CA LEU C 397 -36.89 -21.73 36.18
C LEU C 397 -37.19 -22.99 36.99
N ARG C 398 -37.81 -23.98 36.35
CA ARG C 398 -38.34 -25.15 37.03
C ARG C 398 -37.23 -26.06 37.54
N HIS C 399 -36.48 -26.66 36.61
CA HIS C 399 -35.57 -27.75 36.97
C HIS C 399 -34.13 -27.26 36.97
N PHE C 400 -33.81 -26.51 38.02
CA PHE C 400 -32.44 -26.14 38.33
C PHE C 400 -31.89 -27.11 39.37
N ALA C 401 -30.71 -27.66 39.10
CA ALA C 401 -30.15 -28.71 39.94
C ALA C 401 -29.82 -28.18 41.33
N LYS C 402 -28.55 -27.87 41.57
CA LYS C 402 -28.09 -27.46 42.90
C LYS C 402 -28.13 -25.95 43.10
N LYS C 403 -28.82 -25.22 42.22
CA LYS C 403 -28.91 -23.78 42.34
C LYS C 403 -30.08 -23.40 43.25
N LEU C 404 -30.28 -22.09 43.42
CA LEU C 404 -31.37 -21.55 44.22
C LEU C 404 -32.11 -20.51 43.40
N ASP C 405 -33.41 -20.37 43.67
CA ASP C 405 -34.27 -19.42 42.97
C ASP C 405 -34.94 -18.49 43.98
N PRO C 406 -34.27 -17.41 44.38
CA PRO C 406 -34.92 -16.42 45.26
C PRO C 406 -36.08 -15.66 44.61
N ARG C 407 -36.47 -15.99 43.38
CA ARG C 407 -37.61 -15.32 42.76
C ARG C 407 -38.92 -15.68 43.45
N ARG C 408 -38.97 -16.85 44.10
CA ARG C 408 -40.16 -17.29 44.81
C ARG C 408 -39.81 -17.93 46.15
N VAL C 418 -59.47 -10.08 45.09
CA VAL C 418 -60.89 -9.87 44.89
C VAL C 418 -61.16 -9.46 43.44
N ILE C 419 -60.09 -9.06 42.74
CA ILE C 419 -60.22 -8.68 41.34
C ILE C 419 -60.80 -9.83 40.54
N ASN C 420 -60.43 -11.06 40.88
CA ASN C 420 -60.86 -12.24 40.15
C ASN C 420 -62.25 -12.73 40.55
N LEU C 421 -62.88 -12.10 41.54
CA LEU C 421 -64.17 -12.56 42.03
C LEU C 421 -65.33 -11.99 41.22
N LEU C 422 -65.41 -10.67 41.12
CA LEU C 422 -66.57 -10.01 40.56
C LEU C 422 -66.48 -9.79 39.05
N PHE C 423 -65.26 -9.59 38.52
CA PHE C 423 -65.11 -9.60 37.07
C PHE C 423 -65.51 -10.94 36.47
N ALA C 424 -65.49 -12.00 37.28
CA ALA C 424 -65.98 -13.30 36.83
C ALA C 424 -67.51 -13.33 36.85
N ALA C 425 -68.12 -12.72 37.86
CA ALA C 425 -69.57 -12.66 37.98
C ALA C 425 -70.18 -11.50 37.19
N TYR C 426 -69.37 -10.78 36.41
CA TYR C 426 -69.85 -9.67 35.60
C TYR C 426 -70.07 -10.05 34.14
N THR C 427 -69.14 -10.80 33.55
CA THR C 427 -69.24 -11.15 32.13
C THR C 427 -70.14 -12.34 31.88
N GLY C 428 -70.55 -13.07 32.93
CA GLY C 428 -71.45 -14.19 32.76
C GLY C 428 -70.75 -15.53 32.75
N ASP C 429 -69.90 -15.78 33.75
CA ASP C 429 -69.19 -17.04 33.86
C ASP C 429 -69.03 -17.38 35.33
N VAL C 430 -69.47 -18.57 35.72
CA VAL C 430 -69.30 -19.04 37.08
C VAL C 430 -68.06 -19.93 37.23
N SER C 431 -67.50 -20.40 36.11
CA SER C 431 -66.36 -21.30 36.16
C SER C 431 -65.22 -20.72 36.99
N ALA C 432 -64.91 -19.44 36.78
CA ALA C 432 -63.84 -18.79 37.54
C ALA C 432 -64.16 -18.76 39.02
N LEU C 433 -65.45 -18.69 39.38
CA LEU C 433 -65.82 -18.76 40.78
C LEU C 433 -65.63 -20.17 41.34
N ARG C 434 -65.72 -21.19 40.48
CA ARG C 434 -65.41 -22.55 40.91
C ARG C 434 -63.91 -22.77 41.03
N ARG C 435 -63.10 -22.07 40.22
CA ARG C 435 -61.66 -22.24 40.28
C ARG C 435 -61.10 -21.81 41.63
N PHE C 436 -61.82 -20.99 42.39
CA PHE C 436 -61.40 -20.66 43.76
C PHE C 436 -61.48 -21.86 44.69
N ALA C 437 -62.15 -22.94 44.29
CA ALA C 437 -62.33 -24.09 45.17
C ALA C 437 -60.99 -24.76 45.50
N LEU C 438 -60.00 -24.64 44.62
CA LEU C 438 -58.69 -25.24 44.89
C LEU C 438 -57.99 -24.58 46.06
N SER C 439 -58.38 -23.35 46.42
CA SER C 439 -57.78 -22.65 47.55
C SER C 439 -58.69 -22.63 48.77
N ALA C 440 -59.92 -23.13 48.67
CA ALA C 440 -60.87 -23.14 49.77
C ALA C 440 -61.12 -21.72 50.29
N MET C 441 -61.68 -20.89 49.40
CA MET C 441 -61.90 -19.48 49.67
C MET C 441 -63.35 -19.26 50.09
N ASP C 442 -63.55 -18.55 51.20
CA ASP C 442 -64.88 -18.17 51.63
C ASP C 442 -65.35 -17.01 50.76
N MET C 443 -66.51 -17.16 50.12
CA MET C 443 -66.98 -16.22 49.11
C MET C 443 -67.71 -15.06 49.78
N GLU C 444 -66.95 -14.28 50.55
CA GLU C 444 -67.42 -13.02 51.12
C GLU C 444 -66.53 -11.85 50.71
N GLN C 445 -65.80 -11.99 49.63
CA GLN C 445 -64.92 -10.94 49.16
C GLN C 445 -65.73 -9.82 48.50
N ARG C 446 -65.23 -8.59 48.64
CA ARG C 446 -65.99 -7.41 48.28
C ARG C 446 -65.18 -6.49 47.38
N ASP C 447 -65.89 -5.73 46.55
CA ASP C 447 -65.36 -4.49 46.02
C ASP C 447 -65.72 -3.38 47.00
N TYR C 448 -65.33 -2.15 46.69
CA TYR C 448 -65.54 -1.09 47.66
C TYR C 448 -67.01 -0.74 47.86
N ASP C 449 -67.89 -1.22 46.99
CA ASP C 449 -69.33 -1.02 47.18
C ASP C 449 -69.92 -1.96 48.22
N SER C 450 -69.10 -2.78 48.86
CA SER C 450 -69.56 -3.71 49.91
C SER C 450 -70.62 -4.66 49.36
N ARG C 451 -70.15 -5.57 48.51
CA ARG C 451 -71.01 -6.55 47.85
C ARG C 451 -70.24 -7.85 47.71
N THR C 452 -70.77 -8.92 48.32
CA THR C 452 -70.11 -10.22 48.28
C THR C 452 -70.36 -10.87 46.92
N ALA C 453 -70.07 -12.17 46.82
CA ALA C 453 -70.27 -12.88 45.57
C ALA C 453 -71.75 -12.98 45.21
N LEU C 454 -72.63 -12.93 46.21
CA LEU C 454 -74.07 -12.98 45.96
C LEU C 454 -74.63 -11.62 45.58
N HIS C 455 -74.11 -10.56 46.19
CA HIS C 455 -74.62 -9.22 45.92
C HIS C 455 -74.37 -8.78 44.49
N VAL C 456 -73.22 -9.16 43.91
CA VAL C 456 -72.96 -8.83 42.52
C VAL C 456 -73.80 -9.70 41.59
N ALA C 457 -74.11 -10.92 42.01
CA ALA C 457 -75.06 -11.73 41.26
C ALA C 457 -76.45 -11.10 41.28
N ALA C 458 -76.77 -10.37 42.35
CA ALA C 458 -78.02 -9.63 42.39
C ALA C 458 -77.96 -8.34 41.58
N ALA C 459 -76.79 -7.69 41.54
CA ALA C 459 -76.68 -6.42 40.83
C ALA C 459 -76.67 -6.64 39.33
N GLU C 460 -75.85 -7.58 38.85
CA GLU C 460 -75.78 -7.83 37.42
C GLU C 460 -77.07 -8.45 36.89
N GLY C 461 -77.59 -9.44 37.60
CA GLY C 461 -78.78 -10.15 37.19
C GLY C 461 -78.56 -11.55 36.67
N HIS C 462 -77.40 -12.16 36.94
CA HIS C 462 -77.11 -13.51 36.50
C HIS C 462 -77.66 -14.52 37.50
N VAL C 463 -78.48 -15.44 37.01
CA VAL C 463 -79.09 -16.44 37.88
C VAL C 463 -78.09 -17.53 38.26
N GLU C 464 -77.29 -17.98 37.30
CA GLU C 464 -76.39 -19.10 37.55
C GLU C 464 -75.44 -18.82 38.72
N VAL C 465 -75.00 -17.58 38.86
CA VAL C 465 -74.11 -17.22 39.97
C VAL C 465 -74.83 -17.45 41.30
N VAL C 466 -76.02 -16.88 41.44
CA VAL C 466 -76.82 -17.10 42.63
C VAL C 466 -76.99 -18.58 42.90
N LYS C 467 -77.34 -19.34 41.85
CA LYS C 467 -77.57 -20.77 42.00
C LYS C 467 -76.35 -21.46 42.58
N PHE C 468 -75.23 -21.41 41.87
CA PHE C 468 -74.05 -22.14 42.32
C PHE C 468 -73.60 -21.69 43.71
N LEU C 469 -73.62 -20.38 43.96
CA LEU C 469 -73.12 -19.88 45.24
C LEU C 469 -74.04 -20.23 46.39
N LEU C 470 -75.33 -20.41 46.13
CA LEU C 470 -76.29 -20.78 47.16
C LEU C 470 -76.61 -22.27 47.18
N GLU C 471 -75.93 -23.07 46.36
CA GLU C 471 -76.16 -24.51 46.33
C GLU C 471 -75.04 -25.25 47.04
N ALA C 472 -73.86 -25.33 46.40
CA ALA C 472 -72.75 -26.09 46.94
C ALA C 472 -71.84 -25.28 47.86
N CYS C 473 -72.04 -23.97 47.95
CA CYS C 473 -71.18 -23.09 48.74
C CYS C 473 -71.90 -22.59 49.99
N LYS C 474 -72.91 -21.74 49.83
CA LYS C 474 -73.69 -21.11 50.89
C LYS C 474 -73.18 -19.70 51.18
N VAL C 475 -74.09 -18.72 51.12
CA VAL C 475 -73.76 -17.32 51.37
C VAL C 475 -74.94 -16.66 52.06
N ASN C 476 -74.67 -15.59 52.82
CA ASN C 476 -75.71 -14.90 53.56
C ASN C 476 -76.39 -13.88 52.65
N PRO C 477 -77.71 -13.96 52.44
CA PRO C 477 -78.38 -13.02 51.53
C PRO C 477 -79.03 -11.81 52.18
N PHE C 478 -78.73 -11.51 53.44
CA PHE C 478 -79.42 -10.44 54.17
C PHE C 478 -78.65 -9.13 54.25
N PRO C 479 -77.36 -9.12 54.61
CA PRO C 479 -76.70 -7.84 54.92
C PRO C 479 -76.74 -6.87 53.74
N LYS C 480 -76.27 -5.66 54.01
CA LYS C 480 -76.43 -4.53 53.10
C LYS C 480 -75.18 -4.31 52.24
N ASP C 481 -75.24 -3.26 51.43
CA ASP C 481 -74.08 -2.74 50.70
C ASP C 481 -73.92 -1.27 51.06
N ARG C 482 -73.04 -0.57 50.35
CA ARG C 482 -72.77 0.83 50.66
C ARG C 482 -73.74 1.80 50.01
N TRP C 483 -74.45 1.38 48.96
CA TRP C 483 -75.49 2.20 48.36
C TRP C 483 -76.84 2.02 49.05
N ASN C 484 -76.92 1.18 50.08
CA ASN C 484 -78.15 0.97 50.84
C ASN C 484 -79.17 0.18 50.04
N ASN C 485 -78.74 -0.94 49.47
CA ASN C 485 -79.63 -1.84 48.74
C ASN C 485 -79.14 -3.26 48.94
N THR C 486 -79.88 -4.04 49.71
CA THR C 486 -79.54 -5.43 49.99
C THR C 486 -79.68 -6.25 48.71
N PRO C 487 -79.25 -7.52 48.72
CA PRO C 487 -79.37 -8.33 47.50
C PRO C 487 -80.76 -8.31 46.89
N MET C 488 -81.80 -8.54 47.69
CA MET C 488 -83.16 -8.55 47.15
C MET C 488 -83.61 -7.15 46.76
N ASP C 489 -83.12 -6.12 47.45
CA ASP C 489 -83.48 -4.75 47.08
C ASP C 489 -82.76 -4.30 45.82
N GLU C 490 -81.54 -4.80 45.58
CA GLU C 490 -80.76 -4.41 44.43
C GLU C 490 -81.02 -5.29 43.20
N ALA C 491 -81.65 -6.46 43.39
CA ALA C 491 -81.94 -7.33 42.25
C ALA C 491 -83.04 -6.74 41.37
N LEU C 492 -84.10 -6.23 41.98
CA LEU C 492 -85.24 -5.70 41.24
C LEU C 492 -85.13 -4.21 40.96
N HIS C 493 -84.10 -3.53 41.49
CA HIS C 493 -83.98 -2.09 41.31
C HIS C 493 -83.68 -1.72 39.86
N PHE C 494 -83.04 -2.62 39.11
CA PHE C 494 -82.66 -2.35 37.73
C PHE C 494 -83.66 -2.94 36.73
N PRO D 1 -54.66 -39.37 47.94
CA PRO D 1 -55.78 -39.05 47.05
C PRO D 1 -56.44 -37.70 47.37
N SER D 2 -56.57 -36.86 46.35
CA SER D 2 -57.18 -35.55 46.52
C SER D 2 -58.70 -35.67 46.45
N LEU D 3 -59.38 -34.54 46.62
CA LEU D 3 -60.82 -34.46 46.36
C LEU D 3 -61.04 -34.24 44.87
N GLU D 4 -60.73 -35.29 44.09
CA GLU D 4 -60.96 -35.23 42.66
C GLU D 4 -62.40 -34.87 42.33
N ASP D 5 -63.33 -35.10 43.26
CA ASP D 5 -64.70 -34.64 43.10
C ASP D 5 -64.74 -33.15 42.76
N LEU D 6 -63.76 -32.39 43.23
CA LEU D 6 -63.67 -30.99 42.86
C LEU D 6 -63.68 -30.83 41.35
N LEU D 7 -62.79 -31.54 40.66
CA LEU D 7 -62.79 -31.54 39.20
C LEU D 7 -64.17 -31.91 38.66
N PHE D 8 -64.74 -33.01 39.18
CA PHE D 8 -66.07 -33.44 38.76
C PHE D 8 -67.01 -32.25 38.76
N TYR D 9 -67.34 -31.71 39.93
CA TYR D 9 -68.23 -30.55 39.99
C TYR D 9 -67.75 -29.41 39.11
N THR D 10 -66.45 -29.36 38.80
CA THR D 10 -65.95 -28.32 37.91
C THR D 10 -66.47 -28.51 36.49
N ILE D 11 -66.70 -29.75 36.07
CA ILE D 11 -67.16 -30.04 34.72
C ILE D 11 -68.67 -30.31 34.68
N ALA D 12 -69.18 -31.09 35.64
CA ALA D 12 -70.61 -31.37 35.70
C ALA D 12 -71.43 -30.10 35.63
N GLU D 13 -71.04 -29.08 36.40
CA GLU D 13 -71.62 -27.75 36.30
C GLU D 13 -73.15 -27.82 36.31
N GLY D 14 -73.68 -28.57 37.27
CA GLY D 14 -75.12 -28.66 37.44
C GLY D 14 -75.62 -30.08 37.59
N GLN D 15 -75.99 -30.71 36.47
CA GLN D 15 -76.63 -32.02 36.51
C GLN D 15 -75.74 -33.07 37.17
N GLU D 16 -76.25 -34.30 37.29
CA GLU D 16 -75.58 -35.32 38.08
C GLU D 16 -74.33 -35.84 37.38
N LYS D 17 -74.41 -36.09 36.08
CA LYS D 17 -73.40 -36.85 35.37
C LYS D 17 -72.64 -35.99 34.37
N ILE D 18 -71.43 -36.40 34.07
CA ILE D 18 -70.56 -35.74 33.10
C ILE D 18 -70.69 -36.46 31.78
N PRO D 19 -71.16 -35.81 30.70
CA PRO D 19 -71.07 -36.43 29.37
C PRO D 19 -69.67 -36.29 28.81
N VAL D 20 -68.99 -37.42 28.60
CA VAL D 20 -67.61 -37.39 28.11
C VAL D 20 -67.54 -36.71 26.75
N HIS D 21 -68.68 -36.56 26.06
CA HIS D 21 -68.73 -35.73 24.86
C HIS D 21 -68.22 -34.32 25.14
N LYS D 22 -68.15 -33.92 26.40
CA LYS D 22 -67.75 -32.57 26.80
C LYS D 22 -66.41 -32.52 27.52
N PHE D 23 -66.13 -33.49 28.39
CA PHE D 23 -64.87 -33.49 29.15
C PHE D 23 -63.67 -33.30 28.22
N ILE D 24 -63.62 -34.07 27.13
CA ILE D 24 -62.53 -33.92 26.17
C ILE D 24 -62.69 -32.63 25.38
N THR D 25 -63.93 -32.29 25.02
CA THR D 25 -64.17 -31.08 24.24
C THR D 25 -63.59 -29.85 24.93
N ALA D 26 -63.58 -29.85 26.27
CA ALA D 26 -62.94 -28.78 27.01
C ALA D 26 -61.49 -29.06 27.33
N LEU D 27 -61.10 -30.35 27.42
CA LEU D 27 -59.71 -30.68 27.68
C LEU D 27 -58.80 -30.13 26.59
N LYS D 28 -59.25 -30.19 25.33
CA LYS D 28 -58.43 -29.68 24.23
C LYS D 28 -58.55 -28.17 24.08
N SER D 29 -59.64 -27.56 24.58
CA SER D 29 -59.71 -26.11 24.59
C SER D 29 -58.62 -25.51 25.48
N THR D 30 -58.06 -26.30 26.39
CA THR D 30 -56.89 -25.88 27.16
C THR D 30 -55.58 -26.03 26.38
N GLY D 31 -55.65 -26.48 25.13
CA GLY D 31 -54.47 -26.67 24.31
C GLY D 31 -53.99 -28.10 24.29
N LEU D 32 -53.92 -28.73 25.46
CA LEU D 32 -53.48 -30.12 25.54
C LEU D 32 -54.23 -30.97 24.54
N ARG D 33 -53.55 -31.99 24.02
CA ARG D 33 -54.10 -32.87 23.01
C ARG D 33 -54.24 -34.29 23.56
N THR D 34 -55.16 -35.04 22.95
CA THR D 34 -55.50 -36.37 23.44
C THR D 34 -54.28 -37.27 23.53
N SER D 35 -53.38 -37.18 22.55
CA SER D 35 -52.30 -38.15 22.40
C SER D 35 -51.15 -37.89 23.36
N ASP D 36 -51.44 -37.40 24.56
CA ASP D 36 -50.39 -37.16 25.54
C ASP D 36 -50.06 -38.46 26.27
N PRO D 37 -48.84 -38.97 26.18
CA PRO D 37 -48.48 -40.18 26.96
C PRO D 37 -48.72 -40.05 28.46
N ARG D 38 -49.00 -38.85 28.96
CA ARG D 38 -49.38 -38.67 30.34
C ARG D 38 -50.88 -38.85 30.56
N LEU D 39 -51.69 -38.56 29.54
CA LEU D 39 -53.13 -38.80 29.59
C LEU D 39 -53.51 -40.15 28.99
N LYS D 40 -52.59 -41.11 28.96
CA LYS D 40 -52.90 -42.44 28.48
C LYS D 40 -53.81 -43.16 29.46
N GLU D 41 -53.43 -43.21 30.73
CA GLU D 41 -54.25 -43.88 31.74
C GLU D 41 -55.61 -43.19 31.88
N CYS D 42 -55.64 -41.86 31.80
CA CYS D 42 -56.90 -41.14 31.84
C CYS D 42 -57.75 -41.38 30.61
N MET D 43 -57.19 -42.01 29.57
CA MET D 43 -57.96 -42.45 28.41
C MET D 43 -58.14 -43.96 28.33
N ASP D 44 -57.16 -44.73 28.77
CA ASP D 44 -57.31 -46.19 28.81
C ASP D 44 -58.34 -46.60 29.85
N MET D 45 -58.23 -46.08 31.07
CA MET D 45 -59.26 -46.34 32.07
C MET D 45 -60.59 -45.71 31.68
N LEU D 46 -60.55 -44.62 30.91
CA LEU D 46 -61.78 -44.00 30.43
C LEU D 46 -62.53 -44.95 29.50
N ARG D 47 -61.85 -45.46 28.48
CA ARG D 47 -62.48 -46.44 27.59
C ARG D 47 -62.87 -47.70 28.37
N LEU D 48 -61.99 -48.16 29.25
CA LEU D 48 -62.21 -49.43 29.94
C LEU D 48 -63.44 -49.38 30.83
N THR D 49 -63.67 -48.25 31.50
CA THR D 49 -64.82 -48.12 32.38
C THR D 49 -66.06 -47.56 31.69
N LEU D 50 -65.89 -46.93 30.52
CA LEU D 50 -67.01 -46.33 29.81
C LEU D 50 -67.81 -47.35 29.02
N GLN D 51 -67.30 -48.57 28.86
CA GLN D 51 -68.03 -49.65 28.21
C GLN D 51 -68.67 -50.58 29.23
N THR D 52 -68.76 -50.15 30.48
CA THR D 52 -69.43 -50.94 31.52
C THR D 52 -70.69 -50.19 31.95
N THR D 53 -71.45 -49.71 30.98
CA THR D 53 -72.61 -48.87 31.26
C THR D 53 -73.68 -49.10 30.20
N SER D 54 -74.90 -48.65 30.51
CA SER D 54 -75.99 -48.75 29.54
C SER D 54 -75.60 -48.13 28.21
N ASP D 55 -75.01 -46.94 28.25
CA ASP D 55 -74.44 -46.30 27.07
C ASP D 55 -73.16 -45.60 27.49
N GLY D 56 -72.08 -45.82 26.74
CA GLY D 56 -70.80 -45.24 27.08
C GLY D 56 -70.69 -43.78 26.70
N VAL D 57 -71.23 -42.90 27.54
CA VAL D 57 -71.21 -41.46 27.26
C VAL D 57 -71.26 -40.68 28.56
N MET D 58 -72.06 -41.15 29.52
CA MET D 58 -72.21 -40.46 30.80
C MET D 58 -71.22 -41.01 31.82
N LEU D 59 -71.22 -40.42 33.01
CA LEU D 59 -70.25 -40.77 34.04
C LEU D 59 -70.83 -40.55 35.43
N ASP D 60 -70.61 -41.53 36.31
CA ASP D 60 -70.78 -41.31 37.73
C ASP D 60 -69.53 -40.66 38.29
N LYS D 61 -69.69 -39.96 39.41
CA LYS D 61 -68.56 -39.31 40.07
C LYS D 61 -67.49 -40.33 40.43
N ASP D 62 -67.89 -41.43 41.08
CA ASP D 62 -66.93 -42.44 41.50
C ASP D 62 -66.17 -43.02 40.31
N LEU D 63 -66.80 -43.13 39.14
CA LEU D 63 -66.10 -43.69 37.99
C LEU D 63 -65.08 -42.71 37.43
N PHE D 64 -65.41 -41.42 37.40
CA PHE D 64 -64.42 -40.40 37.06
C PHE D 64 -63.22 -40.49 38.00
N LYS D 65 -63.48 -40.50 39.30
CA LYS D 65 -62.42 -40.71 40.29
C LYS D 65 -61.59 -41.94 39.95
N LYS D 66 -62.27 -43.02 39.54
CA LYS D 66 -61.56 -44.22 39.11
C LYS D 66 -60.68 -43.95 37.90
N CYS D 67 -61.10 -43.02 37.04
CA CYS D 67 -60.35 -42.73 35.82
C CYS D 67 -59.06 -41.99 36.14
N VAL D 68 -59.16 -40.80 36.73
CA VAL D 68 -58.00 -39.91 36.76
C VAL D 68 -56.93 -40.42 37.72
N GLN D 69 -57.29 -40.63 38.99
CA GLN D 69 -56.36 -40.95 40.08
C GLN D 69 -54.90 -40.58 39.79
N SER D 70 -54.29 -41.21 38.79
CA SER D 70 -52.88 -41.01 38.53
C SER D 70 -52.60 -39.88 37.55
N ASN D 71 -53.60 -39.42 36.80
CA ASN D 71 -53.43 -38.34 35.83
C ASN D 71 -54.13 -37.05 36.30
N ILE D 72 -54.40 -36.93 37.58
CA ILE D 72 -55.02 -35.72 38.10
C ILE D 72 -53.97 -34.64 38.33
N VAL D 73 -52.74 -35.04 38.64
CA VAL D 73 -51.68 -34.07 38.90
C VAL D 73 -51.60 -33.04 37.79
N LEU D 74 -51.81 -33.48 36.55
CA LEU D 74 -51.74 -32.61 35.38
C LEU D 74 -53.09 -31.96 35.08
N LEU D 75 -54.18 -32.73 35.07
CA LEU D 75 -55.50 -32.17 34.79
C LEU D 75 -55.79 -30.98 35.70
N THR D 76 -55.35 -31.06 36.96
CA THR D 76 -55.41 -29.90 37.85
C THR D 76 -54.84 -28.67 37.18
N GLN D 77 -53.58 -28.77 36.73
CA GLN D 77 -52.95 -27.66 36.03
C GLN D 77 -53.77 -27.26 34.80
N ALA D 78 -54.33 -28.24 34.09
CA ALA D 78 -55.01 -27.95 32.83
C ALA D 78 -56.22 -27.05 33.06
N PHE D 79 -57.10 -27.44 33.99
CA PHE D 79 -58.33 -26.69 34.18
C PHE D 79 -58.20 -25.54 35.18
N ARG D 80 -57.24 -25.62 36.10
CA ARG D 80 -56.96 -24.48 36.97
C ARG D 80 -56.23 -23.36 36.25
N ARG D 81 -55.89 -23.55 34.98
CA ARG D 81 -55.17 -22.55 34.18
C ARG D 81 -53.73 -22.35 34.63
N LYS D 82 -53.18 -23.30 35.39
CA LYS D 82 -51.76 -23.28 35.70
C LYS D 82 -50.89 -23.52 34.47
N LEU D 83 -51.48 -23.93 33.34
CA LEU D 83 -50.73 -24.08 32.11
C LEU D 83 -49.98 -22.79 31.81
N VAL D 84 -48.69 -22.93 31.51
CA VAL D 84 -47.78 -21.80 31.37
C VAL D 84 -48.34 -20.74 30.44
N ILE D 85 -49.26 -21.14 29.55
CA ILE D 85 -50.05 -20.20 28.77
C ILE D 85 -51.51 -20.46 29.08
N PRO D 86 -52.11 -19.79 30.08
CA PRO D 86 -53.52 -20.05 30.42
C PRO D 86 -54.44 -20.03 29.22
N ASP D 87 -54.77 -18.84 28.70
CA ASP D 87 -55.66 -18.75 27.56
C ASP D 87 -54.90 -19.17 26.30
N PHE D 88 -55.37 -20.24 25.66
CA PHE D 88 -54.69 -20.84 24.53
C PHE D 88 -55.43 -20.68 23.22
N MET D 89 -56.76 -20.73 23.23
CA MET D 89 -57.52 -20.72 21.98
C MET D 89 -57.40 -19.38 21.26
N SER D 90 -57.49 -18.27 22.01
CA SER D 90 -57.35 -16.96 21.39
C SER D 90 -55.89 -16.67 21.03
N PHE D 91 -54.96 -17.11 21.89
CA PHE D 91 -53.54 -16.95 21.60
C PHE D 91 -53.15 -17.72 20.33
N THR D 92 -53.64 -18.96 20.20
CA THR D 92 -53.42 -19.70 18.97
C THR D 92 -54.16 -19.05 17.81
N SER D 93 -55.30 -18.40 18.07
CA SER D 93 -55.97 -17.62 17.04
C SER D 93 -55.14 -16.40 16.63
N HIS D 94 -54.17 -15.98 17.46
CA HIS D 94 -53.19 -14.99 17.04
C HIS D 94 -52.08 -15.62 16.22
N ILE D 95 -51.53 -16.75 16.70
CA ILE D 95 -50.48 -17.43 15.97
C ILE D 95 -50.93 -17.73 14.54
N ASP D 96 -52.21 -18.13 14.38
CA ASP D 96 -52.74 -18.35 13.04
C ASP D 96 -52.69 -17.08 12.21
N GLU D 97 -52.95 -15.93 12.85
CA GLU D 97 -52.89 -14.66 12.14
C GLU D 97 -51.46 -14.37 11.66
N LEU D 98 -50.47 -14.60 12.53
CA LEU D 98 -49.09 -14.36 12.11
C LEU D 98 -48.64 -15.37 11.05
N TYR D 99 -49.14 -16.59 11.11
CA TYR D 99 -48.94 -17.54 10.02
C TYR D 99 -49.51 -16.98 8.72
N GLU D 100 -50.68 -16.34 8.79
CA GLU D 100 -51.29 -15.76 7.60
C GLU D 100 -50.44 -14.62 7.04
N SER D 101 -49.90 -13.78 7.91
CA SER D 101 -49.10 -12.65 7.44
C SER D 101 -47.76 -13.10 6.89
N ALA D 102 -47.08 -14.03 7.58
CA ALA D 102 -45.74 -14.45 7.18
C ALA D 102 -45.78 -15.37 5.96
N LYS D 103 -46.81 -16.20 5.83
CA LYS D 103 -46.90 -17.10 4.69
C LYS D 103 -46.87 -16.35 3.37
N LYS D 104 -47.43 -15.14 3.33
CA LYS D 104 -47.63 -14.41 2.08
C LYS D 104 -46.33 -13.93 1.45
N GLN D 105 -45.18 -14.22 2.03
CA GLN D 105 -43.90 -13.74 1.50
C GLN D 105 -43.53 -14.56 0.28
N SER D 106 -43.75 -13.99 -0.91
CA SER D 106 -43.49 -14.69 -2.16
C SER D 106 -42.05 -14.42 -2.62
N GLY D 107 -41.11 -15.01 -1.86
CA GLY D 107 -39.70 -14.82 -2.14
C GLY D 107 -38.88 -16.00 -1.69
N GLY D 108 -37.60 -15.96 -2.05
CA GLY D 108 -36.65 -16.99 -1.66
C GLY D 108 -36.45 -18.04 -2.74
N LYS D 109 -35.19 -18.41 -2.97
CA LYS D 109 -34.86 -19.46 -3.92
C LYS D 109 -34.69 -20.78 -3.17
N VAL D 110 -35.15 -21.86 -3.81
CA VAL D 110 -35.18 -23.17 -3.16
C VAL D 110 -33.78 -23.77 -3.17
N ALA D 111 -33.34 -24.29 -2.02
CA ALA D 111 -32.04 -24.90 -1.90
C ALA D 111 -31.92 -26.09 -2.86
N ASP D 112 -31.49 -25.82 -4.09
CA ASP D 112 -31.48 -26.82 -5.15
C ASP D 112 -30.07 -27.25 -5.52
N TYR D 113 -29.19 -27.41 -4.54
CA TYR D 113 -27.89 -27.97 -4.81
C TYR D 113 -27.90 -29.50 -4.80
N ILE D 114 -29.00 -30.12 -4.40
CA ILE D 114 -29.24 -31.54 -4.61
C ILE D 114 -30.74 -31.69 -4.87
N PRO D 115 -31.17 -32.74 -5.58
CA PRO D 115 -32.59 -32.79 -6.03
C PRO D 115 -33.58 -32.89 -4.88
N GLN D 116 -33.25 -33.65 -3.82
CA GLN D 116 -34.19 -33.86 -2.74
C GLN D 116 -34.73 -32.54 -2.20
N LEU D 117 -33.82 -31.59 -1.94
CA LEU D 117 -34.23 -30.29 -1.42
C LEU D 117 -34.91 -29.43 -2.48
N ALA D 118 -34.71 -29.74 -3.77
CA ALA D 118 -35.38 -29.00 -4.84
C ALA D 118 -36.78 -29.52 -5.11
N LYS D 119 -37.11 -30.73 -4.64
CA LYS D 119 -38.44 -31.27 -4.85
C LYS D 119 -39.48 -30.54 -4.01
N PHE D 120 -39.12 -30.17 -2.78
CA PHE D 120 -40.04 -29.48 -1.89
C PHE D 120 -40.60 -28.24 -2.57
N SER D 121 -41.93 -28.17 -2.66
CA SER D 121 -42.57 -27.07 -3.36
C SER D 121 -42.35 -25.76 -2.59
N PRO D 122 -42.35 -24.62 -3.29
CA PRO D 122 -42.15 -23.35 -2.57
C PRO D 122 -43.26 -23.01 -1.61
N ASP D 123 -44.51 -23.31 -1.97
CA ASP D 123 -45.67 -22.92 -1.15
C ASP D 123 -45.93 -23.97 -0.08
N LEU D 124 -45.04 -23.99 0.92
CA LEU D 124 -45.17 -24.87 2.07
C LEU D 124 -44.97 -24.04 3.33
N TRP D 125 -45.92 -24.15 4.27
CA TRP D 125 -46.10 -23.16 5.33
C TRP D 125 -46.20 -23.86 6.69
N GLY D 126 -45.16 -24.58 7.05
CA GLY D 126 -45.16 -25.35 8.28
C GLY D 126 -45.06 -24.46 9.51
N VAL D 127 -46.02 -24.56 10.43
CA VAL D 127 -45.97 -23.88 11.71
C VAL D 127 -46.50 -24.82 12.78
N SER D 128 -45.62 -25.21 13.72
CA SER D 128 -46.00 -26.13 14.79
C SER D 128 -45.46 -25.61 16.12
N VAL D 129 -46.28 -25.73 17.17
CA VAL D 129 -45.98 -25.17 18.48
C VAL D 129 -46.12 -26.26 19.53
N CYS D 130 -45.28 -26.18 20.57
CA CYS D 130 -45.40 -27.08 21.72
C CYS D 130 -44.92 -26.35 22.96
N THR D 131 -45.82 -26.11 23.90
CA THR D 131 -45.45 -25.45 25.15
C THR D 131 -44.86 -26.47 26.13
N VAL D 132 -44.08 -25.97 27.07
CA VAL D 132 -43.32 -26.83 27.98
C VAL D 132 -44.25 -27.55 28.95
N ASP D 133 -45.56 -27.28 28.85
CA ASP D 133 -46.56 -28.04 29.59
C ASP D 133 -47.24 -29.10 28.73
N GLY D 134 -46.96 -29.16 27.43
CA GLY D 134 -47.52 -30.16 26.54
C GLY D 134 -48.58 -29.62 25.60
N GLN D 135 -49.26 -28.56 25.99
CA GLN D 135 -50.26 -27.95 25.13
C GLN D 135 -49.64 -27.57 23.79
N ARG D 136 -50.38 -27.83 22.71
CA ARG D 136 -49.82 -27.72 21.37
C ARG D 136 -50.88 -27.18 20.41
N HIS D 137 -50.40 -26.40 19.44
CA HIS D 137 -51.23 -25.96 18.33
C HIS D 137 -50.34 -25.86 17.10
N SER D 138 -50.95 -26.07 15.93
CA SER D 138 -50.19 -26.07 14.68
C SER D 138 -51.14 -25.74 13.54
N THR D 139 -50.57 -25.12 12.49
CA THR D 139 -51.35 -24.73 11.33
C THR D 139 -50.44 -24.71 10.11
N GLY D 140 -51.00 -25.07 8.96
CA GLY D 140 -50.27 -25.13 7.71
C GLY D 140 -49.93 -26.54 7.28
N ASP D 141 -49.00 -26.63 6.35
CA ASP D 141 -48.49 -27.92 5.88
C ASP D 141 -47.49 -28.48 6.90
N THR D 142 -48.01 -28.74 8.10
CA THR D 142 -47.17 -29.13 9.22
C THR D 142 -46.85 -30.62 9.21
N LYS D 143 -47.71 -31.43 8.61
CA LYS D 143 -47.55 -32.88 8.60
C LYS D 143 -46.51 -33.35 7.59
N VAL D 144 -45.96 -32.46 6.78
CA VAL D 144 -45.01 -32.86 5.74
C VAL D 144 -43.64 -33.05 6.38
N PRO D 145 -42.97 -34.18 6.16
CA PRO D 145 -41.61 -34.34 6.67
C PRO D 145 -40.58 -33.71 5.75
N PHE D 146 -39.38 -33.52 6.28
CA PHE D 146 -38.30 -32.91 5.52
C PHE D 146 -36.98 -33.15 6.25
N CYS D 147 -35.91 -33.27 5.48
CA CYS D 147 -34.59 -33.42 6.05
C CYS D 147 -34.26 -32.23 6.94
N LEU D 148 -33.72 -32.49 8.13
CA LEU D 148 -33.45 -31.41 9.07
C LEU D 148 -32.27 -30.56 8.62
N GLN D 149 -31.20 -31.18 8.17
CA GLN D 149 -29.97 -30.47 7.76
C GLN D 149 -29.38 -29.83 9.02
N SER D 150 -28.77 -28.65 8.88
CA SER D 150 -28.02 -28.00 9.96
C SER D 150 -28.79 -27.89 11.26
N CYS D 151 -30.12 -27.95 11.21
CA CYS D 151 -30.92 -27.87 12.42
C CYS D 151 -30.55 -28.94 13.45
N VAL D 152 -29.89 -30.00 13.01
CA VAL D 152 -29.50 -31.08 13.93
C VAL D 152 -28.25 -30.75 14.72
N LYS D 153 -27.48 -29.77 14.28
CA LYS D 153 -26.19 -29.51 14.91
C LYS D 153 -26.30 -29.10 16.38
N PRO D 154 -27.30 -28.32 16.80
CA PRO D 154 -27.44 -28.03 18.24
C PRO D 154 -27.56 -29.30 19.06
N LEU D 155 -28.57 -30.11 18.72
CA LEU D 155 -28.85 -31.32 19.49
C LEU D 155 -27.60 -32.16 19.67
N LYS D 156 -26.89 -32.44 18.56
CA LYS D 156 -25.58 -33.06 18.60
C LYS D 156 -24.83 -32.60 19.85
N TYR D 157 -24.41 -31.34 19.83
CA TYR D 157 -23.68 -30.75 20.95
C TYR D 157 -24.31 -31.15 22.28
N ALA D 158 -25.59 -30.80 22.45
CA ALA D 158 -26.28 -31.12 23.70
C ALA D 158 -26.02 -32.56 24.08
N ILE D 159 -26.38 -33.49 23.21
CA ILE D 159 -26.18 -34.92 23.48
C ILE D 159 -24.78 -35.16 24.02
N ALA D 160 -23.78 -34.73 23.26
CA ALA D 160 -22.39 -34.89 23.69
C ALA D 160 -22.21 -34.47 25.14
N VAL D 161 -22.53 -33.20 25.42
CA VAL D 161 -22.37 -32.70 26.78
C VAL D 161 -23.16 -33.57 27.75
N ASN D 162 -24.42 -33.86 27.41
CA ASN D 162 -25.28 -34.61 28.33
C ASN D 162 -24.60 -35.92 28.76
N ASP D 163 -23.69 -36.44 27.95
CA ASP D 163 -22.96 -37.65 28.30
C ASP D 163 -21.51 -37.37 28.70
N LEU D 164 -20.91 -36.30 28.19
CA LEU D 164 -19.49 -36.05 28.36
C LEU D 164 -19.18 -34.87 29.28
N GLY D 165 -20.10 -33.93 29.45
CA GLY D 165 -19.86 -32.76 30.26
C GLY D 165 -19.26 -31.62 29.45
N THR D 166 -19.43 -30.41 29.97
CA THR D 166 -18.96 -29.22 29.27
C THR D 166 -17.44 -29.25 29.11
N GLU D 167 -16.72 -29.64 30.16
CA GLU D 167 -15.26 -29.57 30.15
C GLU D 167 -14.69 -30.40 29.01
N TYR D 168 -15.02 -31.69 28.96
CA TYR D 168 -14.46 -32.58 27.94
C TYR D 168 -14.87 -32.14 26.53
N VAL D 169 -16.13 -31.73 26.36
CA VAL D 169 -16.61 -31.36 25.03
C VAL D 169 -15.86 -30.13 24.53
N HIS D 170 -15.83 -29.06 25.32
CA HIS D 170 -15.21 -27.82 24.89
C HIS D 170 -13.68 -27.88 24.91
N ARG D 171 -13.10 -29.04 25.23
CA ARG D 171 -11.69 -29.25 25.01
C ARG D 171 -11.36 -29.44 23.53
N TYR D 172 -12.37 -29.50 22.67
CA TYR D 172 -12.18 -29.71 21.24
C TYR D 172 -12.90 -28.68 20.37
N VAL D 173 -13.85 -27.92 20.90
CA VAL D 173 -14.52 -26.86 20.16
C VAL D 173 -14.47 -25.59 20.99
N GLY D 174 -14.64 -24.46 20.30
CA GLY D 174 -14.68 -23.17 20.97
C GLY D 174 -16.04 -22.87 21.53
N LYS D 175 -16.11 -21.75 22.26
CA LYS D 175 -17.34 -21.32 22.91
C LYS D 175 -17.87 -20.00 22.38
N GLU D 176 -17.15 -19.35 21.48
CA GLU D 176 -17.50 -18.02 21.00
C GLU D 176 -17.77 -18.06 19.50
N PRO D 177 -18.48 -17.04 18.96
CA PRO D 177 -18.65 -16.96 17.50
C PRO D 177 -17.41 -16.40 16.81
N SER D 178 -17.59 -15.87 15.60
CA SER D 178 -16.50 -15.21 14.89
C SER D 178 -16.92 -13.96 14.13
N GLY D 179 -18.16 -13.86 13.65
CA GLY D 179 -18.66 -12.68 13.01
C GLY D 179 -18.72 -12.82 11.49
N LEU D 180 -19.31 -11.80 10.87
CA LEU D 180 -19.41 -11.78 9.41
C LEU D 180 -18.05 -12.00 8.76
N ARG D 181 -17.05 -11.25 9.21
CA ARG D 181 -15.68 -11.51 8.81
C ARG D 181 -15.05 -12.50 9.80
N PHE D 182 -13.86 -13.00 9.44
CA PHE D 182 -13.30 -14.18 10.08
C PHE D 182 -14.22 -15.38 9.94
N ASN D 183 -15.08 -15.35 8.92
CA ASN D 183 -16.08 -16.37 8.68
C ASN D 183 -15.59 -17.50 7.78
N LYS D 184 -14.56 -17.23 6.97
CA LYS D 184 -14.04 -18.25 6.06
C LYS D 184 -13.27 -19.32 6.81
N LEU D 185 -12.56 -18.95 7.87
CA LEU D 185 -11.59 -19.84 8.48
C LEU D 185 -12.27 -21.08 9.06
N PHE D 186 -11.51 -22.17 9.11
CA PHE D 186 -11.98 -23.40 9.73
C PHE D 186 -11.84 -23.33 11.24
N LEU D 187 -10.66 -23.00 11.72
CA LEU D 187 -10.32 -23.09 13.14
C LEU D 187 -10.09 -21.71 13.73
N ASN D 188 -9.86 -21.70 15.05
CA ASN D 188 -9.49 -20.52 15.81
C ASN D 188 -8.05 -20.67 16.27
N GLU D 189 -7.49 -19.57 16.80
CA GLU D 189 -6.08 -19.56 17.20
C GLU D 189 -5.72 -20.76 18.04
N ASP D 190 -6.65 -21.23 18.87
CA ASP D 190 -6.41 -22.40 19.71
C ASP D 190 -6.42 -23.72 18.92
N ASP D 191 -6.49 -23.68 17.60
CA ASP D 191 -6.45 -24.88 16.76
C ASP D 191 -7.66 -25.77 17.01
N LYS D 192 -8.84 -25.15 17.04
CA LYS D 192 -10.10 -25.87 17.09
C LYS D 192 -11.20 -24.93 16.62
N PRO D 193 -12.31 -25.46 16.09
CA PRO D 193 -13.32 -24.58 15.48
C PRO D 193 -14.01 -23.68 16.48
N HIS D 194 -14.96 -22.88 16.01
CA HIS D 194 -15.52 -21.80 16.81
C HIS D 194 -16.63 -22.28 17.73
N ASN D 195 -17.55 -23.10 17.21
CA ASN D 195 -18.72 -23.50 17.97
C ASN D 195 -19.35 -24.69 17.28
N PRO D 196 -20.23 -25.42 17.96
CA PRO D 196 -20.94 -26.54 17.30
C PRO D 196 -21.87 -26.10 16.19
N MET D 197 -22.21 -24.80 16.12
CA MET D 197 -23.20 -24.35 15.16
C MET D 197 -22.64 -24.19 13.75
N VAL D 198 -21.34 -24.32 13.57
CA VAL D 198 -20.71 -24.27 12.25
C VAL D 198 -20.35 -25.68 11.84
N ASN D 199 -20.25 -25.88 10.52
CA ASN D 199 -20.05 -27.23 9.98
C ASN D 199 -18.84 -27.91 10.61
N ALA D 200 -17.68 -27.24 10.60
CA ALA D 200 -16.48 -27.83 11.19
C ALA D 200 -16.72 -28.23 12.64
N GLY D 201 -17.29 -27.31 13.42
CA GLY D 201 -17.60 -27.62 14.80
C GLY D 201 -18.53 -28.81 14.94
N ALA D 202 -19.60 -28.83 14.14
CA ALA D 202 -20.52 -29.97 14.18
C ALA D 202 -19.79 -31.27 13.92
N ILE D 203 -18.83 -31.26 12.99
CA ILE D 203 -18.05 -32.45 12.69
C ILE D 203 -17.23 -32.86 13.92
N VAL D 204 -16.52 -31.91 14.52
CA VAL D 204 -15.72 -32.24 15.71
C VAL D 204 -16.61 -32.81 16.81
N VAL D 205 -17.81 -32.25 16.96
CA VAL D 205 -18.76 -32.77 17.94
C VAL D 205 -19.09 -34.23 17.63
N THR D 206 -19.45 -34.50 16.37
CA THR D 206 -19.81 -35.86 15.98
C THR D 206 -18.71 -36.86 16.28
N SER D 207 -17.45 -36.40 16.31
CA SER D 207 -16.32 -37.29 16.57
C SER D 207 -16.24 -37.76 18.02
N LEU D 208 -17.12 -37.26 18.89
CA LEU D 208 -17.08 -37.59 20.30
C LEU D 208 -18.21 -38.51 20.75
N ILE D 209 -19.35 -38.50 20.04
CA ILE D 209 -20.51 -39.29 20.44
C ILE D 209 -20.15 -40.77 20.38
N LYS D 210 -20.18 -41.43 21.54
CA LYS D 210 -19.87 -42.86 21.61
C LYS D 210 -18.52 -43.18 20.98
N GLN D 211 -17.46 -43.11 21.77
CA GLN D 211 -16.13 -43.46 21.30
C GLN D 211 -15.83 -44.92 21.64
N GLY D 212 -15.53 -45.71 20.62
CA GLY D 212 -15.21 -47.11 20.82
C GLY D 212 -16.20 -48.05 20.15
N VAL D 213 -17.04 -47.52 19.27
CA VAL D 213 -18.04 -48.32 18.58
C VAL D 213 -18.04 -47.94 17.09
N ASN D 214 -19.08 -48.32 16.37
CA ASN D 214 -19.17 -48.12 14.93
C ASN D 214 -20.35 -47.22 14.59
N ASN D 215 -20.44 -46.86 13.31
CA ASN D 215 -21.42 -45.90 12.82
C ASN D 215 -22.84 -46.46 12.78
N ALA D 216 -23.03 -47.74 13.08
CA ALA D 216 -24.37 -48.29 13.23
C ALA D 216 -24.82 -48.28 14.68
N GLU D 217 -23.89 -48.47 15.62
CA GLU D 217 -24.22 -48.36 17.03
C GLU D 217 -24.45 -46.90 17.43
N LYS D 218 -23.57 -46.00 16.97
CA LYS D 218 -23.76 -44.58 17.25
C LYS D 218 -25.07 -44.08 16.67
N PHE D 219 -25.39 -44.49 15.44
CA PHE D 219 -26.62 -44.03 14.80
C PHE D 219 -27.84 -44.29 15.68
N ASP D 220 -27.95 -45.52 16.20
CA ASP D 220 -29.07 -45.84 17.08
C ASP D 220 -28.96 -45.09 18.40
N TYR D 221 -27.74 -44.90 18.92
CA TYR D 221 -27.58 -44.10 20.13
C TYR D 221 -28.14 -42.70 19.95
N VAL D 222 -28.08 -42.17 18.73
CA VAL D 222 -28.62 -40.84 18.45
C VAL D 222 -30.14 -40.90 18.27
N MET D 223 -30.61 -41.78 17.39
CA MET D 223 -32.05 -41.89 17.16
C MET D 223 -32.80 -42.13 18.47
N GLN D 224 -32.16 -42.83 19.42
CA GLN D 224 -32.74 -42.98 20.76
C GLN D 224 -33.02 -41.62 21.38
N PHE D 225 -31.99 -40.78 21.48
CA PHE D 225 -32.16 -39.46 22.09
C PHE D 225 -33.21 -38.64 21.35
N LEU D 226 -33.16 -38.64 20.01
CA LEU D 226 -34.13 -37.85 19.27
C LEU D 226 -35.55 -38.34 19.53
N ASN D 227 -35.74 -39.66 19.65
CA ASN D 227 -37.06 -40.18 19.95
C ASN D 227 -37.51 -39.78 21.35
N LYS D 228 -36.60 -39.81 22.33
CA LYS D 228 -36.93 -39.34 23.67
C LYS D 228 -37.38 -37.88 23.64
N MET D 229 -36.59 -37.04 22.96
CA MET D 229 -36.85 -35.60 22.98
C MET D 229 -38.14 -35.23 22.26
N ALA D 230 -38.54 -36.02 21.25
CA ALA D 230 -39.70 -35.71 20.44
C ALA D 230 -40.95 -36.45 20.91
N GLY D 231 -40.94 -36.97 22.13
CA GLY D 231 -42.07 -37.77 22.59
C GLY D 231 -42.22 -39.07 21.83
N ASN D 232 -41.12 -39.66 21.39
CA ASN D 232 -41.13 -40.88 20.59
C ASN D 232 -41.88 -40.72 19.28
N GLU D 233 -42.09 -39.48 18.84
CA GLU D 233 -42.78 -39.23 17.58
C GLU D 233 -41.82 -39.37 16.41
N TYR D 234 -42.14 -38.77 15.27
CA TYR D 234 -41.41 -39.07 14.04
C TYR D 234 -39.92 -38.73 14.15
N VAL D 235 -39.09 -39.76 14.19
CA VAL D 235 -37.64 -39.62 14.06
C VAL D 235 -37.25 -40.49 12.88
N GLY D 236 -37.13 -39.89 11.70
CA GLY D 236 -36.95 -40.62 10.47
C GLY D 236 -35.54 -40.48 9.89
N PHE D 237 -35.41 -40.92 8.64
CA PHE D 237 -34.13 -40.92 7.96
C PHE D 237 -34.38 -40.94 6.46
N SER D 238 -33.50 -40.26 5.73
CA SER D 238 -33.57 -40.18 4.27
C SER D 238 -32.21 -40.56 3.72
N ASN D 239 -32.06 -41.80 3.26
CA ASN D 239 -30.81 -42.22 2.64
C ASN D 239 -30.57 -41.51 1.33
N ALA D 240 -31.64 -41.09 0.65
CA ALA D 240 -31.50 -40.35 -0.60
C ALA D 240 -30.69 -39.08 -0.38
N THR D 241 -31.21 -38.17 0.45
CA THR D 241 -30.48 -36.95 0.76
C THR D 241 -29.12 -37.25 1.40
N PHE D 242 -28.93 -38.45 1.93
CA PHE D 242 -27.63 -38.82 2.50
C PHE D 242 -26.61 -39.06 1.40
N GLN D 243 -26.97 -39.86 0.40
CA GLN D 243 -26.07 -40.05 -0.75
C GLN D 243 -25.88 -38.73 -1.50
N SER D 244 -26.93 -37.92 -1.60
CA SER D 244 -26.79 -36.61 -2.25
C SER D 244 -25.82 -35.72 -1.48
N GLU D 245 -25.86 -35.79 -0.15
CA GLU D 245 -24.97 -34.96 0.66
C GLU D 245 -23.54 -35.48 0.64
N ARG D 246 -23.35 -36.78 0.46
CA ARG D 246 -22.02 -37.38 0.44
C ARG D 246 -21.35 -37.30 -0.92
N GLU D 247 -22.14 -37.30 -2.00
CA GLU D 247 -21.59 -37.11 -3.34
C GLU D 247 -21.19 -35.66 -3.58
N SER D 248 -22.12 -34.74 -3.36
CA SER D 248 -21.81 -33.32 -3.35
C SER D 248 -21.18 -32.87 -2.03
N GLY D 249 -20.79 -33.81 -1.17
CA GLY D 249 -20.12 -33.49 0.06
C GLY D 249 -18.80 -32.79 -0.20
N ASP D 250 -18.87 -31.50 -0.50
CA ASP D 250 -17.74 -30.76 -1.03
C ASP D 250 -16.74 -30.39 0.07
N ARG D 251 -16.71 -29.10 0.46
CA ARG D 251 -15.67 -28.63 1.36
C ARG D 251 -15.54 -29.52 2.59
N ASN D 252 -16.68 -29.96 3.15
CA ASN D 252 -16.68 -30.77 4.35
C ASN D 252 -15.62 -31.87 4.30
N PHE D 253 -15.37 -32.40 3.10
CA PHE D 253 -14.21 -33.28 2.91
C PHE D 253 -12.94 -32.59 3.35
N ALA D 254 -12.64 -31.43 2.75
CA ALA D 254 -11.42 -30.71 3.07
C ALA D 254 -11.36 -30.38 4.55
N ILE D 255 -12.45 -29.82 5.08
CA ILE D 255 -12.53 -29.56 6.52
C ILE D 255 -12.12 -30.80 7.29
N GLY D 256 -12.65 -31.95 6.89
CA GLY D 256 -12.35 -33.18 7.58
C GLY D 256 -10.86 -33.51 7.58
N TYR D 257 -10.23 -33.41 6.41
CA TYR D 257 -8.81 -33.74 6.32
C TYR D 257 -7.97 -32.75 7.13
N TYR D 258 -8.18 -31.44 6.92
CA TYR D 258 -7.40 -30.45 7.66
C TYR D 258 -7.53 -30.68 9.16
N LEU D 259 -8.77 -30.85 9.65
CA LEU D 259 -8.97 -31.25 11.03
C LEU D 259 -8.16 -32.50 11.35
N LYS D 260 -8.07 -33.42 10.39
CA LYS D 260 -7.37 -34.68 10.63
C LYS D 260 -5.90 -34.44 10.94
N GLU D 261 -5.27 -33.47 10.28
CA GLU D 261 -3.85 -33.25 10.53
C GLU D 261 -3.61 -32.61 11.90
N LYS D 262 -4.50 -31.68 12.31
CA LYS D 262 -4.26 -30.87 13.49
C LYS D 262 -4.86 -31.47 14.77
N LYS D 263 -4.95 -32.80 14.86
CA LYS D 263 -5.40 -33.47 16.08
C LYS D 263 -6.72 -32.89 16.59
N CYS D 264 -7.60 -32.51 15.67
CA CYS D 264 -8.90 -31.95 16.05
C CYS D 264 -9.93 -33.03 16.37
N PHE D 265 -9.55 -34.30 16.36
CA PHE D 265 -10.40 -35.39 16.79
C PHE D 265 -9.71 -36.16 17.91
N PRO D 266 -10.47 -36.79 18.81
CA PRO D 266 -9.84 -37.48 19.95
C PRO D 266 -8.91 -38.59 19.48
N GLU D 267 -8.10 -39.08 20.41
CA GLU D 267 -7.07 -40.05 20.09
C GLU D 267 -7.68 -41.28 19.42
N GLY D 268 -6.97 -41.81 18.43
CA GLY D 268 -7.42 -43.00 17.72
C GLY D 268 -8.79 -42.85 17.11
N THR D 269 -8.91 -41.96 16.12
CA THR D 269 -10.17 -41.73 15.43
C THR D 269 -9.92 -41.64 13.93
N ASP D 270 -10.79 -42.25 13.15
CA ASP D 270 -10.72 -42.19 11.71
C ASP D 270 -11.61 -41.07 11.18
N MET D 271 -11.08 -40.30 10.23
CA MET D 271 -11.85 -39.19 9.67
C MET D 271 -12.92 -39.69 8.71
N VAL D 272 -12.58 -40.67 7.86
CA VAL D 272 -13.47 -41.06 6.77
C VAL D 272 -14.80 -41.55 7.30
N GLY D 273 -14.79 -42.20 8.47
CA GLY D 273 -16.03 -42.71 9.04
C GLY D 273 -16.83 -41.63 9.73
N ILE D 274 -16.15 -40.83 10.55
CA ILE D 274 -16.84 -39.76 11.27
C ILE D 274 -17.52 -38.82 10.29
N LEU D 275 -16.90 -38.58 9.14
CA LEU D 275 -17.50 -37.71 8.13
C LEU D 275 -18.80 -38.29 7.61
N ASP D 276 -18.78 -39.57 7.23
CA ASP D 276 -20.01 -40.22 6.77
C ASP D 276 -21.08 -40.19 7.85
N PHE D 277 -20.70 -40.40 9.11
CA PHE D 277 -21.65 -40.29 10.20
C PHE D 277 -22.29 -38.90 10.22
N TYR D 278 -21.46 -37.86 10.10
CA TYR D 278 -21.95 -36.50 10.04
C TYR D 278 -23.00 -36.36 8.94
N PHE D 279 -22.73 -36.92 7.76
CA PHE D 279 -23.71 -36.86 6.68
C PHE D 279 -25.01 -37.55 7.08
N GLN D 280 -24.90 -38.80 7.55
CA GLN D 280 -26.07 -39.54 8.00
C GLN D 280 -26.94 -38.66 8.90
N LEU D 281 -26.32 -38.05 9.91
CA LEU D 281 -27.08 -37.22 10.85
C LEU D 281 -27.72 -36.04 10.13
N CYS D 282 -26.95 -35.34 9.30
CA CYS D 282 -27.49 -34.18 8.59
C CYS D 282 -28.62 -34.55 7.64
N SER D 283 -28.79 -35.84 7.32
CA SER D 283 -29.83 -36.28 6.40
C SER D 283 -31.09 -36.72 7.12
N ILE D 284 -31.17 -36.53 8.43
CA ILE D 284 -32.35 -36.97 9.18
C ILE D 284 -33.53 -36.07 8.85
N GLU D 285 -34.71 -36.68 8.78
CA GLU D 285 -35.94 -35.97 8.41
C GLU D 285 -36.96 -36.07 9.52
N VAL D 286 -37.68 -34.97 9.74
CA VAL D 286 -38.79 -34.93 10.68
C VAL D 286 -39.84 -33.98 10.11
N THR D 287 -40.97 -33.89 10.80
CA THR D 287 -42.01 -32.93 10.48
C THR D 287 -42.07 -31.86 11.56
N CYS D 288 -42.68 -30.72 11.22
CA CYS D 288 -42.77 -29.61 12.15
C CYS D 288 -43.29 -30.08 13.50
N GLU D 289 -44.39 -30.83 13.50
CA GLU D 289 -45.01 -31.28 14.73
C GLU D 289 -44.00 -31.97 15.65
N SER D 290 -43.16 -32.83 15.07
CA SER D 290 -42.22 -33.60 15.87
C SER D 290 -41.04 -32.76 16.37
N ALA D 291 -40.65 -31.74 15.62
CA ALA D 291 -39.56 -30.89 16.06
C ALA D 291 -40.00 -29.95 17.18
N SER D 292 -41.24 -29.45 17.10
CA SER D 292 -41.77 -28.61 18.17
C SER D 292 -41.55 -29.25 19.53
N VAL D 293 -41.78 -30.56 19.62
CA VAL D 293 -41.62 -31.26 20.90
C VAL D 293 -40.16 -31.20 21.35
N MET D 294 -39.23 -31.09 20.41
CA MET D 294 -37.81 -31.04 20.75
C MET D 294 -37.42 -29.64 21.23
N ALA D 295 -37.81 -28.61 20.47
CA ALA D 295 -37.61 -27.24 20.92
C ALA D 295 -38.16 -27.07 22.32
N ALA D 296 -39.38 -27.55 22.56
CA ALA D 296 -39.94 -27.50 23.91
C ALA D 296 -39.12 -28.34 24.88
N THR D 297 -38.57 -29.48 24.42
CA THR D 297 -37.73 -30.28 25.30
C THR D 297 -36.57 -29.47 25.85
N LEU D 298 -36.02 -28.57 25.03
CA LEU D 298 -34.98 -27.68 25.52
C LEU D 298 -35.56 -26.54 26.35
N ALA D 299 -36.72 -26.03 25.97
CA ALA D 299 -37.33 -24.92 26.70
C ALA D 299 -37.68 -25.33 28.13
N ASN D 300 -37.96 -26.61 28.36
CA ASN D 300 -38.36 -27.10 29.67
C ASN D 300 -37.16 -27.54 30.51
N GLY D 301 -35.94 -27.21 30.09
CA GLY D 301 -34.76 -27.54 30.88
C GLY D 301 -34.27 -28.95 30.73
N GLY D 302 -34.44 -29.56 29.56
CA GLY D 302 -34.03 -30.91 29.29
C GLY D 302 -35.14 -31.93 29.44
N PHE D 303 -36.06 -31.70 30.35
CA PHE D 303 -37.13 -32.67 30.61
C PHE D 303 -38.22 -32.52 29.55
N CYS D 304 -38.68 -33.64 29.02
CA CYS D 304 -39.61 -33.61 27.90
C CYS D 304 -40.96 -33.05 28.33
N PRO D 305 -41.63 -32.27 27.47
CA PRO D 305 -42.91 -31.68 27.88
C PRO D 305 -44.06 -32.68 27.92
N ILE D 306 -44.17 -33.55 26.92
CA ILE D 306 -45.33 -34.42 26.78
C ILE D 306 -45.07 -35.82 27.34
N THR D 307 -44.04 -35.98 28.18
CA THR D 307 -43.80 -37.25 28.84
C THR D 307 -43.36 -37.04 30.27
N GLY D 308 -42.17 -36.46 30.46
CA GLY D 308 -41.63 -36.28 31.79
C GLY D 308 -40.43 -37.18 32.04
N GLU D 309 -39.44 -37.08 31.17
CA GLU D 309 -38.21 -37.85 31.29
C GLU D 309 -37.02 -36.92 31.50
N ARG D 310 -36.00 -37.43 32.20
CA ARG D 310 -34.74 -36.71 32.33
C ARG D 310 -33.91 -36.93 31.06
N VAL D 311 -34.35 -36.25 30.00
CA VAL D 311 -33.77 -36.49 28.68
C VAL D 311 -32.34 -35.96 28.62
N LEU D 312 -32.19 -34.65 28.79
CA LEU D 312 -30.90 -33.98 28.69
C LEU D 312 -30.57 -33.30 30.00
N SER D 313 -29.30 -33.37 30.40
CA SER D 313 -28.87 -32.65 31.59
C SER D 313 -29.05 -31.15 31.38
N PRO D 314 -29.75 -30.44 32.27
CA PRO D 314 -29.96 -29.00 32.06
C PRO D 314 -28.69 -28.24 31.72
N GLU D 315 -27.53 -28.70 32.20
CA GLU D 315 -26.25 -28.12 31.82
C GLU D 315 -26.15 -27.98 30.30
N ALA D 316 -26.22 -29.12 29.60
CA ALA D 316 -26.12 -29.11 28.15
C ALA D 316 -27.20 -28.25 27.51
N VAL D 317 -28.39 -28.20 28.11
CA VAL D 317 -29.47 -27.38 27.56
C VAL D 317 -29.08 -25.91 27.63
N ARG D 318 -28.53 -25.49 28.76
CA ARG D 318 -28.10 -24.10 28.92
C ARG D 318 -27.01 -23.75 27.91
N ASN D 319 -25.93 -24.53 27.89
CA ASN D 319 -24.87 -24.28 26.92
C ASN D 319 -25.46 -24.18 25.51
N THR D 320 -26.17 -25.23 25.09
CA THR D 320 -26.75 -25.24 23.75
C THR D 320 -27.56 -23.99 23.46
N LEU D 321 -28.40 -23.58 24.40
CA LEU D 321 -29.30 -22.46 24.13
C LEU D 321 -28.53 -21.16 24.00
N SER D 322 -27.51 -20.95 24.84
CA SER D 322 -26.67 -19.76 24.69
C SER D 322 -25.98 -19.76 23.32
N LEU D 323 -25.35 -20.87 22.96
CA LEU D 323 -24.67 -20.94 21.66
C LEU D 323 -25.63 -20.80 20.49
N MET D 324 -26.91 -21.14 20.70
CA MET D 324 -27.93 -20.86 19.69
C MET D 324 -28.27 -19.38 19.63
N HIS D 325 -28.23 -18.70 20.78
CA HIS D 325 -28.40 -17.25 20.78
C HIS D 325 -27.32 -16.59 19.96
N SER D 326 -26.05 -16.81 20.33
CA SER D 326 -24.96 -16.09 19.69
C SER D 326 -24.63 -16.66 18.31
N CYS D 327 -24.17 -17.92 18.27
CA CYS D 327 -23.68 -18.52 17.03
C CYS D 327 -24.79 -19.23 16.26
N GLY D 328 -26.05 -18.86 16.48
CA GLY D 328 -27.17 -19.61 15.96
C GLY D 328 -27.26 -19.72 14.45
N MET D 329 -28.25 -19.05 13.86
CA MET D 329 -28.64 -19.28 12.48
C MET D 329 -27.77 -18.45 11.54
N TYR D 330 -26.59 -19.00 11.24
CA TYR D 330 -25.71 -18.48 10.20
C TYR D 330 -25.29 -17.04 10.47
N ASP D 331 -24.72 -16.40 9.44
CA ASP D 331 -24.20 -15.04 9.60
C ASP D 331 -25.28 -14.09 10.10
N PHE D 332 -26.55 -14.40 9.85
CA PHE D 332 -27.64 -13.60 10.40
C PHE D 332 -27.67 -13.64 11.91
N SER D 333 -27.13 -14.71 12.51
CA SER D 333 -27.24 -14.97 13.94
C SER D 333 -27.15 -13.69 14.77
N GLY D 334 -26.04 -12.96 14.63
CA GLY D 334 -25.88 -11.71 15.35
C GLY D 334 -27.11 -10.84 15.27
N GLN D 335 -27.41 -10.33 14.07
CA GLN D 335 -28.55 -9.44 13.90
C GLN D 335 -29.83 -10.07 14.43
N PHE D 336 -29.91 -11.41 14.44
CA PHE D 336 -31.05 -12.07 15.06
C PHE D 336 -30.99 -11.90 16.57
N ALA D 337 -29.94 -12.41 17.20
CA ALA D 337 -29.78 -12.31 18.65
C ALA D 337 -30.02 -10.92 19.18
N PHE D 338 -29.88 -9.90 18.34
CA PHE D 338 -30.15 -8.52 18.71
C PHE D 338 -31.60 -8.13 18.42
N HIS D 339 -32.06 -8.35 17.20
CA HIS D 339 -33.34 -7.82 16.76
C HIS D 339 -34.50 -8.71 17.18
N VAL D 340 -34.27 -10.01 17.30
CA VAL D 340 -35.29 -10.96 17.74
C VAL D 340 -34.95 -11.59 19.10
N GLY D 341 -33.67 -11.76 19.41
CA GLY D 341 -33.24 -12.13 20.75
C GLY D 341 -33.44 -13.59 21.12
N LEU D 342 -34.10 -14.39 20.30
CA LEU D 342 -34.39 -15.75 20.72
C LEU D 342 -33.31 -16.70 20.21
N PRO D 343 -32.94 -17.73 20.99
CA PRO D 343 -32.00 -18.74 20.48
C PRO D 343 -32.67 -19.61 19.44
N ALA D 344 -31.94 -19.90 18.36
CA ALA D 344 -32.53 -20.60 17.23
C ALA D 344 -31.42 -21.28 16.44
N LYS D 345 -31.81 -21.93 15.35
CA LYS D 345 -30.86 -22.51 14.41
C LYS D 345 -31.59 -22.89 13.13
N SER D 346 -31.16 -22.36 11.99
CA SER D 346 -31.81 -22.65 10.73
C SER D 346 -31.13 -23.82 10.03
N GLY D 347 -31.90 -24.54 9.23
CA GLY D 347 -31.39 -25.61 8.39
C GLY D 347 -31.69 -25.30 6.94
N VAL D 348 -30.81 -25.77 6.05
CA VAL D 348 -30.93 -25.45 4.64
C VAL D 348 -32.19 -26.04 4.01
N ALA D 349 -32.87 -26.94 4.71
CA ALA D 349 -34.12 -27.48 4.20
C ALA D 349 -35.24 -26.45 4.22
N GLY D 350 -35.13 -25.42 5.06
CA GLY D 350 -36.15 -24.40 5.20
C GLY D 350 -36.77 -24.32 6.58
N GLY D 351 -36.43 -25.21 7.50
CA GLY D 351 -36.99 -25.19 8.84
C GLY D 351 -36.06 -24.49 9.81
N ILE D 352 -36.65 -23.86 10.82
CA ILE D 352 -35.90 -23.11 11.83
C ILE D 352 -36.29 -23.63 13.21
N LEU D 353 -35.30 -24.10 13.96
CA LEU D 353 -35.50 -24.48 15.35
C LEU D 353 -35.55 -23.21 16.20
N LEU D 354 -36.65 -23.04 16.93
CA LEU D 354 -36.92 -21.80 17.67
C LEU D 354 -37.34 -22.14 19.08
N VAL D 355 -36.56 -21.69 20.07
CA VAL D 355 -36.82 -21.95 21.48
C VAL D 355 -37.13 -20.65 22.18
N VAL D 356 -38.17 -20.68 23.02
CA VAL D 356 -38.48 -19.58 23.94
C VAL D 356 -38.40 -20.16 25.34
N PRO D 357 -37.22 -20.13 25.98
CA PRO D 357 -37.02 -20.92 27.20
C PRO D 357 -38.10 -20.66 28.25
N ASN D 358 -38.45 -21.73 28.98
CA ASN D 358 -39.44 -21.69 30.04
C ASN D 358 -40.80 -21.21 29.57
N VAL D 359 -41.01 -21.11 28.25
CA VAL D 359 -42.32 -20.81 27.69
C VAL D 359 -42.68 -21.92 26.72
N MET D 360 -42.03 -21.96 25.56
CA MET D 360 -42.43 -22.90 24.53
C MET D 360 -41.25 -23.25 23.63
N GLY D 361 -41.49 -24.24 22.78
CA GLY D 361 -40.60 -24.53 21.67
C GLY D 361 -41.42 -24.72 20.41
N MET D 362 -40.89 -24.21 19.30
CA MET D 362 -41.67 -24.06 18.08
C MET D 362 -40.92 -24.69 16.92
N MET D 363 -41.52 -24.57 15.73
CA MET D 363 -40.86 -24.97 14.49
C MET D 363 -41.63 -24.36 13.32
N CYS D 364 -40.93 -23.59 12.50
CA CYS D 364 -41.45 -23.06 11.25
C CYS D 364 -40.67 -23.66 10.10
N TRP D 365 -41.32 -23.75 8.93
CA TRP D 365 -40.75 -24.46 7.79
C TRP D 365 -41.26 -23.85 6.50
N SER D 366 -40.32 -23.33 5.71
CA SER D 366 -40.57 -22.88 4.35
C SER D 366 -39.29 -23.14 3.56
N PRO D 367 -39.26 -24.15 2.69
CA PRO D 367 -38.03 -24.50 1.97
C PRO D 367 -37.43 -23.30 1.26
N PRO D 368 -38.25 -22.42 0.64
CA PRO D 368 -37.68 -21.22 0.00
C PRO D 368 -36.74 -20.45 0.91
N LEU D 369 -35.44 -20.63 0.73
CA LEU D 369 -34.45 -19.95 1.56
C LEU D 369 -34.21 -18.53 1.05
N ASP D 370 -33.56 -17.73 1.89
CA ASP D 370 -33.14 -16.39 1.54
C ASP D 370 -31.63 -16.36 1.35
N LYS D 371 -31.17 -15.36 0.60
CA LYS D 371 -29.75 -15.24 0.27
C LYS D 371 -28.84 -15.34 1.49
N MET D 372 -29.37 -15.13 2.70
CA MET D 372 -28.59 -15.33 3.91
C MET D 372 -28.45 -16.79 4.29
N GLY D 373 -29.24 -17.68 3.70
CA GLY D 373 -29.26 -19.07 4.08
C GLY D 373 -30.37 -19.44 5.03
N ASN D 374 -31.21 -18.49 5.42
CA ASN D 374 -32.32 -18.72 6.33
C ASN D 374 -33.63 -18.72 5.55
N SER D 375 -34.71 -19.09 6.24
CA SER D 375 -36.01 -19.18 5.62
C SER D 375 -36.60 -17.78 5.38
N VAL D 376 -37.59 -17.73 4.50
CA VAL D 376 -38.30 -16.50 4.17
C VAL D 376 -39.46 -16.33 5.14
N LYS D 377 -40.52 -17.11 4.94
CA LYS D 377 -41.63 -17.13 5.89
C LYS D 377 -41.13 -17.36 7.31
N GLY D 378 -40.07 -18.16 7.47
CA GLY D 378 -39.57 -18.45 8.80
C GLY D 378 -39.16 -17.20 9.55
N ILE D 379 -38.26 -16.41 8.96
CA ILE D 379 -37.80 -15.20 9.65
C ILE D 379 -38.90 -14.15 9.70
N HIS D 380 -39.62 -13.95 8.59
CA HIS D 380 -40.73 -13.00 8.60
C HIS D 380 -41.66 -13.29 9.77
N PHE D 381 -41.89 -14.58 10.06
CA PHE D 381 -42.65 -14.97 11.24
C PHE D 381 -41.89 -14.63 12.51
N CYS D 382 -40.58 -14.91 12.53
CA CYS D 382 -39.79 -14.73 13.75
C CYS D 382 -39.85 -13.29 14.26
N HIS D 383 -39.77 -12.31 13.36
CA HIS D 383 -39.81 -10.93 13.81
C HIS D 383 -41.18 -10.27 13.66
N ASP D 384 -42.11 -10.88 12.92
CA ASP D 384 -43.51 -10.49 13.09
C ASP D 384 -44.05 -11.02 14.41
N LEU D 385 -43.28 -11.83 15.12
CA LEU D 385 -43.67 -12.31 16.45
C LEU D 385 -43.35 -11.28 17.53
N VAL D 386 -42.06 -11.12 17.85
CA VAL D 386 -41.64 -10.27 18.95
C VAL D 386 -42.11 -8.83 18.78
N SER D 387 -42.49 -8.43 17.56
CA SER D 387 -43.10 -7.12 17.36
C SER D 387 -44.50 -7.05 17.96
N LEU D 388 -45.10 -8.20 18.25
CA LEU D 388 -46.43 -8.27 18.83
C LEU D 388 -46.46 -8.99 20.17
N CYS D 389 -45.32 -9.53 20.62
CA CYS D 389 -45.26 -10.30 21.85
C CYS D 389 -43.96 -9.99 22.58
N ASN D 390 -44.02 -10.06 23.92
CA ASN D 390 -42.88 -9.72 24.78
C ASN D 390 -41.95 -10.89 25.01
N PHE D 391 -41.68 -11.69 23.97
CA PHE D 391 -40.82 -12.85 24.12
C PHE D 391 -39.34 -12.53 23.92
N HIS D 392 -39.02 -11.33 23.42
CA HIS D 392 -37.62 -10.97 23.20
C HIS D 392 -36.80 -11.26 24.46
N ASN D 393 -35.71 -12.01 24.27
CA ASN D 393 -35.00 -12.60 25.40
C ASN D 393 -34.55 -11.56 26.42
N TYR D 394 -34.38 -10.31 26.00
CA TYR D 394 -34.01 -9.24 26.93
C TYR D 394 -35.01 -8.10 26.87
N ASP D 395 -36.30 -8.44 26.92
CA ASP D 395 -37.35 -7.43 27.05
C ASP D 395 -37.69 -7.28 28.53
N ASN D 396 -38.76 -6.56 28.85
CA ASN D 396 -39.19 -6.35 30.22
C ASN D 396 -40.54 -7.05 30.45
N LEU D 397 -40.62 -7.78 31.57
CA LEU D 397 -41.83 -8.52 31.91
C LEU D 397 -42.86 -7.62 32.59
N ARG D 398 -42.40 -6.75 33.49
CA ARG D 398 -43.31 -5.90 34.24
C ARG D 398 -43.94 -4.83 33.35
N HIS D 399 -43.12 -3.92 32.84
CA HIS D 399 -43.59 -2.80 32.01
C HIS D 399 -43.06 -3.01 30.59
N PHE D 400 -43.71 -3.89 29.84
CA PHE D 400 -43.46 -3.98 28.41
C PHE D 400 -44.24 -2.89 27.69
N ALA D 401 -43.92 -2.69 26.41
CA ALA D 401 -44.57 -1.65 25.62
C ALA D 401 -46.04 -1.98 25.42
N LYS D 402 -46.53 -1.89 24.18
CA LYS D 402 -47.90 -2.26 23.86
C LYS D 402 -48.00 -3.68 23.33
N LYS D 403 -47.14 -4.57 23.83
CA LYS D 403 -47.10 -5.96 23.39
C LYS D 403 -48.16 -6.78 24.10
N LEU D 404 -48.03 -8.11 24.07
CA LEU D 404 -48.90 -9.02 24.78
C LEU D 404 -48.05 -10.07 25.48
N ASP D 405 -48.39 -10.36 26.73
CA ASP D 405 -47.76 -11.45 27.49
C ASP D 405 -48.86 -12.43 27.88
N PRO D 406 -48.99 -13.57 27.21
CA PRO D 406 -50.03 -14.53 27.58
C PRO D 406 -49.68 -15.44 28.75
N ARG D 407 -48.57 -15.17 29.45
CA ARG D 407 -48.28 -15.89 30.69
C ARG D 407 -49.28 -15.55 31.78
N ARG D 408 -49.79 -14.32 31.79
CA ARG D 408 -50.93 -13.95 32.63
C ARG D 408 -52.21 -14.04 31.81
N GLU D 409 -53.31 -14.23 32.52
CA GLU D 409 -54.59 -14.50 31.88
C GLU D 409 -54.92 -13.42 30.86
N GLY D 410 -55.83 -13.74 29.95
CA GLY D 410 -56.23 -12.82 28.91
C GLY D 410 -57.29 -11.83 29.36
N GLY D 411 -58.39 -12.34 29.89
CA GLY D 411 -59.48 -11.48 30.32
C GLY D 411 -59.28 -10.90 31.71
N ASP D 412 -58.67 -11.70 32.60
CA ASP D 412 -58.50 -11.25 33.99
C ASP D 412 -57.43 -10.17 34.10
N GLN D 413 -56.38 -10.24 33.28
CA GLN D 413 -55.30 -9.26 33.38
C GLN D 413 -55.72 -7.88 32.90
N ARG D 414 -56.82 -7.78 32.16
CA ARG D 414 -57.34 -6.48 31.77
C ARG D 414 -58.00 -5.74 32.93
N VAL D 415 -58.30 -6.47 34.02
CA VAL D 415 -58.86 -5.87 35.23
C VAL D 415 -57.88 -5.92 36.39
N LYS D 416 -56.82 -6.74 36.31
CA LYS D 416 -55.79 -6.74 37.33
C LYS D 416 -55.03 -5.42 37.40
N SER D 417 -55.13 -4.58 36.37
CA SER D 417 -54.40 -3.32 36.33
C SER D 417 -55.29 -2.10 36.13
N VAL D 418 -56.54 -2.28 35.67
CA VAL D 418 -57.48 -1.17 35.69
C VAL D 418 -58.01 -0.94 37.09
N ILE D 419 -58.09 -2.00 37.89
CA ILE D 419 -58.38 -1.86 39.31
C ILE D 419 -57.22 -1.17 40.02
N ASN D 420 -55.99 -1.51 39.62
CA ASN D 420 -54.81 -0.93 40.24
C ASN D 420 -54.65 0.55 39.91
N LEU D 421 -55.42 1.07 38.95
CA LEU D 421 -55.49 2.51 38.74
C LEU D 421 -56.49 3.15 39.68
N LEU D 422 -57.47 2.39 40.16
CA LEU D 422 -58.57 2.96 40.94
C LEU D 422 -58.34 2.91 42.44
N PHE D 423 -57.76 1.81 42.97
CA PHE D 423 -57.61 1.78 44.42
C PHE D 423 -56.60 2.79 44.93
N ALA D 424 -55.96 3.54 44.04
CA ALA D 424 -55.20 4.73 44.42
C ALA D 424 -56.10 5.96 44.58
N ALA D 425 -57.40 5.76 44.81
CA ALA D 425 -58.33 6.85 45.04
C ALA D 425 -59.22 6.58 46.26
N TYR D 426 -58.92 5.54 47.05
CA TYR D 426 -59.71 5.18 48.21
C TYR D 426 -59.06 5.62 49.52
N THR D 427 -57.74 5.57 49.62
CA THR D 427 -57.03 6.03 50.81
C THR D 427 -56.50 7.46 50.68
N GLY D 428 -56.54 8.04 49.49
CA GLY D 428 -56.00 9.37 49.29
C GLY D 428 -54.54 9.31 48.85
N ASP D 429 -54.25 8.43 47.90
CA ASP D 429 -52.88 8.18 47.44
C ASP D 429 -52.77 8.64 45.99
N VAL D 430 -51.90 9.62 45.75
CA VAL D 430 -51.61 10.07 44.39
C VAL D 430 -50.27 9.54 43.88
N SER D 431 -49.38 9.11 44.78
CA SER D 431 -48.12 8.52 44.35
C SER D 431 -48.34 7.45 43.29
N ALA D 432 -49.25 6.50 43.57
CA ALA D 432 -49.57 5.48 42.59
C ALA D 432 -50.29 6.06 41.38
N LEU D 433 -51.01 7.17 41.56
CA LEU D 433 -51.73 7.78 40.44
C LEU D 433 -50.77 8.42 39.45
N ARG D 434 -49.72 9.06 39.95
CA ARG D 434 -48.69 9.59 39.04
C ARG D 434 -47.78 8.50 38.53
N ARG D 435 -47.57 7.44 39.32
CA ARG D 435 -46.79 6.31 38.82
C ARG D 435 -47.53 5.58 37.70
N PHE D 436 -48.86 5.60 37.71
CA PHE D 436 -49.64 4.99 36.64
C PHE D 436 -49.95 5.95 35.50
N ALA D 437 -49.95 7.26 35.75
CA ALA D 437 -50.06 8.22 34.67
C ALA D 437 -48.74 8.36 33.93
N LEU D 438 -47.62 8.19 34.63
CA LEU D 438 -46.31 8.18 33.99
C LEU D 438 -46.01 6.85 33.29
N SER D 439 -46.88 5.85 33.46
CA SER D 439 -46.73 4.58 32.76
C SER D 439 -47.54 4.51 31.47
N ALA D 440 -48.10 5.64 31.02
CA ALA D 440 -48.84 5.71 29.77
C ALA D 440 -50.10 4.84 29.82
N MET D 441 -50.99 5.19 30.75
CA MET D 441 -52.27 4.51 30.93
C MET D 441 -53.40 5.41 30.47
N ASP D 442 -54.39 4.81 29.81
CA ASP D 442 -55.59 5.53 29.41
C ASP D 442 -56.44 5.77 30.65
N MET D 443 -56.56 7.03 31.06
CA MET D 443 -57.11 7.39 32.36
C MET D 443 -58.62 7.56 32.35
N GLU D 444 -59.35 6.74 31.58
CA GLU D 444 -60.80 6.74 31.62
C GLU D 444 -61.34 5.31 31.53
N GLN D 445 -60.54 4.34 31.96
CA GLN D 445 -60.97 2.94 31.94
C GLN D 445 -61.81 2.64 33.18
N ARG D 446 -62.99 2.09 32.96
CA ARG D 446 -63.95 1.86 34.04
C ARG D 446 -63.69 0.53 34.72
N ASP D 447 -64.26 0.38 35.91
CA ASP D 447 -64.15 -0.84 36.69
C ASP D 447 -65.43 -1.66 36.54
N TYR D 448 -65.67 -2.57 37.49
CA TYR D 448 -66.84 -3.44 37.41
C TYR D 448 -68.14 -2.65 37.44
N ASP D 449 -68.26 -1.72 38.39
CA ASP D 449 -69.48 -0.95 38.55
C ASP D 449 -69.58 0.24 37.60
N SER D 450 -68.69 0.31 36.59
CA SER D 450 -68.72 1.38 35.60
C SER D 450 -68.55 2.75 36.26
N ARG D 451 -67.42 2.90 36.95
CA ARG D 451 -67.06 4.16 37.60
C ARG D 451 -65.57 4.40 37.40
N THR D 452 -65.23 5.53 36.78
CA THR D 452 -63.84 5.89 36.55
C THR D 452 -63.21 6.37 37.86
N ALA D 453 -61.99 6.93 37.77
CA ALA D 453 -61.31 7.40 38.97
C ALA D 453 -62.00 8.62 39.57
N LEU D 454 -62.73 9.38 38.74
CA LEU D 454 -63.36 10.60 39.24
C LEU D 454 -64.59 10.31 40.09
N HIS D 455 -65.31 9.22 39.79
CA HIS D 455 -66.51 8.89 40.56
C HIS D 455 -66.14 8.41 41.96
N VAL D 456 -65.17 7.49 42.05
CA VAL D 456 -64.73 7.01 43.35
C VAL D 456 -63.99 8.11 44.10
N ALA D 457 -63.06 8.79 43.42
CA ALA D 457 -62.32 9.87 44.06
C ALA D 457 -63.25 10.96 44.58
N ALA D 458 -64.31 11.26 43.84
CA ALA D 458 -65.28 12.25 44.27
C ALA D 458 -66.23 11.70 45.34
N ALA D 459 -66.39 10.37 45.41
CA ALA D 459 -67.24 9.78 46.44
C ALA D 459 -66.54 9.74 47.79
N GLU D 460 -65.24 9.44 47.79
CA GLU D 460 -64.50 9.40 49.05
C GLU D 460 -64.51 10.76 49.74
N GLY D 461 -64.27 11.82 48.99
CA GLY D 461 -64.15 13.15 49.55
C GLY D 461 -62.70 13.60 49.58
N HIS D 462 -61.95 13.24 48.55
CA HIS D 462 -60.54 13.57 48.44
C HIS D 462 -60.35 14.66 47.38
N VAL D 463 -59.69 15.75 47.78
CA VAL D 463 -59.52 16.89 46.89
C VAL D 463 -58.31 16.70 45.98
N GLU D 464 -57.23 16.11 46.50
CA GLU D 464 -56.00 16.00 45.71
C GLU D 464 -56.16 15.06 44.53
N VAL D 465 -56.89 13.95 44.72
CA VAL D 465 -57.09 12.99 43.64
C VAL D 465 -57.83 13.66 42.49
N VAL D 466 -58.91 14.37 42.80
CA VAL D 466 -59.65 15.08 41.76
C VAL D 466 -58.78 16.17 41.13
N LYS D 467 -57.94 16.81 41.95
CA LYS D 467 -57.01 17.80 41.42
C LYS D 467 -56.05 17.17 40.42
N PHE D 468 -55.76 15.88 40.57
CA PHE D 468 -54.93 15.16 39.61
C PHE D 468 -55.72 14.62 38.44
N LEU D 469 -57.03 14.43 38.60
CA LEU D 469 -57.85 13.80 37.56
C LEU D 469 -58.48 14.81 36.60
N LEU D 470 -59.08 15.87 37.14
CA LEU D 470 -59.84 16.79 36.29
C LEU D 470 -58.94 17.78 35.56
N GLU D 471 -57.78 18.11 36.12
CA GLU D 471 -56.87 19.08 35.51
C GLU D 471 -55.61 18.44 34.94
N ALA D 472 -54.91 17.63 35.72
CA ALA D 472 -53.64 17.07 35.28
C ALA D 472 -53.81 15.94 34.27
N CYS D 473 -54.98 15.29 34.23
CA CYS D 473 -55.24 14.23 33.28
C CYS D 473 -56.35 14.54 32.28
N LYS D 474 -57.12 15.61 32.49
CA LYS D 474 -58.23 15.95 31.60
C LYS D 474 -59.25 14.81 31.54
N VAL D 475 -59.71 14.39 32.71
CA VAL D 475 -60.75 13.37 32.83
C VAL D 475 -62.10 14.06 32.74
N ASN D 476 -63.09 13.33 32.24
CA ASN D 476 -64.37 13.93 31.93
C ASN D 476 -65.01 14.52 33.19
N PRO D 477 -65.39 15.80 33.18
CA PRO D 477 -66.14 16.37 34.31
C PRO D 477 -67.65 16.22 34.23
N PHE D 478 -68.17 15.57 33.19
CA PHE D 478 -69.62 15.31 33.06
C PHE D 478 -69.91 13.83 32.82
N PRO D 479 -69.30 12.93 33.59
CA PRO D 479 -69.52 11.50 33.36
C PRO D 479 -70.73 10.95 34.12
N LYS D 480 -71.13 9.75 33.74
CA LYS D 480 -72.17 8.98 34.41
C LYS D 480 -71.60 7.66 34.89
N ASP D 481 -72.45 6.85 35.52
CA ASP D 481 -72.02 5.54 36.02
C ASP D 481 -73.22 4.58 35.93
N ARG D 482 -73.06 3.39 36.51
CA ARG D 482 -74.10 2.37 36.41
C ARG D 482 -75.30 2.71 37.27
N TRP D 483 -75.11 3.46 38.35
CA TRP D 483 -76.22 3.94 39.16
C TRP D 483 -76.75 5.29 38.70
N ASN D 484 -76.16 5.87 37.65
CA ASN D 484 -76.59 7.16 37.13
C ASN D 484 -76.43 8.26 38.17
N ASN D 485 -75.29 8.25 38.87
CA ASN D 485 -74.95 9.26 39.87
C ASN D 485 -73.63 9.89 39.43
N THR D 486 -73.73 11.11 38.89
CA THR D 486 -72.56 11.83 38.41
C THR D 486 -71.67 12.22 39.58
N PRO D 487 -70.44 12.69 39.32
CA PRO D 487 -69.58 13.13 40.43
C PRO D 487 -70.26 14.11 41.38
N MET D 488 -71.02 15.08 40.84
CA MET D 488 -71.75 16.00 41.71
C MET D 488 -72.87 15.29 42.44
N ASP D 489 -73.48 14.28 41.82
CA ASP D 489 -74.57 13.55 42.47
C ASP D 489 -74.07 12.67 43.60
N GLU D 490 -72.83 12.20 43.54
CA GLU D 490 -72.27 11.44 44.65
C GLU D 490 -71.69 12.36 45.71
N ALA D 491 -71.04 13.46 45.29
CA ALA D 491 -70.65 14.49 46.24
C ALA D 491 -71.85 14.98 47.04
N LEU D 492 -73.03 14.96 46.44
CA LEU D 492 -74.26 15.29 47.15
C LEU D 492 -74.83 14.09 47.90
N HIS D 493 -74.62 12.88 47.38
CA HIS D 493 -75.19 11.70 48.01
C HIS D 493 -74.50 11.37 49.33
N PHE D 494 -73.21 11.67 49.45
CA PHE D 494 -72.44 11.32 50.64
C PHE D 494 -72.04 12.51 51.50
N GLY D 495 -72.12 13.73 50.97
CA GLY D 495 -71.88 14.91 51.77
C GLY D 495 -70.44 15.35 51.80
N HIS D 496 -69.96 15.92 50.70
CA HIS D 496 -68.60 16.43 50.58
C HIS D 496 -68.67 17.81 49.95
N HIS D 497 -68.40 18.85 50.75
CA HIS D 497 -68.40 20.22 50.24
C HIS D 497 -67.07 20.61 49.61
N ASP D 498 -65.97 20.02 50.07
CA ASP D 498 -64.66 20.38 49.52
C ASP D 498 -64.48 19.85 48.10
N VAL D 499 -65.11 18.73 47.77
CA VAL D 499 -65.06 18.23 46.39
C VAL D 499 -66.10 18.94 45.54
N PHE D 500 -67.27 19.21 46.11
CA PHE D 500 -68.25 20.05 45.44
C PHE D 500 -67.67 21.41 45.10
N LYS D 501 -66.65 21.85 45.86
CA LYS D 501 -65.93 23.07 45.51
C LYS D 501 -65.19 22.91 44.19
N ILE D 502 -64.78 21.70 43.85
CA ILE D 502 -64.13 21.45 42.57
C ILE D 502 -65.18 21.29 41.47
N LEU D 503 -66.21 20.47 41.72
CA LEU D 503 -67.15 20.10 40.68
C LEU D 503 -67.99 21.27 40.19
N GLN D 504 -68.17 22.32 41.01
CA GLN D 504 -68.98 23.45 40.59
C GLN D 504 -68.24 24.33 39.59
N GLU D 505 -66.91 24.42 39.70
CA GLU D 505 -66.14 25.33 38.85
C GLU D 505 -65.86 24.74 37.48
N TYR D 506 -65.71 23.42 37.37
CA TYR D 506 -65.35 22.77 36.12
C TYR D 506 -66.54 22.57 35.18
N GLN D 507 -67.60 23.36 35.34
CA GLN D 507 -68.68 23.42 34.36
C GLN D 507 -68.52 24.57 33.39
N SER E 2 25.84 47.76 -3.54
CA SER E 2 24.69 48.66 -3.39
C SER E 2 23.41 47.85 -3.28
N LEU E 3 22.28 48.49 -3.59
CA LEU E 3 21.02 47.80 -3.77
C LEU E 3 20.94 47.40 -5.24
N GLU E 4 21.27 46.14 -5.53
CA GLU E 4 21.15 45.64 -6.89
C GLU E 4 19.69 45.53 -7.33
N ASP E 5 18.75 45.66 -6.40
CA ASP E 5 17.33 45.58 -6.74
C ASP E 5 16.96 46.61 -7.81
N LEU E 6 17.49 47.82 -7.69
CA LEU E 6 17.11 48.89 -8.62
C LEU E 6 17.30 48.45 -10.06
N LEU E 7 18.36 47.71 -10.34
CA LEU E 7 18.55 47.17 -11.68
C LEU E 7 17.39 46.26 -12.08
N PHE E 8 17.08 45.29 -11.21
CA PHE E 8 16.00 44.35 -11.54
C PHE E 8 14.70 45.08 -11.79
N TYR E 9 14.44 46.17 -11.05
CA TYR E 9 13.23 46.94 -11.28
C TYR E 9 13.34 47.85 -12.50
N THR E 10 14.56 48.18 -12.92
CA THR E 10 14.73 48.97 -14.13
C THR E 10 14.48 48.13 -15.37
N ILE E 11 14.74 46.83 -15.29
CA ILE E 11 14.41 45.91 -16.38
C ILE E 11 13.22 45.01 -16.02
N ALA E 12 12.47 45.36 -14.96
CA ALA E 12 11.30 44.58 -14.62
C ALA E 12 10.13 44.92 -15.54
N GLU E 13 9.95 46.21 -15.83
CA GLU E 13 8.95 46.67 -16.77
C GLU E 13 7.55 46.16 -16.42
N GLY E 14 7.34 45.78 -15.16
CA GLY E 14 6.05 45.32 -14.72
C GLY E 14 6.09 44.04 -13.90
N GLN E 15 6.35 42.92 -14.56
CA GLN E 15 6.24 41.62 -13.91
C GLN E 15 7.22 41.50 -12.75
N GLU E 16 7.08 40.39 -12.02
CA GLU E 16 7.92 40.10 -10.85
C GLU E 16 9.05 39.13 -11.18
N LYS E 17 8.99 38.43 -12.31
CA LYS E 17 10.07 37.56 -12.76
C LYS E 17 10.55 38.02 -14.13
N ILE E 18 11.86 38.12 -14.28
CA ILE E 18 12.48 38.69 -15.47
C ILE E 18 12.83 37.59 -16.45
N PRO E 19 12.59 37.77 -17.76
CA PRO E 19 13.17 36.87 -18.75
C PRO E 19 14.56 37.30 -19.15
N VAL E 20 15.46 36.33 -19.23
CA VAL E 20 16.83 36.64 -19.60
C VAL E 20 16.90 37.13 -21.03
N HIS E 21 16.00 36.63 -21.90
CA HIS E 21 15.83 37.17 -23.25
C HIS E 21 15.98 38.68 -23.25
N LYS E 22 15.23 39.35 -22.37
CA LYS E 22 15.20 40.80 -22.33
C LYS E 22 16.39 41.38 -21.59
N PHE E 23 16.99 40.63 -20.66
CA PHE E 23 18.16 41.13 -19.95
C PHE E 23 19.34 41.27 -20.90
N ILE E 24 19.64 40.23 -21.67
CA ILE E 24 20.74 40.32 -22.63
C ILE E 24 20.32 41.16 -23.82
N THR E 25 19.11 40.93 -24.35
CA THR E 25 18.62 41.71 -25.47
C THR E 25 18.71 43.21 -25.18
N ALA E 26 18.48 43.60 -23.93
CA ALA E 26 18.58 45.00 -23.53
C ALA E 26 19.99 45.40 -23.12
N LEU E 27 20.82 44.44 -22.71
CA LEU E 27 22.21 44.76 -22.41
C LEU E 27 23.01 45.06 -23.67
N LYS E 28 22.65 44.43 -24.79
CA LYS E 28 23.33 44.72 -26.05
C LYS E 28 23.01 46.12 -26.57
N SER E 29 21.89 46.70 -26.15
CA SER E 29 21.54 48.06 -26.56
C SER E 29 22.43 49.10 -25.91
N THR E 30 23.26 48.73 -24.94
CA THR E 30 24.25 49.62 -24.37
C THR E 30 25.58 49.54 -25.10
N GLY E 31 25.65 48.79 -26.19
CA GLY E 31 26.88 48.60 -26.96
C GLY E 31 27.68 47.40 -26.52
N LEU E 32 27.85 47.23 -25.21
CA LEU E 32 28.66 46.13 -24.69
C LEU E 32 28.22 44.81 -25.30
N ARG E 33 29.17 43.89 -25.42
CA ARG E 33 28.93 42.58 -26.01
C ARG E 33 29.00 41.51 -24.93
N THR E 34 28.28 40.40 -25.17
CA THR E 34 28.23 39.31 -24.21
C THR E 34 29.62 38.86 -23.79
N SER E 35 30.59 38.95 -24.70
CA SER E 35 31.93 38.44 -24.45
C SER E 35 32.77 39.36 -23.59
N ASP E 36 32.26 40.52 -23.19
CA ASP E 36 33.04 41.47 -22.43
C ASP E 36 33.71 40.77 -21.24
N PRO E 37 35.05 40.72 -21.18
CA PRO E 37 35.70 40.00 -20.07
C PRO E 37 35.26 40.45 -18.69
N ARG E 38 35.07 41.75 -18.48
CA ARG E 38 34.61 42.24 -17.19
C ARG E 38 33.32 41.56 -16.76
N LEU E 39 32.51 41.12 -17.73
CA LEU E 39 31.23 40.48 -17.44
C LEU E 39 31.34 38.95 -17.46
N LYS E 40 32.49 38.41 -17.09
CA LYS E 40 32.64 36.97 -17.02
C LYS E 40 31.76 36.41 -15.91
N GLU E 41 32.14 36.68 -14.65
CA GLU E 41 31.41 36.20 -13.48
C GLU E 41 29.91 36.20 -13.72
N CYS E 42 29.32 37.39 -13.85
CA CYS E 42 27.90 37.53 -14.14
C CYS E 42 27.44 36.45 -15.10
N MET E 43 27.92 36.50 -16.35
CA MET E 43 27.54 35.50 -17.33
C MET E 43 27.80 34.09 -16.82
N ASP E 44 29.04 33.81 -16.42
CA ASP E 44 29.39 32.48 -15.95
C ASP E 44 28.62 32.08 -14.70
N MET E 45 27.95 33.02 -14.03
CA MET E 45 27.04 32.67 -12.95
C MET E 45 25.62 32.48 -13.47
N LEU E 46 25.16 33.37 -14.36
CA LEU E 46 23.84 33.22 -14.97
C LEU E 46 23.64 31.79 -15.47
N ARG E 47 24.50 31.37 -16.41
CA ARG E 47 24.40 30.03 -16.97
C ARG E 47 24.21 28.98 -15.88
N LEU E 48 24.95 29.12 -14.77
CA LEU E 48 24.81 28.18 -13.67
C LEU E 48 23.41 28.21 -13.09
N THR E 49 22.99 29.38 -12.60
CA THR E 49 21.73 29.47 -11.88
C THR E 49 20.55 29.10 -12.79
N LEU E 50 20.58 29.56 -14.04
CA LEU E 50 19.50 29.26 -14.96
C LEU E 50 19.40 27.78 -15.31
N GLN E 51 20.39 26.97 -14.91
CA GLN E 51 20.24 25.53 -15.03
C GLN E 51 19.50 24.93 -13.85
N THR E 52 19.46 25.64 -12.72
CA THR E 52 18.81 25.18 -11.51
C THR E 52 17.44 25.84 -11.45
N THR E 53 16.50 25.33 -12.23
CA THR E 53 15.17 25.91 -12.29
C THR E 53 14.29 25.06 -13.19
N SER E 54 12.98 25.14 -12.94
CA SER E 54 12.01 24.40 -13.75
C SER E 54 12.28 24.61 -15.23
N ASP E 55 12.24 25.87 -15.68
CA ASP E 55 12.62 26.23 -17.04
C ASP E 55 13.74 27.27 -16.95
N GLY E 56 14.82 27.03 -17.68
CA GLY E 56 15.99 27.89 -17.60
C GLY E 56 15.91 29.12 -18.48
N VAL E 57 14.85 29.90 -18.31
CA VAL E 57 14.65 31.12 -19.11
C VAL E 57 14.38 32.32 -18.21
N MET E 58 13.60 32.11 -17.14
CA MET E 58 13.23 33.19 -16.24
C MET E 58 14.07 33.15 -14.97
N LEU E 59 14.26 34.33 -14.37
CA LEU E 59 14.85 34.46 -13.04
C LEU E 59 13.95 35.37 -12.21
N ASP E 60 14.22 35.40 -10.91
CA ASP E 60 13.51 36.29 -10.00
C ASP E 60 14.50 37.22 -9.32
N LYS E 61 14.03 38.42 -9.00
CA LYS E 61 14.80 39.45 -8.31
C LYS E 61 15.78 38.85 -7.31
N ASP E 62 15.30 37.91 -6.49
CA ASP E 62 16.13 37.33 -5.44
C ASP E 62 17.40 36.70 -6.01
N LEU E 63 17.33 36.11 -7.20
CA LEU E 63 18.47 35.43 -7.80
C LEU E 63 19.18 36.26 -8.87
N PHE E 64 18.43 36.96 -9.72
CA PHE E 64 19.01 37.98 -10.57
C PHE E 64 20.01 38.81 -9.79
N LYS E 65 19.59 39.28 -8.61
CA LYS E 65 20.51 39.96 -7.70
C LYS E 65 21.78 39.15 -7.49
N LYS E 66 21.65 37.84 -7.30
CA LYS E 66 22.80 37.02 -6.97
C LYS E 66 23.74 36.80 -8.14
N CYS E 67 23.26 36.98 -9.37
CA CYS E 67 24.14 36.81 -10.53
C CYS E 67 24.90 38.09 -10.88
N VAL E 68 24.25 39.25 -10.76
CA VAL E 68 24.87 40.51 -11.16
C VAL E 68 25.53 41.23 -9.99
N GLN E 69 25.70 40.55 -8.85
CA GLN E 69 26.24 41.21 -7.67
C GLN E 69 27.74 41.46 -7.77
N SER E 70 28.46 40.71 -8.60
CA SER E 70 29.89 40.89 -8.72
C SER E 70 30.23 42.00 -9.70
N ASN E 71 29.64 41.96 -10.90
CA ASN E 71 29.88 42.95 -11.94
C ASN E 71 28.80 44.02 -11.96
N ILE E 72 28.36 44.46 -10.77
CA ILE E 72 27.26 45.43 -10.71
C ILE E 72 27.71 46.85 -11.00
N VAL E 73 28.99 47.17 -10.81
CA VAL E 73 29.49 48.53 -10.97
C VAL E 73 29.24 48.98 -12.41
N LEU E 74 29.99 48.40 -13.34
CA LEU E 74 29.84 48.77 -14.75
C LEU E 74 28.39 48.67 -15.21
N LEU E 75 27.68 47.61 -14.78
CA LEU E 75 26.30 47.45 -15.18
C LEU E 75 25.46 48.66 -14.77
N THR E 76 25.68 49.15 -13.55
CA THR E 76 24.97 50.33 -13.08
C THR E 76 25.33 51.54 -13.93
N GLN E 77 26.63 51.73 -14.17
CA GLN E 77 27.04 52.86 -15.02
C GLN E 77 26.50 52.72 -16.44
N ALA E 78 26.10 51.52 -16.84
CA ALA E 78 25.76 51.24 -18.23
C ALA E 78 24.27 51.39 -18.49
N PHE E 79 23.43 50.76 -17.66
CA PHE E 79 21.99 50.91 -17.85
C PHE E 79 21.50 52.28 -17.45
N ARG E 80 22.25 52.99 -16.60
CA ARG E 80 21.96 54.38 -16.30
C ARG E 80 22.26 55.31 -17.47
N ARG E 81 22.80 54.79 -18.57
CA ARG E 81 23.16 55.61 -19.72
C ARG E 81 24.17 56.69 -19.32
N LYS E 82 25.28 56.24 -18.73
CA LYS E 82 26.39 57.12 -18.39
C LYS E 82 27.67 56.76 -19.15
N LEU E 83 27.65 55.69 -19.95
CA LEU E 83 28.78 55.41 -20.83
C LEU E 83 29.05 56.62 -21.71
N VAL E 84 30.32 56.76 -22.14
CA VAL E 84 30.74 57.97 -22.85
C VAL E 84 29.87 58.25 -24.07
N ILE E 85 29.31 57.22 -24.68
CA ILE E 85 28.33 57.39 -25.75
C ILE E 85 27.00 56.84 -25.27
N PRO E 86 26.14 57.66 -24.64
CA PRO E 86 24.87 57.13 -24.14
C PRO E 86 24.00 56.54 -25.24
N ASP E 87 23.59 57.37 -26.19
CA ASP E 87 22.77 56.90 -27.32
C ASP E 87 23.71 56.28 -28.35
N PHE E 88 23.90 54.96 -28.23
CA PHE E 88 24.85 54.25 -29.06
C PHE E 88 24.24 53.70 -30.34
N MET E 89 22.92 53.43 -30.34
CA MET E 89 22.30 52.77 -31.48
C MET E 89 22.19 53.72 -32.68
N SER E 90 21.64 54.92 -32.46
CA SER E 90 21.56 55.90 -33.54
C SER E 90 22.94 56.30 -34.02
N PHE E 91 23.88 56.45 -33.09
CA PHE E 91 25.26 56.80 -33.44
C PHE E 91 25.86 55.74 -34.36
N THR E 92 25.74 54.47 -33.97
CA THR E 92 26.27 53.40 -34.82
C THR E 92 25.51 53.31 -36.15
N SER E 93 24.24 53.72 -36.17
CA SER E 93 23.53 53.81 -37.44
C SER E 93 24.18 54.87 -38.34
N HIS E 94 24.52 56.02 -37.78
CA HIS E 94 25.31 56.99 -38.53
C HIS E 94 26.60 56.37 -39.03
N ILE E 95 27.30 55.61 -38.18
CA ILE E 95 28.55 54.97 -38.59
C ILE E 95 28.30 54.05 -39.79
N ASP E 96 27.17 53.34 -39.81
CA ASP E 96 26.86 52.48 -40.95
C ASP E 96 26.60 53.31 -42.20
N GLU E 97 25.91 54.45 -42.05
CA GLU E 97 25.69 55.33 -43.20
C GLU E 97 27.03 55.80 -43.78
N LEU E 98 27.93 56.29 -42.91
CA LEU E 98 29.25 56.67 -43.37
C LEU E 98 29.97 55.51 -44.03
N TYR E 99 29.86 54.31 -43.44
CA TYR E 99 30.46 53.12 -44.02
C TYR E 99 30.02 52.94 -45.47
N GLU E 100 28.71 52.96 -45.71
CA GLU E 100 28.22 52.79 -47.07
C GLU E 100 28.64 53.94 -47.97
N SER E 101 28.81 55.14 -47.42
CA SER E 101 29.28 56.26 -48.21
C SER E 101 30.71 56.03 -48.69
N ALA E 102 31.63 55.76 -47.77
CA ALA E 102 33.01 55.52 -48.14
C ALA E 102 33.16 54.30 -49.03
N LYS E 103 32.32 53.28 -48.83
CA LYS E 103 32.41 52.07 -49.64
C LYS E 103 32.37 52.39 -51.14
N LYS E 104 31.72 53.49 -51.51
CA LYS E 104 31.51 53.83 -52.92
C LYS E 104 32.76 54.35 -53.60
N GLN E 105 33.89 54.47 -52.90
CA GLN E 105 35.13 54.95 -53.51
C GLN E 105 35.85 53.76 -54.10
N SER E 106 35.60 53.50 -55.39
CA SER E 106 36.25 52.40 -56.08
C SER E 106 37.73 52.65 -56.33
N GLY E 107 38.22 53.84 -56.04
CA GLY E 107 39.61 54.17 -56.31
C GLY E 107 40.56 53.44 -55.38
N GLY E 108 41.84 53.49 -55.74
CA GLY E 108 42.89 52.88 -54.95
C GLY E 108 43.81 51.97 -55.74
N LYS E 109 45.00 51.74 -55.21
CA LYS E 109 45.99 50.86 -55.82
C LYS E 109 46.44 49.85 -54.79
N VAL E 110 46.21 48.57 -55.06
CA VAL E 110 46.57 47.51 -54.11
C VAL E 110 48.09 47.51 -53.93
N ALA E 111 48.53 47.55 -52.68
CA ALA E 111 49.94 47.37 -52.39
C ALA E 111 50.38 46.00 -52.89
N ASP E 112 51.28 46.00 -53.87
CA ASP E 112 51.73 44.76 -54.48
C ASP E 112 53.25 44.65 -54.59
N TYR E 113 54.00 45.50 -53.87
CA TYR E 113 55.45 45.37 -53.88
C TYR E 113 55.93 44.10 -53.17
N ILE E 114 55.03 43.35 -52.57
CA ILE E 114 55.29 41.97 -52.16
C ILE E 114 54.11 41.10 -52.55
N PRO E 115 54.35 39.80 -52.76
CA PRO E 115 53.28 38.94 -53.27
C PRO E 115 52.22 38.60 -52.23
N GLN E 116 52.41 39.02 -50.97
CA GLN E 116 51.40 38.75 -49.94
C GLN E 116 50.20 39.66 -50.10
N LEU E 117 50.44 40.96 -50.24
CA LEU E 117 49.37 41.94 -50.31
C LEU E 117 48.70 42.00 -51.68
N ALA E 118 49.15 41.17 -52.63
CA ALA E 118 48.45 41.06 -53.90
C ALA E 118 47.24 40.13 -53.83
N LYS E 119 47.07 39.40 -52.72
CA LYS E 119 45.94 38.50 -52.56
C LYS E 119 44.73 39.20 -51.97
N PHE E 120 44.94 40.16 -51.07
CA PHE E 120 43.82 40.89 -50.48
C PHE E 120 43.07 41.64 -51.57
N SER E 121 41.77 41.34 -51.69
CA SER E 121 40.97 41.90 -52.77
C SER E 121 40.77 43.41 -52.56
N PRO E 122 40.51 44.16 -53.63
CA PRO E 122 40.24 45.59 -53.46
C PRO E 122 38.99 45.87 -52.66
N ASP E 123 37.98 45.02 -52.75
CA ASP E 123 36.66 45.29 -52.16
C ASP E 123 36.58 44.73 -50.74
N LEU E 124 37.50 45.19 -49.90
CA LEU E 124 37.48 44.89 -48.47
C LEU E 124 37.32 46.19 -47.70
N TRP E 125 36.57 46.12 -46.60
CA TRP E 125 36.04 47.32 -45.96
C TRP E 125 35.63 46.93 -44.54
N GLY E 126 36.43 47.34 -43.56
CA GLY E 126 36.08 47.06 -42.19
C GLY E 126 36.27 48.22 -41.22
N VAL E 127 35.24 48.50 -40.42
CA VAL E 127 35.32 49.46 -39.32
C VAL E 127 35.06 48.72 -38.01
N SER E 128 35.95 48.90 -37.04
CA SER E 128 35.74 48.41 -35.69
C SER E 128 35.88 49.57 -34.72
N VAL E 129 34.88 49.72 -33.85
CA VAL E 129 34.80 50.81 -32.89
C VAL E 129 34.72 50.22 -31.50
N CYS E 130 35.47 50.81 -30.57
CA CYS E 130 35.45 50.39 -29.17
C CYS E 130 35.59 51.64 -28.31
N THR E 131 34.54 51.98 -27.58
CA THR E 131 34.55 53.15 -26.72
C THR E 131 35.47 52.93 -25.52
N VAL E 132 35.92 54.03 -24.92
CA VAL E 132 36.75 53.94 -23.72
C VAL E 132 36.03 53.21 -22.60
N ASP E 133 34.70 53.12 -22.66
CA ASP E 133 33.91 52.41 -21.66
C ASP E 133 33.59 50.98 -22.08
N GLY E 134 33.87 50.61 -23.32
CA GLY E 134 33.69 49.24 -23.78
C GLY E 134 32.64 49.06 -24.84
N GLN E 135 31.89 50.09 -25.20
CA GLN E 135 30.86 49.95 -26.21
C GLN E 135 31.50 49.65 -27.56
N ARG E 136 31.06 48.56 -28.18
CA ARG E 136 31.73 48.03 -29.36
C ARG E 136 30.76 47.91 -30.53
N HIS E 137 31.26 48.25 -31.72
CA HIS E 137 30.55 48.02 -32.97
C HIS E 137 31.56 47.52 -33.99
N SER E 138 31.06 46.82 -35.00
CA SER E 138 31.94 46.27 -36.04
C SER E 138 31.11 46.05 -37.29
N THR E 139 31.42 46.80 -38.34
CA THR E 139 30.68 46.70 -39.60
C THR E 139 31.66 46.44 -40.73
N GLY E 140 31.32 45.50 -41.59
CA GLY E 140 32.13 45.19 -42.75
C GLY E 140 33.01 43.98 -42.55
N ASP E 141 33.99 43.85 -43.43
CA ASP E 141 34.95 42.75 -43.38
C ASP E 141 35.97 42.98 -42.27
N THR E 142 35.47 43.05 -41.04
CA THR E 142 36.32 43.26 -39.87
C THR E 142 36.91 41.96 -39.34
N LYS E 143 36.26 40.83 -39.58
CA LYS E 143 36.77 39.53 -39.17
C LYS E 143 37.76 39.00 -40.20
N VAL E 144 38.74 39.82 -40.55
CA VAL E 144 39.76 39.42 -41.53
C VAL E 144 41.12 39.79 -40.97
N PRO E 145 42.08 38.87 -40.92
CA PRO E 145 43.41 39.21 -40.40
C PRO E 145 44.24 39.92 -41.47
N PHE E 146 44.89 41.01 -41.06
CA PHE E 146 45.82 41.72 -41.93
C PHE E 146 46.99 42.20 -41.09
N CYS E 147 48.08 42.57 -41.77
CA CYS E 147 49.34 42.84 -41.10
C CYS E 147 49.39 44.26 -40.57
N LEU E 148 50.08 44.43 -39.44
CA LEU E 148 50.25 45.74 -38.79
C LEU E 148 51.32 46.58 -39.45
N GLN E 149 51.45 46.50 -40.78
CA GLN E 149 52.42 47.29 -41.52
C GLN E 149 52.47 48.72 -41.01
N SER E 150 53.60 49.13 -40.43
CA SER E 150 53.78 50.51 -39.97
C SER E 150 52.87 50.85 -38.80
N CYS E 151 51.58 50.50 -38.88
CA CYS E 151 50.65 50.74 -37.79
C CYS E 151 51.19 50.30 -36.44
N VAL E 152 52.18 49.41 -36.42
CA VAL E 152 52.75 48.94 -35.16
C VAL E 152 53.60 50.02 -34.49
N LYS E 153 54.15 50.94 -35.28
CA LYS E 153 55.15 51.88 -34.76
C LYS E 153 54.67 52.65 -33.54
N PRO E 154 53.48 53.27 -33.53
CA PRO E 154 53.03 53.94 -32.30
C PRO E 154 53.00 53.02 -31.10
N LEU E 155 52.47 51.81 -31.26
CA LEU E 155 52.34 50.88 -30.14
C LEU E 155 53.70 50.58 -29.53
N LYS E 156 54.65 50.14 -30.36
CA LYS E 156 55.99 49.82 -29.88
C LYS E 156 56.69 51.04 -29.30
N TYR E 157 56.40 52.23 -29.83
CA TYR E 157 56.95 53.44 -29.24
C TYR E 157 56.42 53.63 -27.82
N ALA E 158 55.11 53.55 -27.65
CA ALA E 158 54.53 53.66 -26.31
C ALA E 158 55.13 52.61 -25.38
N ILE E 159 55.34 51.40 -25.89
CA ILE E 159 55.96 50.36 -25.08
C ILE E 159 57.34 50.81 -24.63
N ALA E 160 58.15 51.31 -25.56
CA ALA E 160 59.50 51.75 -25.22
C ALA E 160 59.47 52.83 -24.15
N VAL E 161 58.67 53.88 -24.37
CA VAL E 161 58.60 54.97 -23.40
C VAL E 161 58.14 54.45 -22.05
N ASN E 162 57.12 53.60 -22.04
CA ASN E 162 56.60 53.07 -20.78
C ASN E 162 57.68 52.31 -20.03
N ASP E 163 58.46 51.49 -20.73
CA ASP E 163 59.44 50.63 -20.06
C ASP E 163 60.75 51.34 -19.75
N LEU E 164 61.01 52.49 -20.37
CA LEU E 164 62.31 53.14 -20.27
C LEU E 164 62.20 54.59 -19.85
N GLY E 165 61.11 55.25 -20.21
CA GLY E 165 60.92 56.64 -19.88
C GLY E 165 61.17 57.55 -21.06
N THR E 166 60.44 58.67 -21.10
CA THR E 166 60.55 59.60 -22.22
C THR E 166 61.97 60.13 -22.36
N GLU E 167 62.53 60.66 -21.26
CA GLU E 167 63.84 61.30 -21.31
C GLU E 167 64.88 60.37 -21.94
N TYR E 168 64.97 59.14 -21.45
CA TYR E 168 65.94 58.19 -22.00
C TYR E 168 65.66 57.90 -23.46
N VAL E 169 64.39 57.58 -23.78
CA VAL E 169 64.04 57.15 -25.14
C VAL E 169 64.42 58.22 -26.14
N HIS E 170 64.15 59.48 -25.84
CA HIS E 170 64.37 60.56 -26.79
C HIS E 170 65.79 61.08 -26.79
N ARG E 171 66.72 60.33 -26.20
CA ARG E 171 68.13 60.53 -26.49
C ARG E 171 68.53 59.92 -27.83
N TYR E 172 67.62 59.18 -28.48
CA TYR E 172 67.93 58.45 -29.70
C TYR E 172 66.96 58.72 -30.84
N VAL E 173 65.80 59.33 -30.59
CA VAL E 173 64.87 59.68 -31.65
C VAL E 173 64.31 61.07 -31.37
N GLY E 174 63.83 61.71 -32.44
CA GLY E 174 63.30 63.05 -32.36
C GLY E 174 61.82 63.07 -32.00
N LYS E 175 61.28 64.28 -31.91
CA LYS E 175 59.90 64.48 -31.48
C LYS E 175 59.14 65.42 -32.40
N GLU E 176 59.61 65.62 -33.63
CA GLU E 176 59.03 66.60 -34.53
C GLU E 176 58.92 66.01 -35.92
N PRO E 177 58.08 66.59 -36.77
CA PRO E 177 58.04 66.16 -38.18
C PRO E 177 59.15 66.83 -38.98
N SER E 178 59.75 66.04 -39.88
CA SER E 178 60.85 66.54 -40.70
C SER E 178 60.40 67.72 -41.55
N GLY E 179 59.33 67.54 -42.32
CA GLY E 179 58.85 68.56 -43.23
C GLY E 179 58.40 67.97 -44.55
N LEU E 180 57.68 68.75 -45.36
CA LEU E 180 57.21 68.26 -46.65
C LEU E 180 58.41 67.74 -47.44
N ARG E 181 59.28 68.63 -47.89
CA ARG E 181 60.63 68.25 -48.28
C ARG E 181 61.52 68.30 -47.06
N PHE E 182 62.72 67.74 -47.20
CA PHE E 182 63.63 67.48 -46.09
C PHE E 182 63.25 66.17 -45.41
N ASN E 183 62.29 65.44 -45.97
CA ASN E 183 61.80 64.20 -45.36
C ASN E 183 62.59 62.97 -45.80
N LYS E 184 63.28 63.05 -46.94
CA LYS E 184 64.02 61.91 -47.46
C LYS E 184 65.33 61.69 -46.71
N LEU E 185 65.77 62.66 -45.91
CA LEU E 185 67.07 62.63 -45.25
C LEU E 185 66.84 62.13 -43.82
N PHE E 186 67.04 60.83 -43.62
CA PHE E 186 66.72 60.20 -42.35
C PHE E 186 67.82 60.49 -41.34
N LEU E 187 67.68 61.63 -40.66
CA LEU E 187 68.46 61.98 -39.47
C LEU E 187 68.35 63.48 -39.19
N ASN E 188 68.39 63.86 -37.93
CA ASN E 188 68.26 65.25 -37.52
C ASN E 188 69.62 65.92 -37.49
N GLU E 189 69.61 67.25 -37.28
CA GLU E 189 70.85 68.00 -37.22
C GLU E 189 71.80 67.42 -36.17
N ASP E 190 71.28 67.10 -34.99
CA ASP E 190 72.06 66.46 -33.95
C ASP E 190 72.14 64.94 -34.11
N ASP E 191 71.83 64.42 -35.30
CA ASP E 191 71.95 63.00 -35.63
C ASP E 191 71.00 62.17 -34.74
N LYS E 192 69.72 62.32 -35.05
CA LYS E 192 68.66 61.53 -34.45
C LYS E 192 67.52 61.47 -35.47
N PRO E 193 66.91 60.31 -35.70
CA PRO E 193 65.75 60.27 -36.61
C PRO E 193 64.70 61.27 -36.15
N HIS E 194 64.02 61.87 -37.14
CA HIS E 194 63.14 62.99 -36.84
C HIS E 194 62.06 62.61 -35.83
N ASN E 195 61.53 61.39 -35.92
CA ASN E 195 60.45 60.96 -35.06
C ASN E 195 60.28 59.45 -35.25
N PRO E 196 59.70 58.76 -34.25
CA PRO E 196 59.52 57.32 -34.34
C PRO E 196 58.33 56.86 -35.18
N MET E 197 57.65 57.75 -35.89
CA MET E 197 56.58 57.32 -36.79
C MET E 197 57.10 56.87 -38.14
N VAL E 198 58.35 57.15 -38.47
CA VAL E 198 58.92 56.79 -39.75
C VAL E 198 59.84 55.59 -39.58
N ASN E 199 60.33 55.05 -40.70
CA ASN E 199 61.05 53.80 -40.65
C ASN E 199 62.35 53.92 -39.87
N ALA E 200 63.10 55.00 -40.07
CA ALA E 200 64.34 55.19 -39.31
C ALA E 200 64.06 55.21 -37.81
N GLY E 201 63.20 56.13 -37.37
CA GLY E 201 62.89 56.23 -35.95
C GLY E 201 62.33 54.94 -35.40
N ALA E 202 61.44 54.28 -36.15
CA ALA E 202 60.89 53.01 -35.69
C ALA E 202 61.99 51.98 -35.49
N ILE E 203 62.98 51.96 -36.38
CA ILE E 203 64.10 51.04 -36.23
C ILE E 203 64.87 51.35 -34.96
N VAL E 204 65.22 52.63 -34.75
CA VAL E 204 65.93 52.99 -33.52
C VAL E 204 65.12 52.57 -32.30
N VAL E 205 63.80 52.73 -32.36
CA VAL E 205 62.93 52.28 -31.27
C VAL E 205 63.12 50.78 -31.05
N THR E 206 62.94 49.99 -32.10
CA THR E 206 63.04 48.53 -31.98
C THR E 206 64.34 48.10 -31.32
N SER E 207 65.41 48.90 -31.46
CA SER E 207 66.67 48.55 -30.83
C SER E 207 66.67 48.80 -29.33
N LEU E 208 65.57 49.31 -28.79
CA LEU E 208 65.49 49.65 -27.37
C LEU E 208 64.67 48.67 -26.55
N ILE E 209 63.66 48.04 -27.16
CA ILE E 209 62.74 47.18 -26.44
C ILE E 209 63.49 45.99 -25.83
N LYS E 210 63.61 45.99 -24.50
CA LYS E 210 64.29 44.92 -23.77
C LYS E 210 65.74 44.77 -24.27
N GLN E 211 66.49 45.86 -24.09
CA GLN E 211 67.91 45.87 -24.45
C GLN E 211 68.67 44.88 -23.58
N GLY E 212 68.51 43.59 -23.83
CA GLY E 212 69.11 42.58 -22.98
C GLY E 212 69.28 41.20 -23.59
N VAL E 213 68.19 40.62 -24.09
CA VAL E 213 68.19 39.21 -24.48
C VAL E 213 67.99 39.05 -25.98
N ASN E 214 67.59 37.85 -26.41
CA ASN E 214 67.55 37.48 -27.81
C ASN E 214 66.18 37.80 -28.43
N ASN E 215 66.12 37.64 -29.76
CA ASN E 215 64.98 38.10 -30.55
C ASN E 215 63.66 37.47 -30.12
N ALA E 216 63.48 36.17 -30.37
CA ALA E 216 62.19 35.54 -30.14
C ALA E 216 61.61 35.87 -28.77
N GLU E 217 62.48 36.02 -27.76
CA GLU E 217 61.99 36.32 -26.41
C GLU E 217 61.40 37.73 -26.34
N LYS E 218 62.15 38.73 -26.81
CA LYS E 218 61.62 40.08 -26.90
C LYS E 218 60.33 40.09 -27.71
N PHE E 219 60.29 39.32 -28.79
CA PHE E 219 59.05 39.18 -29.57
C PHE E 219 57.90 38.70 -28.68
N ASP E 220 58.18 37.70 -27.83
CA ASP E 220 57.16 37.26 -26.88
C ASP E 220 56.71 38.41 -26.00
N TYR E 221 57.65 39.22 -25.50
CA TYR E 221 57.30 40.39 -24.70
C TYR E 221 56.32 41.30 -25.44
N VAL E 222 56.69 41.67 -26.67
CA VAL E 222 55.79 42.51 -27.48
C VAL E 222 54.42 41.86 -27.57
N MET E 223 54.37 40.58 -27.91
CA MET E 223 53.10 39.90 -28.04
C MET E 223 52.29 39.98 -26.74
N GLN E 224 52.97 39.93 -25.60
CA GLN E 224 52.30 40.20 -24.33
C GLN E 224 51.60 41.54 -24.39
N PHE E 225 52.36 42.61 -24.64
CA PHE E 225 51.78 43.95 -24.60
C PHE E 225 50.64 44.11 -25.60
N LEU E 226 50.77 43.51 -26.79
CA LEU E 226 49.73 43.65 -27.80
C LEU E 226 48.47 42.90 -27.38
N ASN E 227 48.62 41.68 -26.84
CA ASN E 227 47.45 40.96 -26.35
C ASN E 227 46.77 41.71 -25.22
N LYS E 228 47.54 42.33 -24.33
CA LYS E 228 46.96 43.16 -23.28
C LYS E 228 46.14 44.30 -23.88
N MET E 229 46.76 45.09 -24.75
CA MET E 229 46.10 46.26 -25.31
C MET E 229 44.88 45.89 -26.15
N ALA E 230 44.78 44.63 -26.59
CA ALA E 230 43.68 44.17 -27.42
C ALA E 230 42.70 43.29 -26.65
N GLY E 231 42.79 43.26 -25.32
CA GLY E 231 41.93 42.41 -24.54
C GLY E 231 42.14 40.94 -24.82
N ASN E 232 43.36 40.53 -25.12
CA ASN E 232 43.71 39.14 -25.39
C ASN E 232 42.97 38.58 -26.61
N GLU E 233 42.47 39.45 -27.49
CA GLU E 233 41.86 38.98 -28.74
C GLU E 233 42.93 38.59 -29.74
N TYR E 234 42.59 38.55 -31.03
CA TYR E 234 43.52 38.05 -32.03
C TYR E 234 44.77 38.93 -32.11
N VAL E 235 45.92 38.31 -31.86
CA VAL E 235 47.22 38.93 -32.07
C VAL E 235 48.11 37.84 -32.67
N GLY E 236 48.44 37.99 -33.95
CA GLY E 236 49.10 36.91 -34.68
C GLY E 236 50.47 37.26 -35.21
N PHE E 237 50.94 36.44 -36.16
CA PHE E 237 52.28 36.57 -36.73
C PHE E 237 52.29 35.88 -38.07
N SER E 238 52.67 36.61 -39.12
CA SER E 238 52.71 36.08 -40.49
C SER E 238 54.17 35.94 -40.89
N ASN E 239 54.66 34.70 -40.93
CA ASN E 239 56.05 34.46 -41.31
C ASN E 239 56.26 34.75 -42.79
N ALA E 240 55.29 34.39 -43.63
CA ALA E 240 55.42 34.63 -45.07
C ALA E 240 55.68 36.11 -45.36
N THR E 241 54.86 37.00 -44.77
CA THR E 241 55.07 38.43 -44.96
C THR E 241 56.36 38.90 -44.30
N PHE E 242 56.80 38.23 -43.23
CA PHE E 242 58.07 38.59 -42.61
C PHE E 242 59.22 38.38 -43.58
N GLN E 243 59.31 37.18 -44.17
CA GLN E 243 60.37 36.93 -45.15
C GLN E 243 60.20 37.81 -46.38
N SER E 244 58.97 37.96 -46.87
CA SER E 244 58.73 38.79 -48.05
C SER E 244 59.15 40.24 -47.82
N GLU E 245 59.01 40.74 -46.59
CA GLU E 245 59.43 42.10 -46.29
C GLU E 245 60.94 42.19 -46.11
N ARG E 246 61.54 41.22 -45.43
CA ARG E 246 63.00 41.21 -45.28
C ARG E 246 63.72 41.03 -46.61
N GLU E 247 63.03 40.51 -47.64
CA GLU E 247 63.65 40.19 -48.92
C GLU E 247 63.07 41.01 -50.06
N SER E 248 62.62 42.24 -49.76
CA SER E 248 62.04 43.09 -50.80
C SER E 248 62.31 44.57 -50.51
N GLY E 249 61.74 45.09 -49.44
CA GLY E 249 61.96 46.48 -49.07
C GLY E 249 63.43 46.83 -49.08
N ASP E 250 64.17 46.31 -48.11
CA ASP E 250 65.63 46.35 -48.10
C ASP E 250 66.21 47.72 -47.80
N ARG E 251 65.67 48.78 -48.41
CA ARG E 251 66.08 50.15 -48.12
C ARG E 251 66.31 50.35 -46.62
N ASN E 252 65.43 49.74 -45.81
CA ASN E 252 65.60 49.77 -44.38
C ASN E 252 66.99 49.30 -43.97
N PHE E 253 67.57 48.34 -44.71
CA PHE E 253 68.95 47.97 -44.46
C PHE E 253 69.86 49.17 -44.55
N ALA E 254 69.79 49.91 -45.67
CA ALA E 254 70.62 51.10 -45.82
C ALA E 254 70.44 52.03 -44.64
N ILE E 255 69.18 52.36 -44.33
CA ILE E 255 68.91 53.23 -43.18
C ILE E 255 69.66 52.72 -41.95
N GLY E 256 69.51 51.43 -41.65
CA GLY E 256 70.20 50.82 -40.55
C GLY E 256 71.69 51.06 -40.59
N TYR E 257 72.35 50.55 -41.64
CA TYR E 257 73.80 50.70 -41.74
C TYR E 257 74.23 52.13 -41.46
N TYR E 258 73.58 53.11 -42.09
CA TYR E 258 73.93 54.49 -41.81
C TYR E 258 73.83 54.77 -40.31
N LEU E 259 72.74 54.33 -39.68
CA LEU E 259 72.62 54.47 -38.23
C LEU E 259 73.77 53.79 -37.51
N LYS E 260 74.35 52.74 -38.10
CA LYS E 260 75.44 52.03 -37.46
C LYS E 260 76.71 52.87 -37.48
N GLU E 261 77.11 53.35 -38.67
CA GLU E 261 78.32 54.18 -38.73
C GLU E 261 78.15 55.43 -37.88
N LYS E 262 76.99 56.09 -37.97
CA LYS E 262 76.79 57.32 -37.22
C LYS E 262 76.59 57.07 -35.73
N LYS E 263 76.50 55.81 -35.31
CA LYS E 263 76.42 55.43 -33.90
C LYS E 263 75.19 55.99 -33.21
N CYS E 264 74.13 56.30 -33.97
CA CYS E 264 72.86 56.70 -33.37
C CYS E 264 72.07 55.44 -33.01
N PHE E 265 72.57 54.73 -31.99
CA PHE E 265 72.05 53.41 -31.66
C PHE E 265 72.39 53.12 -30.21
N PRO E 266 71.58 52.30 -29.52
CA PRO E 266 71.96 51.87 -28.17
C PRO E 266 73.22 51.03 -28.20
N GLU E 267 73.86 50.94 -27.03
CA GLU E 267 75.18 50.34 -26.94
C GLU E 267 75.11 48.82 -27.09
N GLY E 268 76.15 48.25 -27.68
CA GLY E 268 76.26 46.81 -27.82
C GLY E 268 75.11 46.18 -28.57
N THR E 269 74.63 46.83 -29.62
CA THR E 269 73.50 46.36 -30.40
C THR E 269 73.96 45.83 -31.75
N ASP E 270 73.33 44.74 -32.20
CA ASP E 270 73.60 44.16 -33.51
C ASP E 270 72.59 44.65 -34.54
N MET E 271 73.07 44.99 -35.72
CA MET E 271 72.23 45.57 -36.76
C MET E 271 71.19 44.59 -37.27
N VAL E 272 71.64 43.55 -37.98
CA VAL E 272 70.72 42.70 -38.74
C VAL E 272 69.71 42.02 -37.82
N GLY E 273 70.13 41.65 -36.61
CA GLY E 273 69.19 41.08 -35.67
C GLY E 273 68.03 42.01 -35.38
N ILE E 274 68.36 43.25 -34.99
CA ILE E 274 67.33 44.24 -34.69
C ILE E 274 66.48 44.52 -35.93
N LEU E 275 67.08 44.47 -37.12
CA LEU E 275 66.28 44.63 -38.34
C LEU E 275 65.29 43.49 -38.49
N ASP E 276 65.72 42.26 -38.22
CA ASP E 276 64.80 41.13 -38.25
C ASP E 276 63.68 41.32 -37.24
N PHE E 277 63.99 41.86 -36.06
CA PHE E 277 62.95 42.18 -35.10
C PHE E 277 61.97 43.19 -35.68
N TYR E 278 62.49 44.22 -36.36
CA TYR E 278 61.64 45.25 -36.94
C TYR E 278 60.69 44.66 -37.97
N PHE E 279 61.20 43.79 -38.85
CA PHE E 279 60.33 43.16 -39.84
C PHE E 279 59.31 42.26 -39.17
N GLN E 280 59.77 41.45 -38.21
CA GLN E 280 58.86 40.64 -37.40
C GLN E 280 57.68 41.47 -36.92
N LEU E 281 57.95 42.63 -36.32
CA LEU E 281 56.88 43.50 -35.86
C LEU E 281 56.01 43.96 -37.02
N CYS E 282 56.64 44.42 -38.11
CA CYS E 282 55.87 44.94 -39.23
C CYS E 282 54.96 43.89 -39.86
N SER E 283 55.20 42.61 -39.59
CA SER E 283 54.42 41.54 -40.21
C SER E 283 53.28 41.02 -39.33
N ILE E 284 53.20 41.47 -38.07
CA ILE E 284 52.20 40.95 -37.15
C ILE E 284 50.80 41.09 -37.72
N GLU E 285 49.98 40.05 -37.52
CA GLU E 285 48.61 40.04 -37.99
C GLU E 285 47.66 40.52 -36.90
N VAL E 286 46.59 41.21 -37.32
CA VAL E 286 45.52 41.64 -36.43
C VAL E 286 44.23 41.73 -37.24
N THR E 287 43.11 41.85 -36.55
CA THR E 287 41.82 42.13 -37.17
C THR E 287 41.34 43.51 -36.73
N CYS E 288 40.39 44.05 -37.49
CA CYS E 288 39.89 45.39 -37.19
C CYS E 288 39.45 45.50 -35.74
N GLU E 289 38.86 44.44 -35.20
CA GLU E 289 38.37 44.44 -33.83
C GLU E 289 39.50 44.66 -32.84
N SER E 290 40.41 43.69 -32.76
CA SER E 290 41.53 43.78 -31.83
C SER E 290 42.27 45.11 -31.97
N ALA E 291 42.48 45.56 -33.21
CA ALA E 291 43.16 46.83 -33.42
C ALA E 291 42.36 47.98 -32.81
N SER E 292 41.06 48.01 -33.06
CA SER E 292 40.21 49.06 -32.49
C SER E 292 40.33 49.06 -30.97
N VAL E 293 40.35 47.89 -30.35
CA VAL E 293 40.59 47.82 -28.91
C VAL E 293 41.95 48.44 -28.57
N MET E 294 42.97 48.13 -29.36
CA MET E 294 44.30 48.65 -29.09
C MET E 294 44.31 50.18 -29.13
N ALA E 295 43.59 50.78 -30.09
CA ALA E 295 43.54 52.24 -30.18
C ALA E 295 42.74 52.83 -29.02
N ALA E 296 41.57 52.24 -28.74
CA ALA E 296 40.79 52.70 -27.61
C ALA E 296 41.60 52.67 -26.32
N THR E 297 42.51 51.71 -26.19
CA THR E 297 43.40 51.69 -25.03
C THR E 297 44.17 52.99 -24.91
N LEU E 298 44.62 53.52 -26.05
CA LEU E 298 45.26 54.84 -26.04
C LEU E 298 44.25 55.93 -25.74
N ALA E 299 43.01 55.77 -26.19
CA ALA E 299 41.96 56.74 -25.85
C ALA E 299 41.60 56.70 -24.37
N ASN E 300 42.06 55.68 -23.63
CA ASN E 300 41.68 55.48 -22.23
C ASN E 300 42.90 55.51 -21.32
N GLY E 301 43.91 56.30 -21.68
CA GLY E 301 45.06 56.48 -20.82
C GLY E 301 45.80 55.19 -20.49
N GLY E 302 45.88 54.27 -21.45
CA GLY E 302 46.60 53.04 -21.24
C GLY E 302 45.73 51.96 -20.63
N PHE E 303 44.78 52.35 -19.78
CA PHE E 303 43.87 51.38 -19.18
C PHE E 303 43.00 50.75 -20.26
N CYS E 304 43.14 49.44 -20.43
CA CYS E 304 42.37 48.74 -21.46
C CYS E 304 40.88 48.92 -21.18
N PRO E 305 40.09 49.43 -22.14
CA PRO E 305 38.70 49.77 -21.82
C PRO E 305 37.84 48.57 -21.43
N ILE E 306 38.15 47.38 -21.96
CA ILE E 306 37.32 46.20 -21.73
C ILE E 306 37.96 45.22 -20.76
N THR E 307 39.00 45.64 -20.04
CA THR E 307 39.57 44.82 -18.96
C THR E 307 40.07 45.63 -17.77
N GLY E 308 40.39 46.90 -17.91
CA GLY E 308 40.77 47.72 -16.78
C GLY E 308 42.14 47.40 -16.20
N GLU E 309 43.12 47.11 -17.06
CA GLU E 309 44.48 46.83 -16.62
C GLU E 309 45.36 48.04 -16.87
N ARG E 310 46.31 48.29 -15.96
CA ARG E 310 47.36 49.25 -16.23
C ARG E 310 48.32 48.67 -17.26
N VAL E 311 48.09 48.95 -18.54
CA VAL E 311 48.90 48.38 -19.61
C VAL E 311 50.04 49.31 -19.98
N LEU E 312 49.75 50.60 -20.18
CA LEU E 312 50.73 51.59 -20.59
C LEU E 312 50.62 52.81 -19.68
N SER E 313 51.77 53.29 -19.21
CA SER E 313 51.79 54.49 -18.40
C SER E 313 51.13 55.65 -19.16
N PRO E 314 50.44 56.55 -18.46
CA PRO E 314 49.85 57.71 -19.15
C PRO E 314 50.88 58.53 -19.89
N GLU E 315 52.10 58.62 -19.35
CA GLU E 315 53.20 59.28 -20.03
C GLU E 315 53.32 58.80 -21.48
N ALA E 316 53.61 57.52 -21.66
CA ALA E 316 53.87 56.97 -22.99
C ALA E 316 52.67 57.19 -23.92
N VAL E 317 51.45 56.98 -23.41
CA VAL E 317 50.27 57.20 -24.24
C VAL E 317 50.23 58.65 -24.72
N ARG E 318 50.44 59.58 -23.79
CA ARG E 318 50.45 61.01 -24.12
C ARG E 318 51.43 61.28 -25.25
N ASN E 319 52.69 60.89 -25.07
CA ASN E 319 53.68 61.13 -26.12
C ASN E 319 53.22 60.51 -27.44
N THR E 320 52.80 59.24 -27.41
CA THR E 320 52.38 58.56 -28.63
C THR E 320 51.32 59.35 -29.38
N LEU E 321 50.25 59.73 -28.70
CA LEU E 321 49.21 60.51 -29.35
C LEU E 321 49.78 61.80 -29.92
N SER E 322 50.59 62.50 -29.12
CA SER E 322 51.21 63.73 -29.58
C SER E 322 51.90 63.54 -30.93
N LEU E 323 52.64 62.44 -31.08
CA LEU E 323 53.36 62.20 -32.31
C LEU E 323 52.42 61.79 -33.44
N MET E 324 51.44 60.94 -33.13
CA MET E 324 50.50 60.49 -34.16
C MET E 324 49.74 61.67 -34.76
N HIS E 325 49.49 62.71 -33.97
CA HIS E 325 48.72 63.84 -34.49
C HIS E 325 49.41 64.48 -35.69
N SER E 326 50.74 64.61 -35.63
CA SER E 326 51.48 65.41 -36.58
C SER E 326 52.34 64.61 -37.55
N CYS E 327 52.69 63.35 -37.20
CA CYS E 327 53.67 62.60 -37.98
C CYS E 327 53.24 61.17 -38.27
N GLY E 328 51.94 60.88 -38.29
CA GLY E 328 51.49 59.50 -38.39
C GLY E 328 51.06 59.05 -39.77
N MET E 329 50.62 59.99 -40.60
CA MET E 329 49.98 59.67 -41.87
C MET E 329 50.88 60.07 -43.04
N TYR E 330 51.96 59.31 -43.21
CA TYR E 330 52.86 59.40 -44.37
C TYR E 330 52.83 60.75 -45.08
N ASP E 331 53.42 61.78 -44.47
CA ASP E 331 53.56 63.09 -45.09
C ASP E 331 52.21 63.79 -45.28
N PHE E 332 51.13 63.02 -45.46
CA PHE E 332 49.78 63.57 -45.33
C PHE E 332 49.47 64.03 -43.90
N SER E 333 50.39 63.80 -42.96
CA SER E 333 50.11 64.02 -41.54
C SER E 333 49.74 65.47 -41.26
N GLY E 334 50.37 66.42 -41.95
CA GLY E 334 50.07 67.82 -41.73
C GLY E 334 48.63 68.17 -42.05
N GLN E 335 48.23 67.92 -43.29
CA GLN E 335 46.86 68.19 -43.70
C GLN E 335 45.87 67.32 -42.92
N PHE E 336 46.36 66.26 -42.27
CA PHE E 336 45.50 65.47 -41.39
C PHE E 336 45.26 66.21 -40.08
N ALA E 337 46.33 66.62 -39.41
CA ALA E 337 46.21 67.43 -38.20
C ALA E 337 45.39 68.69 -38.46
N PHE E 338 45.37 69.17 -39.70
CA PHE E 338 44.60 70.38 -40.03
C PHE E 338 43.14 70.07 -40.33
N HIS E 339 42.88 69.08 -41.19
CA HIS E 339 41.51 68.77 -41.57
C HIS E 339 40.83 67.86 -40.55
N VAL E 340 41.40 66.68 -40.31
CA VAL E 340 40.79 65.70 -39.42
C VAL E 340 41.13 65.96 -37.96
N GLY E 341 42.36 66.39 -37.68
CA GLY E 341 42.79 66.66 -36.32
C GLY E 341 42.55 65.50 -35.38
N LEU E 342 43.12 64.34 -35.70
CA LEU E 342 42.95 63.16 -34.87
C LEU E 342 44.24 62.34 -34.90
N PRO E 343 44.75 61.90 -33.76
CA PRO E 343 45.88 60.96 -33.77
C PRO E 343 45.51 59.70 -34.55
N ALA E 344 46.34 59.37 -35.54
CA ALA E 344 46.10 58.20 -36.37
C ALA E 344 47.45 57.65 -36.82
N LYS E 345 47.40 56.47 -37.43
CA LYS E 345 48.59 55.86 -38.01
C LYS E 345 48.15 54.98 -39.17
N SER E 346 48.88 55.09 -40.28
CA SER E 346 48.55 54.37 -41.50
C SER E 346 49.53 53.23 -41.73
N GLY E 347 49.07 52.23 -42.48
CA GLY E 347 49.90 51.11 -42.85
C GLY E 347 49.74 50.80 -44.33
N VAL E 348 50.79 50.18 -44.89
CA VAL E 348 50.76 49.86 -46.31
C VAL E 348 49.78 48.74 -46.61
N ALA E 349 49.35 48.00 -45.58
CA ALA E 349 48.34 46.96 -45.76
C ALA E 349 46.94 47.54 -45.94
N GLY E 350 46.77 48.85 -45.78
CA GLY E 350 45.49 49.48 -45.89
C GLY E 350 44.80 49.81 -44.58
N GLY E 351 45.48 49.60 -43.46
CA GLY E 351 44.88 49.77 -42.14
C GLY E 351 45.15 51.16 -41.57
N ILE E 352 44.10 51.74 -41.00
CA ILE E 352 44.18 53.03 -40.33
C ILE E 352 43.81 52.80 -38.87
N LEU E 353 44.80 52.95 -37.99
CA LEU E 353 44.58 52.96 -36.54
C LEU E 353 44.18 54.37 -36.13
N LEU E 354 43.02 54.51 -35.50
CA LEU E 354 42.45 55.82 -35.22
C LEU E 354 42.09 55.94 -33.74
N VAL E 355 42.35 57.10 -33.17
CA VAL E 355 42.06 57.38 -31.77
C VAL E 355 41.22 58.65 -31.70
N VAL E 356 40.09 58.57 -31.01
CA VAL E 356 39.35 59.76 -30.60
C VAL E 356 39.61 59.91 -29.11
N PRO E 357 40.50 60.80 -28.69
CA PRO E 357 40.99 60.77 -27.31
C PRO E 357 39.86 60.90 -26.28
N ASN E 358 39.90 60.05 -25.26
CA ASN E 358 38.92 60.01 -24.19
C ASN E 358 37.51 59.72 -24.70
N VAL E 359 37.38 59.26 -25.95
CA VAL E 359 36.08 58.94 -26.52
C VAL E 359 36.09 57.49 -26.96
N MET E 360 36.83 57.18 -28.02
CA MET E 360 36.78 55.84 -28.59
C MET E 360 38.09 55.52 -29.30
N GLY E 361 38.20 54.27 -29.70
CA GLY E 361 39.26 53.82 -30.59
C GLY E 361 38.67 53.09 -31.76
N MET E 362 39.27 53.30 -32.94
CA MET E 362 38.72 52.79 -34.18
C MET E 362 39.82 52.16 -35.01
N MET E 363 39.40 51.26 -35.90
CA MET E 363 40.25 50.73 -36.96
C MET E 363 39.45 50.70 -38.25
N CYS E 364 39.97 51.34 -39.28
CA CYS E 364 39.40 51.27 -40.63
C CYS E 364 40.33 50.47 -41.51
N TRP E 365 39.76 49.75 -42.49
CA TRP E 365 40.57 48.85 -43.29
C TRP E 365 40.03 48.74 -44.71
N SER E 366 40.92 49.02 -45.68
CA SER E 366 40.77 48.77 -47.10
C SER E 366 42.17 48.65 -47.70
N PRO E 367 42.52 47.54 -48.34
CA PRO E 367 43.91 47.35 -48.80
C PRO E 367 44.34 48.44 -49.78
N PRO E 368 43.50 48.80 -50.75
CA PRO E 368 43.93 49.80 -51.75
C PRO E 368 44.36 51.12 -51.09
N LEU E 369 45.50 51.64 -51.54
CA LEU E 369 46.05 52.90 -51.06
C LEU E 369 46.01 53.95 -52.16
N ASP E 370 46.35 55.18 -51.77
CA ASP E 370 46.44 56.31 -52.68
C ASP E 370 47.89 56.66 -52.93
N LYS E 371 48.11 57.79 -53.60
CA LYS E 371 49.48 58.21 -53.94
C LYS E 371 50.31 58.48 -52.69
N MET E 372 49.69 59.08 -51.67
CA MET E 372 50.41 59.40 -50.44
C MET E 372 50.78 58.15 -49.64
N GLY E 373 50.19 57.00 -49.95
CA GLY E 373 50.46 55.78 -49.22
C GLY E 373 49.47 55.46 -48.11
N ASN E 374 48.31 56.10 -48.10
CA ASN E 374 47.29 55.88 -47.09
C ASN E 374 46.08 55.21 -47.73
N SER E 375 45.30 54.51 -46.90
CA SER E 375 44.09 53.87 -47.38
C SER E 375 43.11 54.90 -47.91
N VAL E 376 42.65 54.69 -49.14
CA VAL E 376 41.83 55.67 -49.86
C VAL E 376 40.52 55.89 -49.12
N LYS E 377 39.56 55.00 -49.34
CA LYS E 377 38.25 55.14 -48.72
C LYS E 377 38.34 55.16 -47.20
N GLY E 378 39.46 54.71 -46.64
CA GLY E 378 39.68 54.90 -45.21
C GLY E 378 39.87 56.36 -44.88
N ILE E 379 40.70 57.05 -45.65
CA ILE E 379 40.78 58.50 -45.55
C ILE E 379 39.40 59.12 -45.74
N HIS E 380 38.65 58.63 -46.73
CA HIS E 380 37.33 59.23 -46.99
C HIS E 380 36.41 59.07 -45.78
N PHE E 381 36.50 57.93 -45.09
CA PHE E 381 35.70 57.74 -43.88
C PHE E 381 36.18 58.67 -42.77
N CYS E 382 37.49 58.82 -42.61
CA CYS E 382 38.00 59.74 -41.60
C CYS E 382 37.57 61.17 -41.85
N HIS E 383 37.39 61.54 -43.12
CA HIS E 383 36.93 62.89 -43.44
C HIS E 383 35.43 63.03 -43.24
N ASP E 384 34.65 62.12 -43.83
CA ASP E 384 33.20 62.16 -43.68
C ASP E 384 32.78 62.06 -42.22
N LEU E 385 33.62 61.48 -41.36
CA LEU E 385 33.27 61.32 -39.96
C LEU E 385 33.33 62.66 -39.23
N VAL E 386 34.47 63.36 -39.31
CA VAL E 386 34.59 64.64 -38.61
C VAL E 386 33.80 65.76 -39.30
N SER E 387 33.39 65.56 -40.55
CA SER E 387 32.52 66.52 -41.21
C SER E 387 31.12 66.55 -40.59
N LEU E 388 30.80 65.58 -39.74
CA LEU E 388 29.50 65.48 -39.11
C LEU E 388 29.55 65.50 -37.59
N CYS E 389 30.66 65.06 -36.99
CA CYS E 389 30.80 64.98 -35.54
C CYS E 389 31.90 65.93 -35.08
N ASN E 390 31.75 66.44 -33.86
CA ASN E 390 32.73 67.36 -33.29
C ASN E 390 33.90 66.64 -32.62
N PHE E 391 34.39 65.56 -33.25
CA PHE E 391 35.54 64.85 -32.72
C PHE E 391 36.87 65.52 -33.07
N HIS E 392 36.86 66.50 -33.97
CA HIS E 392 38.09 67.20 -34.31
C HIS E 392 38.77 67.69 -33.04
N ASN E 393 40.09 67.47 -32.97
CA ASN E 393 40.82 67.73 -31.73
C ASN E 393 40.65 69.16 -31.26
N TYR E 394 40.41 70.10 -32.18
CA TYR E 394 40.27 71.50 -31.85
C TYR E 394 38.89 72.05 -32.22
N ASP E 395 37.88 71.19 -32.24
CA ASP E 395 36.51 71.65 -32.30
C ASP E 395 36.10 72.24 -30.95
N ASN E 396 35.02 73.01 -30.97
CA ASN E 396 34.49 73.61 -29.75
C ASN E 396 33.41 72.72 -29.16
N LEU E 397 33.59 72.34 -27.88
CA LEU E 397 32.66 71.43 -27.23
C LEU E 397 31.30 72.07 -26.97
N ARG E 398 31.22 73.40 -26.92
CA ARG E 398 29.98 74.07 -26.60
C ARG E 398 29.19 74.46 -27.83
N HIS E 399 29.80 75.19 -28.76
CA HIS E 399 29.13 75.68 -29.96
C HIS E 399 29.89 75.13 -31.17
N PHE E 400 29.34 74.09 -31.79
CA PHE E 400 29.98 73.42 -32.92
C PHE E 400 29.14 73.54 -34.19
N ALA E 401 28.24 74.51 -34.25
CA ALA E 401 27.45 74.81 -35.45
C ALA E 401 26.60 73.59 -35.78
N LYS E 402 26.76 72.96 -36.94
CA LYS E 402 25.87 71.90 -37.39
C LYS E 402 26.39 70.50 -37.10
N LYS E 403 27.46 70.38 -36.31
CA LYS E 403 27.97 69.07 -35.96
C LYS E 403 27.18 68.48 -34.80
N LEU E 404 27.37 67.19 -34.57
CA LEU E 404 26.71 66.46 -33.49
C LEU E 404 27.71 66.24 -32.36
N ASP E 405 27.36 65.34 -31.44
CA ASP E 405 28.25 65.03 -30.32
C ASP E 405 27.69 63.85 -29.53
N PRO E 406 28.01 62.62 -29.92
CA PRO E 406 27.54 61.46 -29.14
C PRO E 406 28.08 61.43 -27.71
N ARG E 407 27.80 62.49 -26.95
CA ARG E 407 28.04 62.49 -25.51
C ARG E 407 26.87 63.04 -24.72
N ARG E 408 25.86 63.61 -25.38
CA ARG E 408 24.63 64.02 -24.73
C ARG E 408 23.42 63.72 -25.60
OAA 04A F . -4.10 -19.21 14.43
OAB 04A F . -12.92 -18.89 0.78
CAC 04A F . -0.46 -21.58 16.68
CAD 04A F . -12.95 -13.37 0.61
CAE 04A F . -0.99 -22.64 15.96
CAF 04A F . -0.72 -20.27 16.28
CAG 04A F . -13.94 -14.01 -0.11
CAH 04A F . -11.74 -14.00 0.84
CAI 04A F . -1.77 -22.39 14.84
CAJ 04A F . -1.50 -20.03 15.16
CAK 04A F . -13.73 -15.29 -0.59
CAL 04A F . -11.52 -15.28 0.37
CAM 04A F . -6.70 -22.48 7.14
CAN 04A F . -9.19 -21.82 5.89
CAO 04A F . -6.96 -23.04 8.51
CAP 04A F . -8.80 -21.87 4.44
CAQ 04A F . -2.90 -20.84 13.22
CAR 04A F . -12.27 -17.32 -0.86
NAS 04A F . -4.92 -22.19 9.77
NAT 04A F . -10.77 -20.39 3.81
NAU 04A F . -4.50 -21.43 10.81
NAV 04A F . -11.24 -19.51 2.90
NAW 04A F . -5.30 -20.02 12.70
NAX 04A F . -10.69 -18.39 0.78
SAY 04A F . -7.84 -21.17 6.82
SAZ 04A F . -6.94 -21.33 10.84
SBA 04A F . -9.01 -20.20 2.11
CBB 04A F . -4.12 -19.98 13.49
CBC 04A F . -12.01 -18.26 0.28
CBD 04A F . -2.04 -21.10 14.44
CBE 04A F . -12.52 -15.92 -0.36
CBF 04A F . -6.24 -22.27 9.59
CBG 04A F . -9.55 -20.89 3.58
CBH 04A F . -5.46 -20.85 11.55
CBI 04A F . -10.42 -19.26 1.86
OAA 04A G . -13.68 -2.42 5.62
OAB 04A G . -1.48 -5.07 16.13
CAC 04A G . -14.66 -0.34 1.52
CAD 04A G . 0.56 -8.77 18.47
CAE 04A G . -14.79 0.65 2.48
CAF 04A G . -13.79 -1.40 1.74
CAG 04A G . 1.15 -7.53 18.30
CAH 04A G . -0.26 -9.28 17.48
CAI 04A G . -14.05 0.59 3.65
CAJ 04A G . -13.04 -1.45 2.92
CAK 04A G . 0.93 -6.81 17.13
CAL 04A G . -0.48 -8.57 16.32
CAM 04A G . -7.01 -0.11 10.05
CAN 04A G . -6.34 -0.95 12.75
CAO 04A G . -8.42 0.25 10.46
CAP 04A G . -4.94 -0.54 13.13
CAQ 04A G . -12.37 -0.52 5.15
CAR 04A G . -0.13 -6.55 14.86
NAS 04A G . -9.80 0.64 8.32
NAT 04A G . -3.98 -2.18 14.85
NAU 04A G . -10.77 0.10 7.54
NAV 04A G . -3.15 -3.22 15.04
NAW 04A G . -12.28 -1.89 7.33
NAX 04A G . -1.56 -4.73 13.86
SAY 04A G . -6.40 -1.44 11.06
SAZ 04A G . -10.43 -1.48 9.37
SBA 04A G . -3.01 -2.66 12.65
CBB 04A G . -12.82 -1.66 6.03
CBC 04A G . -1.10 -5.41 15.02
CBD 04A G . -13.18 -0.45 3.86
CBE 04A G . 0.12 -7.33 16.14
CBF 04A G . -9.45 -0.08 9.41
CBG 04A G . -4.08 -1.70 13.59
CBH 04A G . -11.28 -1.09 7.93
CBI 04A G . -2.49 -3.66 13.95
OAA 04A H . 67.58 63.65 -55.58
OAB 04A H . 73.66 64.57 -42.21
CAC 04A H . 63.17 63.70 -57.41
CAD 04A H . 70.70 69.51 -44.32
CAE 04A H . 63.31 62.35 -57.14
CAF 04A H . 63.93 64.64 -56.72
CAG 04A H . 70.65 69.65 -42.95
CAH 04A H . 71.32 68.40 -44.89
CAI 04A H . 64.21 61.93 -56.18
CAJ 04A H . 64.83 64.21 -55.76
CAK 04A H . 71.20 68.68 -42.14
CAL 04A H . 71.87 67.43 -44.06
CAM 04A H . 68.75 59.89 -48.25
CAN 04A H . 71.27 59.59 -46.85
CAO 04A H . 69.29 59.33 -49.54
CAP 04A H . 71.44 59.62 -45.35
CAQ 04A H . 65.96 62.38 -54.43
CAR 04A H . 72.41 66.52 -41.76
NAS 04A H . 67.61 59.90 -51.41
NAT 04A H . 72.97 61.55 -44.72
NAU 04A H . 67.41 60.68 -52.50
NAV 04A H . 73.02 62.80 -44.18
NAW 04A H . 68.50 62.44 -53.91
NAX 04A H . 71.61 64.58 -43.21
SAY 04A H . 70.02 60.74 -47.37
SAZ 04A H . 69.63 61.25 -51.66
SBA 04A H . 70.65 62.12 -44.15
CBB 04A H . 67.38 62.86 -54.68
CBC 04A H . 72.61 65.17 -42.39
CBD 04A H . 64.98 62.86 -55.48
CBE 04A H . 71.81 67.57 -42.69
CBF 04A H . 68.79 60.05 -50.77
CBG 04A H . 71.76 60.98 -44.80
CBH 04A H . 68.40 61.51 -52.83
CBI 04A H . 71.84 63.31 -43.80
#